data_7CY1
# 
_entry.id   7CY1 
# 
_audit_conform.dict_name       mmcif_pdbx.dic 
_audit_conform.dict_version    5.391 
_audit_conform.dict_location   http://mmcif.pdb.org/dictionaries/ascii/mmcif_pdbx.dic 
# 
loop_
_database_2.database_id 
_database_2.database_code 
_database_2.pdbx_database_accession 
_database_2.pdbx_DOI 
PDB   7CY1         pdb_00007cy1 10.2210/pdb7cy1/pdb 
WWPDB D_1300018432 ?            ?                   
# 
loop_
_pdbx_audit_revision_history.ordinal 
_pdbx_audit_revision_history.data_content_type 
_pdbx_audit_revision_history.major_revision 
_pdbx_audit_revision_history.minor_revision 
_pdbx_audit_revision_history.revision_date 
1 'Structure model' 1 0 2021-01-27 
2 'Structure model' 1 1 2021-02-10 
3 'Structure model' 1 2 2024-05-01 
# 
_pdbx_audit_revision_details.ordinal             1 
_pdbx_audit_revision_details.revision_ordinal    1 
_pdbx_audit_revision_details.data_content_type   'Structure model' 
_pdbx_audit_revision_details.provider            repository 
_pdbx_audit_revision_details.type                'Initial release' 
_pdbx_audit_revision_details.description         ? 
_pdbx_audit_revision_details.details             ? 
# 
loop_
_pdbx_audit_revision_group.ordinal 
_pdbx_audit_revision_group.revision_ordinal 
_pdbx_audit_revision_group.data_content_type 
_pdbx_audit_revision_group.group 
1 2 'Structure model' 'Database references' 
2 3 'Structure model' 'Data collection'     
3 3 'Structure model' 'Database references' 
# 
loop_
_pdbx_audit_revision_category.ordinal 
_pdbx_audit_revision_category.revision_ordinal 
_pdbx_audit_revision_category.data_content_type 
_pdbx_audit_revision_category.category 
1 2 'Structure model' citation        
2 2 'Structure model' citation_author 
3 3 'Structure model' chem_comp_atom  
4 3 'Structure model' chem_comp_bond  
5 3 'Structure model' database_2      
# 
loop_
_pdbx_audit_revision_item.ordinal 
_pdbx_audit_revision_item.revision_ordinal 
_pdbx_audit_revision_item.data_content_type 
_pdbx_audit_revision_item.item 
1 2 'Structure model' '_citation.page_first'                
2 2 'Structure model' '_citation.page_last'                 
3 2 'Structure model' '_citation.pdbx_database_id_DOI'      
4 2 'Structure model' '_citation.pdbx_database_id_PubMed'   
5 3 'Structure model' '_database_2.pdbx_DOI'                
6 3 'Structure model' '_database_2.pdbx_database_accession' 
# 
_pdbx_database_status.status_code                     REL 
_pdbx_database_status.status_code_sf                  REL 
_pdbx_database_status.status_code_mr                  ? 
_pdbx_database_status.entry_id                        7CY1 
_pdbx_database_status.recvd_initial_deposition_date   2020-09-03 
_pdbx_database_status.SG_entry                        N 
_pdbx_database_status.deposit_site                    PDBJ 
_pdbx_database_status.process_site                    PDBJ 
_pdbx_database_status.status_code_cs                  ? 
_pdbx_database_status.status_code_nmr_data            ? 
_pdbx_database_status.methods_development_category    ? 
_pdbx_database_status.pdb_format_compatible           Y 
# 
_pdbx_database_related.db_name        PDB 
_pdbx_database_related.details        '7CT3 contains the same structure solved with Se-SAD' 
_pdbx_database_related.db_id          7CT3 
_pdbx_database_related.content_type   unspecified 
# 
loop_
_audit_author.name 
_audit_author.pdbx_ordinal 
_audit_author.identifier_ORCID 
'Thakur, K.G.' 1 0000-0003-4500-2133 
'Kapoor, S.'   2 0000-0003-1347-550X 
'Kodesia, A.'  3 0000-0003-0478-9865 
# 
_citation.abstract                  ? 
_citation.abstract_id_CAS           ? 
_citation.book_id_ISBN              ? 
_citation.book_publisher            ? 
_citation.book_publisher_city       ? 
_citation.book_title                ? 
_citation.coordinate_linkage        ? 
_citation.country                   US 
_citation.database_id_Medline       ? 
_citation.details                   ? 
_citation.id                        primary 
_citation.journal_abbrev            J.Biol.Chem. 
_citation.journal_id_ASTM           JBCHA3 
_citation.journal_id_CSD            0071 
_citation.journal_id_ISSN           1083-351X 
_citation.journal_full              ? 
_citation.journal_issue             ? 
_citation.journal_volume            ? 
_citation.language                  ? 
_citation.page_first                100308 
_citation.page_last                 100308 
_citation.title                     
;Structural characterization of Myxococcus xanthus MglC, a component of the polarity control system, and its interactions with its paralog MglB.
;
_citation.year                      2021 
_citation.database_id_CSD           ? 
_citation.pdbx_database_id_DOI      10.1016/j.jbc.2021.100308 
_citation.pdbx_database_id_PubMed   33493516 
_citation.pdbx_database_id_patent   ? 
_citation.unpublished_flag          ? 
# 
loop_
_citation_author.citation_id 
_citation_author.name 
_citation_author.ordinal 
_citation_author.identifier_ORCID 
primary 'Kapoor, S.'   1 ? 
primary 'Kodesia, A.'  2 ? 
primary 'Kalidas, N.'  3 ? 
primary 'Thakur, K.G.' 4 ? 
# 
loop_
_entity.id 
_entity.type 
_entity.src_method 
_entity.pdbx_description 
_entity.formula_weight 
_entity.pdbx_number_of_molecules 
_entity.pdbx_ec 
_entity.pdbx_mutation 
_entity.pdbx_fragment 
_entity.details 
1 polymer     man 'Mutual gliding motility protein C' 13134.907 1  ? ? ? ? 
2 non-polymer syn 'SODIUM ION'                        22.990    1  ? ? ? ? 
3 water       nat water                               18.015    40 ? ? ? ? 
# 
_entity_poly.entity_id                      1 
_entity_poly.type                           'polypeptide(L)' 
_entity_poly.nstd_linkage                   no 
_entity_poly.nstd_monomer                   no 
_entity_poly.pdbx_seq_one_letter_code       
;MSFRTHLESVVNQVEGALACSVMGFDGISVDTFQKDESAELDLNGAWVEYANLLTQLRNAAETLKTGTVSEVSVNSEKVL
TVMRLVSPDYFLVLALHADGNFGKGRYVLRVTAPKVRAEL
;
_entity_poly.pdbx_seq_one_letter_code_can   
;MSFRTHLESVVNQVEGALACSVMGFDGISVDTFQKDESAELDLNGAWVEYANLLTQLRNAAETLKTGTVSEVSVNSEKVL
TVMRLVSPDYFLVLALHADGNFGKGRYVLRVTAPKVRAEL
;
_entity_poly.pdbx_strand_id                 A 
_entity_poly.pdbx_target_identifier         ? 
# 
loop_
_pdbx_entity_nonpoly.entity_id 
_pdbx_entity_nonpoly.name 
_pdbx_entity_nonpoly.comp_id 
2 'SODIUM ION' NA  
3 water        HOH 
# 
loop_
_entity_poly_seq.entity_id 
_entity_poly_seq.num 
_entity_poly_seq.mon_id 
_entity_poly_seq.hetero 
1 1   MET n 
1 2   SER n 
1 3   PHE n 
1 4   ARG n 
1 5   THR n 
1 6   HIS n 
1 7   LEU n 
1 8   GLU n 
1 9   SER n 
1 10  VAL n 
1 11  VAL n 
1 12  ASN n 
1 13  GLN n 
1 14  VAL n 
1 15  GLU n 
1 16  GLY n 
1 17  ALA n 
1 18  LEU n 
1 19  ALA n 
1 20  CYS n 
1 21  SER n 
1 22  VAL n 
1 23  MET n 
1 24  GLY n 
1 25  PHE n 
1 26  ASP n 
1 27  GLY n 
1 28  ILE n 
1 29  SER n 
1 30  VAL n 
1 31  ASP n 
1 32  THR n 
1 33  PHE n 
1 34  GLN n 
1 35  LYS n 
1 36  ASP n 
1 37  GLU n 
1 38  SER n 
1 39  ALA n 
1 40  GLU n 
1 41  LEU n 
1 42  ASP n 
1 43  LEU n 
1 44  ASN n 
1 45  GLY n 
1 46  ALA n 
1 47  TRP n 
1 48  VAL n 
1 49  GLU n 
1 50  TYR n 
1 51  ALA n 
1 52  ASN n 
1 53  LEU n 
1 54  LEU n 
1 55  THR n 
1 56  GLN n 
1 57  LEU n 
1 58  ARG n 
1 59  ASN n 
1 60  ALA n 
1 61  ALA n 
1 62  GLU n 
1 63  THR n 
1 64  LEU n 
1 65  LYS n 
1 66  THR n 
1 67  GLY n 
1 68  THR n 
1 69  VAL n 
1 70  SER n 
1 71  GLU n 
1 72  VAL n 
1 73  SER n 
1 74  VAL n 
1 75  ASN n 
1 76  SER n 
1 77  GLU n 
1 78  LYS n 
1 79  VAL n 
1 80  LEU n 
1 81  THR n 
1 82  VAL n 
1 83  MET n 
1 84  ARG n 
1 85  LEU n 
1 86  VAL n 
1 87  SER n 
1 88  PRO n 
1 89  ASP n 
1 90  TYR n 
1 91  PHE n 
1 92  LEU n 
1 93  VAL n 
1 94  LEU n 
1 95  ALA n 
1 96  LEU n 
1 97  HIS n 
1 98  ALA n 
1 99  ASP n 
1 100 GLY n 
1 101 ASN n 
1 102 PHE n 
1 103 GLY n 
1 104 LYS n 
1 105 GLY n 
1 106 ARG n 
1 107 TYR n 
1 108 VAL n 
1 109 LEU n 
1 110 ARG n 
1 111 VAL n 
1 112 THR n 
1 113 ALA n 
1 114 PRO n 
1 115 LYS n 
1 116 VAL n 
1 117 ARG n 
1 118 ALA n 
1 119 GLU n 
1 120 LEU n 
# 
_entity_src_gen.entity_id                          1 
_entity_src_gen.pdbx_src_id                        1 
_entity_src_gen.pdbx_alt_source_flag               sample 
_entity_src_gen.pdbx_seq_type                      'Biological sequence' 
_entity_src_gen.pdbx_beg_seq_num                   1 
_entity_src_gen.pdbx_end_seq_num                   120 
_entity_src_gen.gene_src_common_name               ? 
_entity_src_gen.gene_src_genus                     ? 
_entity_src_gen.pdbx_gene_src_gene                 MXAN_5770 
_entity_src_gen.gene_src_species                   ? 
_entity_src_gen.gene_src_strain                    'DK 1622' 
_entity_src_gen.gene_src_tissue                    ? 
_entity_src_gen.gene_src_tissue_fraction           ? 
_entity_src_gen.gene_src_details                   ? 
_entity_src_gen.pdbx_gene_src_fragment             ? 
_entity_src_gen.pdbx_gene_src_scientific_name      'Myxococcus xanthus DK 1622' 
_entity_src_gen.pdbx_gene_src_ncbi_taxonomy_id     246197 
_entity_src_gen.pdbx_gene_src_variant              ? 
_entity_src_gen.pdbx_gene_src_cell_line            ? 
_entity_src_gen.pdbx_gene_src_atcc                 ? 
_entity_src_gen.pdbx_gene_src_organ                ? 
_entity_src_gen.pdbx_gene_src_organelle            ? 
_entity_src_gen.pdbx_gene_src_cell                 ? 
_entity_src_gen.pdbx_gene_src_cellular_location    ? 
_entity_src_gen.host_org_common_name               ? 
_entity_src_gen.pdbx_host_org_scientific_name      'Escherichia coli' 
_entity_src_gen.pdbx_host_org_ncbi_taxonomy_id     562 
_entity_src_gen.host_org_genus                     ? 
_entity_src_gen.pdbx_host_org_gene                 ? 
_entity_src_gen.pdbx_host_org_organ                ? 
_entity_src_gen.host_org_species                   ? 
_entity_src_gen.pdbx_host_org_tissue               ? 
_entity_src_gen.pdbx_host_org_tissue_fraction      ? 
_entity_src_gen.pdbx_host_org_strain               ? 
_entity_src_gen.pdbx_host_org_variant              ? 
_entity_src_gen.pdbx_host_org_cell_line            ? 
_entity_src_gen.pdbx_host_org_atcc                 ? 
_entity_src_gen.pdbx_host_org_culture_collection   ? 
_entity_src_gen.pdbx_host_org_cell                 ? 
_entity_src_gen.pdbx_host_org_organelle            ? 
_entity_src_gen.pdbx_host_org_cellular_location    ? 
_entity_src_gen.pdbx_host_org_vector_type          ? 
_entity_src_gen.pdbx_host_org_vector               ? 
_entity_src_gen.host_org_details                   ? 
_entity_src_gen.expression_system_id               ? 
_entity_src_gen.plasmid_name                       ? 
_entity_src_gen.plasmid_details                    ? 
_entity_src_gen.pdbx_description                   ? 
# 
loop_
_chem_comp.id 
_chem_comp.type 
_chem_comp.mon_nstd_flag 
_chem_comp.name 
_chem_comp.pdbx_synonyms 
_chem_comp.formula 
_chem_comp.formula_weight 
ALA 'L-peptide linking' y ALANINE         ? 'C3 H7 N O2'     89.093  
ARG 'L-peptide linking' y ARGININE        ? 'C6 H15 N4 O2 1' 175.209 
ASN 'L-peptide linking' y ASPARAGINE      ? 'C4 H8 N2 O3'    132.118 
ASP 'L-peptide linking' y 'ASPARTIC ACID' ? 'C4 H7 N O4'     133.103 
CYS 'L-peptide linking' y CYSTEINE        ? 'C3 H7 N O2 S'   121.158 
GLN 'L-peptide linking' y GLUTAMINE       ? 'C5 H10 N2 O3'   146.144 
GLU 'L-peptide linking' y 'GLUTAMIC ACID' ? 'C5 H9 N O4'     147.129 
GLY 'peptide linking'   y GLYCINE         ? 'C2 H5 N O2'     75.067  
HIS 'L-peptide linking' y HISTIDINE       ? 'C6 H10 N3 O2 1' 156.162 
HOH non-polymer         . WATER           ? 'H2 O'           18.015  
ILE 'L-peptide linking' y ISOLEUCINE      ? 'C6 H13 N O2'    131.173 
LEU 'L-peptide linking' y LEUCINE         ? 'C6 H13 N O2'    131.173 
LYS 'L-peptide linking' y LYSINE          ? 'C6 H15 N2 O2 1' 147.195 
MET 'L-peptide linking' y METHIONINE      ? 'C5 H11 N O2 S'  149.211 
NA  non-polymer         . 'SODIUM ION'    ? 'Na 1'           22.990  
PHE 'L-peptide linking' y PHENYLALANINE   ? 'C9 H11 N O2'    165.189 
PRO 'L-peptide linking' y PROLINE         ? 'C5 H9 N O2'     115.130 
SER 'L-peptide linking' y SERINE          ? 'C3 H7 N O3'     105.093 
THR 'L-peptide linking' y THREONINE       ? 'C4 H9 N O3'     119.119 
TRP 'L-peptide linking' y TRYPTOPHAN      ? 'C11 H12 N2 O2'  204.225 
TYR 'L-peptide linking' y TYROSINE        ? 'C9 H11 N O3'    181.189 
VAL 'L-peptide linking' y VALINE          ? 'C5 H11 N O2'    117.146 
# 
loop_
_pdbx_poly_seq_scheme.asym_id 
_pdbx_poly_seq_scheme.entity_id 
_pdbx_poly_seq_scheme.seq_id 
_pdbx_poly_seq_scheme.mon_id 
_pdbx_poly_seq_scheme.ndb_seq_num 
_pdbx_poly_seq_scheme.pdb_seq_num 
_pdbx_poly_seq_scheme.auth_seq_num 
_pdbx_poly_seq_scheme.pdb_mon_id 
_pdbx_poly_seq_scheme.auth_mon_id 
_pdbx_poly_seq_scheme.pdb_strand_id 
_pdbx_poly_seq_scheme.pdb_ins_code 
_pdbx_poly_seq_scheme.hetero 
A 1 1   MET 1   1   1   MET MET A . n 
A 1 2   SER 2   2   2   SER SER A . n 
A 1 3   PHE 3   3   3   PHE PHE A . n 
A 1 4   ARG 4   4   4   ARG ARG A . n 
A 1 5   THR 5   5   5   THR THR A . n 
A 1 6   HIS 6   6   6   HIS HIS A . n 
A 1 7   LEU 7   7   7   LEU LEU A . n 
A 1 8   GLU 8   8   8   GLU GLU A . n 
A 1 9   SER 9   9   9   SER SER A . n 
A 1 10  VAL 10  10  10  VAL VAL A . n 
A 1 11  VAL 11  11  11  VAL VAL A . n 
A 1 12  ASN 12  12  12  ASN ASN A . n 
A 1 13  GLN 13  13  13  GLN GLN A . n 
A 1 14  VAL 14  14  14  VAL VAL A . n 
A 1 15  GLU 15  15  15  GLU GLU A . n 
A 1 16  GLY 16  16  16  GLY GLY A . n 
A 1 17  ALA 17  17  17  ALA ALA A . n 
A 1 18  LEU 18  18  18  LEU LEU A . n 
A 1 19  ALA 19  19  19  ALA ALA A . n 
A 1 20  CYS 20  20  20  CYS CYS A . n 
A 1 21  SER 21  21  21  SER SER A . n 
A 1 22  VAL 22  22  22  VAL VAL A . n 
A 1 23  MET 23  23  23  MET MET A . n 
A 1 24  GLY 24  24  24  GLY GLY A . n 
A 1 25  PHE 25  25  25  PHE PHE A . n 
A 1 26  ASP 26  26  26  ASP ASP A . n 
A 1 27  GLY 27  27  27  GLY GLY A . n 
A 1 28  ILE 28  28  28  ILE ILE A . n 
A 1 29  SER 29  29  29  SER SER A . n 
A 1 30  VAL 30  30  30  VAL VAL A . n 
A 1 31  ASP 31  31  31  ASP ASP A . n 
A 1 32  THR 32  32  32  THR THR A . n 
A 1 33  PHE 33  33  33  PHE PHE A . n 
A 1 34  GLN 34  34  34  GLN GLN A . n 
A 1 35  LYS 35  35  35  LYS LYS A . n 
A 1 36  ASP 36  36  36  ASP ASP A . n 
A 1 37  GLU 37  37  37  GLU GLU A . n 
A 1 38  SER 38  38  38  SER SER A . n 
A 1 39  ALA 39  39  39  ALA ALA A . n 
A 1 40  GLU 40  40  40  GLU GLU A . n 
A 1 41  LEU 41  41  41  LEU LEU A . n 
A 1 42  ASP 42  42  42  ASP ASP A . n 
A 1 43  LEU 43  43  43  LEU LEU A . n 
A 1 44  ASN 44  44  44  ASN ASN A . n 
A 1 45  GLY 45  45  45  GLY GLY A . n 
A 1 46  ALA 46  46  46  ALA ALA A . n 
A 1 47  TRP 47  47  47  TRP TRP A . n 
A 1 48  VAL 48  48  48  VAL VAL A . n 
A 1 49  GLU 49  49  49  GLU GLU A . n 
A 1 50  TYR 50  50  50  TYR TYR A . n 
A 1 51  ALA 51  51  51  ALA ALA A . n 
A 1 52  ASN 52  52  52  ASN ASN A . n 
A 1 53  LEU 53  53  53  LEU LEU A . n 
A 1 54  LEU 54  54  54  LEU LEU A . n 
A 1 55  THR 55  55  55  THR THR A . n 
A 1 56  GLN 56  56  56  GLN GLN A . n 
A 1 57  LEU 57  57  57  LEU LEU A . n 
A 1 58  ARG 58  58  58  ARG ARG A . n 
A 1 59  ASN 59  59  59  ASN ASN A . n 
A 1 60  ALA 60  60  60  ALA ALA A . n 
A 1 61  ALA 61  61  61  ALA ALA A . n 
A 1 62  GLU 62  62  62  GLU GLU A . n 
A 1 63  THR 63  63  63  THR THR A . n 
A 1 64  LEU 64  64  64  LEU LEU A . n 
A 1 65  LYS 65  65  65  LYS LYS A . n 
A 1 66  THR 66  66  66  THR THR A . n 
A 1 67  GLY 67  67  67  GLY GLY A . n 
A 1 68  THR 68  68  68  THR THR A . n 
A 1 69  VAL 69  69  69  VAL VAL A . n 
A 1 70  SER 70  70  70  SER SER A . n 
A 1 71  GLU 71  71  71  GLU GLU A . n 
A 1 72  VAL 72  72  72  VAL VAL A . n 
A 1 73  SER 73  73  73  SER SER A . n 
A 1 74  VAL 74  74  74  VAL VAL A . n 
A 1 75  ASN 75  75  75  ASN ASN A . n 
A 1 76  SER 76  76  76  SER SER A . n 
A 1 77  GLU 77  77  77  GLU GLU A . n 
A 1 78  LYS 78  78  78  LYS LYS A . n 
A 1 79  VAL 79  79  79  VAL VAL A . n 
A 1 80  LEU 80  80  80  LEU LEU A . n 
A 1 81  THR 81  81  81  THR THR A . n 
A 1 82  VAL 82  82  82  VAL VAL A . n 
A 1 83  MET 83  83  83  MET MET A . n 
A 1 84  ARG 84  84  84  ARG ARG A . n 
A 1 85  LEU 85  85  85  LEU LEU A . n 
A 1 86  VAL 86  86  86  VAL VAL A . n 
A 1 87  SER 87  87  87  SER SER A . n 
A 1 88  PRO 88  88  88  PRO PRO A . n 
A 1 89  ASP 89  89  89  ASP ASP A . n 
A 1 90  TYR 90  90  90  TYR TYR A . n 
A 1 91  PHE 91  91  91  PHE PHE A . n 
A 1 92  LEU 92  92  92  LEU LEU A . n 
A 1 93  VAL 93  93  93  VAL VAL A . n 
A 1 94  LEU 94  94  94  LEU LEU A . n 
A 1 95  ALA 95  95  95  ALA ALA A . n 
A 1 96  LEU 96  96  96  LEU LEU A . n 
A 1 97  HIS 97  97  97  HIS HIS A . n 
A 1 98  ALA 98  98  98  ALA ALA A . n 
A 1 99  ASP 99  99  99  ASP ASP A . n 
A 1 100 GLY 100 100 100 GLY GLY A . n 
A 1 101 ASN 101 101 101 ASN ASN A . n 
A 1 102 PHE 102 102 102 PHE PHE A . n 
A 1 103 GLY 103 103 103 GLY GLY A . n 
A 1 104 LYS 104 104 104 LYS LYS A . n 
A 1 105 GLY 105 105 105 GLY GLY A . n 
A 1 106 ARG 106 106 106 ARG ARG A . n 
A 1 107 TYR 107 107 107 TYR TYR A . n 
A 1 108 VAL 108 108 108 VAL VAL A . n 
A 1 109 LEU 109 109 109 LEU LEU A . n 
A 1 110 ARG 110 110 110 ARG ARG A . n 
A 1 111 VAL 111 111 111 VAL VAL A . n 
A 1 112 THR 112 112 112 THR THR A . n 
A 1 113 ALA 113 113 113 ALA ALA A . n 
A 1 114 PRO 114 114 114 PRO PRO A . n 
A 1 115 LYS 115 115 115 LYS LYS A . n 
A 1 116 VAL 116 116 116 VAL VAL A . n 
A 1 117 ARG 117 117 117 ARG ARG A . n 
A 1 118 ALA 118 118 118 ALA ALA A . n 
A 1 119 GLU 119 119 119 GLU GLU A . n 
A 1 120 LEU 120 120 120 LEU LEU A . n 
# 
loop_
_pdbx_nonpoly_scheme.asym_id 
_pdbx_nonpoly_scheme.entity_id 
_pdbx_nonpoly_scheme.mon_id 
_pdbx_nonpoly_scheme.ndb_seq_num 
_pdbx_nonpoly_scheme.pdb_seq_num 
_pdbx_nonpoly_scheme.auth_seq_num 
_pdbx_nonpoly_scheme.pdb_mon_id 
_pdbx_nonpoly_scheme.auth_mon_id 
_pdbx_nonpoly_scheme.pdb_strand_id 
_pdbx_nonpoly_scheme.pdb_ins_code 
B 2 NA  1  201 1  NA  NA  A . 
C 3 HOH 1  301 27 HOH HOH A . 
C 3 HOH 2  302 2  HOH HOH A . 
C 3 HOH 3  303 34 HOH HOH A . 
C 3 HOH 4  304 38 HOH HOH A . 
C 3 HOH 5  305 8  HOH HOH A . 
C 3 HOH 6  306 31 HOH HOH A . 
C 3 HOH 7  307 14 HOH HOH A . 
C 3 HOH 8  308 12 HOH HOH A . 
C 3 HOH 9  309 4  HOH HOH A . 
C 3 HOH 10 310 21 HOH HOH A . 
C 3 HOH 11 311 33 HOH HOH A . 
C 3 HOH 12 312 11 HOH HOH A . 
C 3 HOH 13 313 7  HOH HOH A . 
C 3 HOH 14 314 30 HOH HOH A . 
C 3 HOH 15 315 29 HOH HOH A . 
C 3 HOH 16 316 5  HOH HOH A . 
C 3 HOH 17 317 3  HOH HOH A . 
C 3 HOH 18 318 35 HOH HOH A . 
C 3 HOH 19 319 32 HOH HOH A . 
C 3 HOH 20 320 15 HOH HOH A . 
C 3 HOH 21 321 36 HOH HOH A . 
C 3 HOH 22 322 19 HOH HOH A . 
C 3 HOH 23 323 20 HOH HOH A . 
C 3 HOH 24 324 16 HOH HOH A . 
C 3 HOH 25 325 6  HOH HOH A . 
C 3 HOH 26 326 25 HOH HOH A . 
C 3 HOH 27 327 9  HOH HOH A . 
C 3 HOH 28 328 1  HOH HOH A . 
C 3 HOH 29 329 17 HOH HOH A . 
C 3 HOH 30 330 10 HOH HOH A . 
C 3 HOH 31 331 18 HOH HOH A . 
C 3 HOH 32 332 37 HOH HOH A . 
C 3 HOH 33 333 40 HOH HOH A . 
C 3 HOH 34 334 22 HOH HOH A . 
C 3 HOH 35 335 28 HOH HOH A . 
C 3 HOH 36 336 26 HOH HOH A . 
C 3 HOH 37 337 13 HOH HOH A . 
C 3 HOH 38 338 24 HOH HOH A . 
C 3 HOH 39 339 39 HOH HOH A . 
C 3 HOH 40 340 23 HOH HOH A . 
# 
loop_
_software.citation_id 
_software.classification 
_software.compiler_name 
_software.compiler_version 
_software.contact_author 
_software.contact_author_email 
_software.date 
_software.description 
_software.dependencies 
_software.hardware 
_software.language 
_software.location 
_software.mods 
_software.name 
_software.os 
_software.os_version 
_software.type 
_software.version 
_software.pdbx_ordinal 
? refinement        ? ? ? ? ? ? ? ? ? ? ? REFMAC      ? ? ? 5.8.0238 1 
? 'data scaling'    ? ? ? ? ? ? ? ? ? ? ? Aimless     ? ? ? 0.7.3    2 
? 'data extraction' ? ? ? ? ? ? ? ? ? ? ? PDB_EXTRACT ? ? ? 3.25     3 
? 'data reduction'  ? ? ? ? ? ? ? ? ? ? ? iMOSFLM     ? ? ? 7.2.2    4 
? phasing           ? ? ? ? ? ? ? ? ? ? ? PHASER      ? ? ? 2.8.2    5 
# 
_cell.angle_alpha                  90.000 
_cell.angle_alpha_esd              ? 
_cell.angle_beta                   90.000 
_cell.angle_beta_esd               ? 
_cell.angle_gamma                  120.000 
_cell.angle_gamma_esd              ? 
_cell.entry_id                     7CY1 
_cell.details                      ? 
_cell.formula_units_Z              ? 
_cell.length_a                     96.910 
_cell.length_a_esd                 ? 
_cell.length_b                     96.910 
_cell.length_b_esd                 ? 
_cell.length_c                     58.050 
_cell.length_c_esd                 ? 
_cell.volume                       ? 
_cell.volume_esd                   ? 
_cell.Z_PDB                        12 
_cell.reciprocal_angle_alpha       ? 
_cell.reciprocal_angle_beta        ? 
_cell.reciprocal_angle_gamma       ? 
_cell.reciprocal_angle_alpha_esd   ? 
_cell.reciprocal_angle_beta_esd    ? 
_cell.reciprocal_angle_gamma_esd   ? 
_cell.reciprocal_length_a          ? 
_cell.reciprocal_length_b          ? 
_cell.reciprocal_length_c          ? 
_cell.reciprocal_length_a_esd      ? 
_cell.reciprocal_length_b_esd      ? 
_cell.reciprocal_length_c_esd      ? 
_cell.pdbx_unique_axis             ? 
_cell.pdbx_esd_method              ? 
# 
_symmetry.entry_id                         7CY1 
_symmetry.cell_setting                     ? 
_symmetry.Int_Tables_number                179 
_symmetry.space_group_name_Hall            ? 
_symmetry.space_group_name_H-M             'P 65 2 2' 
_symmetry.pdbx_full_space_group_name_H-M   ? 
# 
_exptl.absorpt_coefficient_mu     ? 
_exptl.absorpt_correction_T_max   ? 
_exptl.absorpt_correction_T_min   ? 
_exptl.absorpt_correction_type    ? 
_exptl.absorpt_process_details    ? 
_exptl.entry_id                   7CY1 
_exptl.crystals_number            1 
_exptl.details                    ? 
_exptl.method                     'X-RAY DIFFRACTION' 
_exptl.method_details             ? 
# 
_exptl_crystal.colour                       ? 
_exptl_crystal.density_diffrn               ? 
_exptl_crystal.density_Matthews             2.91 
_exptl_crystal.density_method               ? 
_exptl_crystal.density_percent_sol          57.82 
_exptl_crystal.description                  ? 
_exptl_crystal.F_000                        ? 
_exptl_crystal.id                           1 
_exptl_crystal.preparation                  ? 
_exptl_crystal.size_max                     ? 
_exptl_crystal.size_mid                     ? 
_exptl_crystal.size_min                     ? 
_exptl_crystal.size_rad                     ? 
_exptl_crystal.colour_lustre                ? 
_exptl_crystal.colour_modifier              ? 
_exptl_crystal.colour_primary               ? 
_exptl_crystal.density_meas                 ? 
_exptl_crystal.density_meas_esd             ? 
_exptl_crystal.density_meas_gt              ? 
_exptl_crystal.density_meas_lt              ? 
_exptl_crystal.density_meas_temp            ? 
_exptl_crystal.density_meas_temp_esd        ? 
_exptl_crystal.density_meas_temp_gt         ? 
_exptl_crystal.density_meas_temp_lt         ? 
_exptl_crystal.pdbx_crystal_image_url       ? 
_exptl_crystal.pdbx_crystal_image_format    ? 
_exptl_crystal.pdbx_mosaicity               ? 
_exptl_crystal.pdbx_mosaicity_esd           ? 
_exptl_crystal.pdbx_mosaic_method           ? 
_exptl_crystal.pdbx_mosaic_block_size       ? 
_exptl_crystal.pdbx_mosaic_block_size_esd   ? 
# 
_exptl_crystal_grow.apparatus       ? 
_exptl_crystal_grow.atmosphere      ? 
_exptl_crystal_grow.crystal_id      1 
_exptl_crystal_grow.details         ? 
_exptl_crystal_grow.method          'VAPOR DIFFUSION, SITTING DROP' 
_exptl_crystal_grow.method_ref      ? 
_exptl_crystal_grow.pH              7.0 
_exptl_crystal_grow.pressure        ? 
_exptl_crystal_grow.pressure_esd    ? 
_exptl_crystal_grow.seeding         ? 
_exptl_crystal_grow.seeding_ref     ? 
_exptl_crystal_grow.temp_details    ? 
_exptl_crystal_grow.temp_esd        ? 
_exptl_crystal_grow.time            ? 
_exptl_crystal_grow.pdbx_details    '2.8 M Sodium Acetate Trihydrate pH 7.0' 
_exptl_crystal_grow.pdbx_pH_range   ? 
_exptl_crystal_grow.temp            291.15 
# 
_diffrn.ambient_environment              ? 
_diffrn.ambient_temp                     100 
_diffrn.ambient_temp_details             ? 
_diffrn.ambient_temp_esd                 ? 
_diffrn.crystal_id                       1 
_diffrn.crystal_support                  ? 
_diffrn.crystal_treatment                ? 
_diffrn.details                          ? 
_diffrn.id                               1 
_diffrn.ambient_pressure                 ? 
_diffrn.ambient_pressure_esd             ? 
_diffrn.ambient_pressure_gt              ? 
_diffrn.ambient_pressure_lt              ? 
_diffrn.ambient_temp_gt                  ? 
_diffrn.ambient_temp_lt                  ? 
_diffrn.pdbx_serial_crystal_experiment   N 
# 
_diffrn_detector.details                      'LN2 closed loop cooling' 
_diffrn_detector.detector                     PIXEL 
_diffrn_detector.diffrn_id                    1 
_diffrn_detector.type                         'DECTRIS PILATUS 6M' 
_diffrn_detector.area_resol_mean              ? 
_diffrn_detector.dtime                        ? 
_diffrn_detector.pdbx_frames_total            ? 
_diffrn_detector.pdbx_collection_time_total   ? 
_diffrn_detector.pdbx_collection_date         2020-02-26 
_diffrn_detector.pdbx_frequency               ? 
_diffrn_detector.id                           ? 
_diffrn_detector.number_of_axes               ? 
# 
_diffrn_radiation.collimation                      ? 
_diffrn_radiation.diffrn_id                        1 
_diffrn_radiation.filter_edge                      ? 
_diffrn_radiation.inhomogeneity                    ? 
_diffrn_radiation.monochromator                    ? 
_diffrn_radiation.polarisn_norm                    ? 
_diffrn_radiation.polarisn_ratio                   ? 
_diffrn_radiation.probe                            ? 
_diffrn_radiation.type                             ? 
_diffrn_radiation.xray_symbol                      ? 
_diffrn_radiation.wavelength_id                    1 
_diffrn_radiation.pdbx_monochromatic_or_laue_m_l   M 
_diffrn_radiation.pdbx_wavelength_list             ? 
_diffrn_radiation.pdbx_wavelength                  ? 
_diffrn_radiation.pdbx_diffrn_protocol             'SINGLE WAVELENGTH' 
_diffrn_radiation.pdbx_analyzer                    ? 
_diffrn_radiation.pdbx_scattering_type             x-ray 
# 
_diffrn_radiation_wavelength.id           1 
_diffrn_radiation_wavelength.wavelength   0.98000 
_diffrn_radiation_wavelength.wt           1.0 
# 
_diffrn_source.current                     ? 
_diffrn_source.details                     ? 
_diffrn_source.diffrn_id                   1 
_diffrn_source.power                       ? 
_diffrn_source.size                        ? 
_diffrn_source.source                      SYNCHROTRON 
_diffrn_source.target                      ? 
_diffrn_source.type                        'ELETTRA BEAMLINE 11.2C' 
_diffrn_source.voltage                     ? 
_diffrn_source.take-off_angle              ? 
_diffrn_source.pdbx_wavelength_list        0.98000 
_diffrn_source.pdbx_wavelength             ? 
_diffrn_source.pdbx_synchrotron_beamline   11.2C 
_diffrn_source.pdbx_synchrotron_site       ELETTRA 
# 
_reflns.B_iso_Wilson_estimate                          ? 
_reflns.entry_id                                       7CY1 
_reflns.data_reduction_details                         ? 
_reflns.data_reduction_method                          ? 
_reflns.d_resolution_high                              2.190 
_reflns.d_resolution_low                               27.980 
_reflns.details                                        ? 
_reflns.limit_h_max                                    ? 
_reflns.limit_h_min                                    ? 
_reflns.limit_k_max                                    ? 
_reflns.limit_k_min                                    ? 
_reflns.limit_l_max                                    ? 
_reflns.limit_l_min                                    ? 
_reflns.number_all                                     ? 
_reflns.number_obs                                     8534 
_reflns.observed_criterion                             ? 
_reflns.observed_criterion_F_max                       ? 
_reflns.observed_criterion_F_min                       ? 
_reflns.observed_criterion_I_max                       ? 
_reflns.observed_criterion_I_min                       ? 
_reflns.observed_criterion_sigma_F                     ? 
_reflns.observed_criterion_sigma_I                     ? 
_reflns.percent_possible_obs                           98.800 
_reflns.R_free_details                                 ? 
_reflns.Rmerge_F_all                                   ? 
_reflns.Rmerge_F_obs                                   ? 
_reflns.Friedel_coverage                               ? 
_reflns.number_gt                                      ? 
_reflns.threshold_expression                           ? 
_reflns.pdbx_redundancy                                18.100 
_reflns.pdbx_netI_over_av_sigmaI                       ? 
_reflns.pdbx_netI_over_sigmaI                          26.100 
_reflns.pdbx_res_netI_over_av_sigmaI_2                 ? 
_reflns.pdbx_res_netI_over_sigmaI_2                    ? 
_reflns.pdbx_chi_squared                               ? 
_reflns.pdbx_scaling_rejects                           292 
_reflns.pdbx_d_res_high_opt                            ? 
_reflns.pdbx_d_res_low_opt                             ? 
_reflns.pdbx_d_res_opt_method                          ? 
_reflns.phase_calculation_details                      ? 
_reflns.pdbx_Rrim_I_all                                ? 
_reflns.pdbx_Rpim_I_all                                ? 
_reflns.pdbx_d_opt                                     ? 
_reflns.pdbx_number_measured_all                       154682 
_reflns.pdbx_diffrn_id                                 1 
_reflns.pdbx_ordinal                                   1 
_reflns.pdbx_CC_half                                   1.000 
_reflns.pdbx_CC_star                                   ? 
_reflns.pdbx_R_split                                   ? 
_reflns.pdbx_Rmerge_I_obs                              0.075 
_reflns.pdbx_Rmerge_I_all                              ? 
_reflns.pdbx_Rsym_value                                ? 
_reflns.pdbx_CC_split_method                           ? 
_reflns.pdbx_aniso_diffraction_limit_axis_1_ortho[1]   ? 
_reflns.pdbx_aniso_diffraction_limit_axis_1_ortho[2]   ? 
_reflns.pdbx_aniso_diffraction_limit_axis_1_ortho[3]   ? 
_reflns.pdbx_aniso_diffraction_limit_axis_2_ortho[1]   ? 
_reflns.pdbx_aniso_diffraction_limit_axis_2_ortho[2]   ? 
_reflns.pdbx_aniso_diffraction_limit_axis_2_ortho[3]   ? 
_reflns.pdbx_aniso_diffraction_limit_axis_3_ortho[1]   ? 
_reflns.pdbx_aniso_diffraction_limit_axis_3_ortho[2]   ? 
_reflns.pdbx_aniso_diffraction_limit_axis_3_ortho[3]   ? 
_reflns.pdbx_aniso_diffraction_limit_1                 ? 
_reflns.pdbx_aniso_diffraction_limit_2                 ? 
_reflns.pdbx_aniso_diffraction_limit_3                 ? 
_reflns.pdbx_aniso_B_tensor_eigenvector_1_ortho[1]     ? 
_reflns.pdbx_aniso_B_tensor_eigenvector_1_ortho[2]     ? 
_reflns.pdbx_aniso_B_tensor_eigenvector_1_ortho[3]     ? 
_reflns.pdbx_aniso_B_tensor_eigenvector_2_ortho[1]     ? 
_reflns.pdbx_aniso_B_tensor_eigenvector_2_ortho[2]     ? 
_reflns.pdbx_aniso_B_tensor_eigenvector_2_ortho[3]     ? 
_reflns.pdbx_aniso_B_tensor_eigenvector_3_ortho[1]     ? 
_reflns.pdbx_aniso_B_tensor_eigenvector_3_ortho[2]     ? 
_reflns.pdbx_aniso_B_tensor_eigenvector_3_ortho[3]     ? 
_reflns.pdbx_aniso_B_tensor_eigenvalue_1               ? 
_reflns.pdbx_aniso_B_tensor_eigenvalue_2               ? 
_reflns.pdbx_aniso_B_tensor_eigenvalue_3               ? 
_reflns.pdbx_orthogonalization_convention              ? 
_reflns.pdbx_percent_possible_ellipsoidal              ? 
_reflns.pdbx_percent_possible_spherical                ? 
_reflns.pdbx_percent_possible_ellipsoidal_anomalous    ? 
_reflns.pdbx_percent_possible_spherical_anomalous      ? 
_reflns.pdbx_redundancy_anomalous                      ? 
_reflns.pdbx_CC_half_anomalous                         ? 
_reflns.pdbx_absDiff_over_sigma_anomalous              ? 
_reflns.pdbx_percent_possible_anomalous                ? 
_reflns.pdbx_observed_signal_threshold                 ? 
_reflns.pdbx_signal_type                               ? 
_reflns.pdbx_signal_details                            ? 
_reflns.pdbx_signal_software_id                        ? 
# 
loop_
_reflns_shell.d_res_high 
_reflns_shell.d_res_low 
_reflns_shell.meanI_over_sigI_all 
_reflns_shell.meanI_over_sigI_obs 
_reflns_shell.number_measured_all 
_reflns_shell.number_measured_obs 
_reflns_shell.number_possible 
_reflns_shell.number_unique_all 
_reflns_shell.number_unique_obs 
_reflns_shell.percent_possible_obs 
_reflns_shell.Rmerge_F_all 
_reflns_shell.Rmerge_F_obs 
_reflns_shell.meanI_over_sigI_gt 
_reflns_shell.meanI_over_uI_all 
_reflns_shell.meanI_over_uI_gt 
_reflns_shell.number_measured_gt 
_reflns_shell.number_unique_gt 
_reflns_shell.percent_possible_gt 
_reflns_shell.Rmerge_F_gt 
_reflns_shell.Rmerge_I_gt 
_reflns_shell.pdbx_redundancy 
_reflns_shell.pdbx_chi_squared 
_reflns_shell.pdbx_netI_over_sigmaI_all 
_reflns_shell.pdbx_netI_over_sigmaI_obs 
_reflns_shell.pdbx_Rrim_I_all 
_reflns_shell.pdbx_Rpim_I_all 
_reflns_shell.pdbx_rejects 
_reflns_shell.pdbx_ordinal 
_reflns_shell.pdbx_diffrn_id 
_reflns_shell.pdbx_CC_half 
_reflns_shell.pdbx_CC_star 
_reflns_shell.pdbx_R_split 
_reflns_shell.percent_possible_all 
_reflns_shell.Rmerge_I_all 
_reflns_shell.Rmerge_I_obs 
_reflns_shell.pdbx_Rsym_value 
_reflns_shell.pdbx_percent_possible_ellipsoidal 
_reflns_shell.pdbx_percent_possible_spherical 
_reflns_shell.pdbx_percent_possible_ellipsoidal_anomalous 
_reflns_shell.pdbx_percent_possible_spherical_anomalous 
_reflns_shell.pdbx_redundancy_anomalous 
_reflns_shell.pdbx_CC_half_anomalous 
_reflns_shell.pdbx_absDiff_over_sigma_anomalous 
_reflns_shell.pdbx_percent_possible_anomalous 
2.190 2.260  ? ? 11159 ? ? ? 708 ? ? ? ? ? ? ? ? ? ? ? 15.800 ? ? 3.900  ? ? ? 1 1 0.885 ? ? 97.200 ? 0.959 ? ? ? ? ? ? ? ? ? 
9.040 27.980 ? ? 2076  ? ? ? 151 ? ? ? ? ? ? ? ? ? ? ? 13.700 ? ? 69.500 ? ? ? 2 1 1.000 ? ? 95.200 ? 0.025 ? ? ? ? ? ? ? ? ? 
# 
_refine.aniso_B[1][1]                            -0.5400 
_refine.aniso_B[1][2]                            -0.2700 
_refine.aniso_B[1][3]                            -0.0000 
_refine.aniso_B[2][2]                            -0.5400 
_refine.aniso_B[2][3]                            0.0000 
_refine.aniso_B[3][3]                            1.7500 
_refine.B_iso_max                                142.170 
_refine.B_iso_mean                               46.9660 
_refine.B_iso_min                                28.340 
_refine.correlation_coeff_Fo_to_Fc               0.9650 
_refine.correlation_coeff_Fo_to_Fc_free          0.9500 
_refine.details                                  
;HYDROGENS HAVE BEEN ADDED IN THE RIDING POSITIONS U VALUES      : REFINED INDIVIDUALLY


SF FILE CONTAINS FRIEDEL PAIRS UNDER I/F_MINUS AND I/F_PLUS COLUMNS.
;
_refine.diff_density_max                         ? 
_refine.diff_density_max_esd                     ? 
_refine.diff_density_min                         ? 
_refine.diff_density_min_esd                     ? 
_refine.diff_density_rms                         ? 
_refine.diff_density_rms_esd                     ? 
_refine.entry_id                                 7CY1 
_refine.pdbx_refine_id                           'X-RAY DIFFRACTION' 
_refine.ls_abs_structure_details                 ? 
_refine.ls_abs_structure_Flack                   ? 
_refine.ls_abs_structure_Flack_esd               ? 
_refine.ls_abs_structure_Rogers                  ? 
_refine.ls_abs_structure_Rogers_esd              ? 
_refine.ls_d_res_high                            2.1900 
_refine.ls_d_res_low                             27.9800 
_refine.ls_extinction_coef                       ? 
_refine.ls_extinction_coef_esd                   ? 
_refine.ls_extinction_expression                 ? 
_refine.ls_extinction_method                     ? 
_refine.ls_goodness_of_fit_all                   ? 
_refine.ls_goodness_of_fit_all_esd               ? 
_refine.ls_goodness_of_fit_obs                   ? 
_refine.ls_goodness_of_fit_obs_esd               ? 
_refine.ls_hydrogen_treatment                    ? 
_refine.ls_matrix_type                           ? 
_refine.ls_number_constraints                    ? 
_refine.ls_number_parameters                     ? 
_refine.ls_number_reflns_all                     ? 
_refine.ls_number_reflns_obs                     8065 
_refine.ls_number_reflns_R_free                  465 
_refine.ls_number_reflns_R_work                  ? 
_refine.ls_number_restraints                     ? 
_refine.ls_percent_reflns_obs                    98.2800 
_refine.ls_percent_reflns_R_free                 5.5000 
_refine.ls_R_factor_all                          ? 
_refine.ls_R_factor_obs                          0.1904 
_refine.ls_R_factor_R_free                       0.2269 
_refine.ls_R_factor_R_free_error                 ? 
_refine.ls_R_factor_R_free_error_details         ? 
_refine.ls_R_factor_R_work                       0.1882 
_refine.ls_R_Fsqd_factor_obs                     ? 
_refine.ls_R_I_factor_obs                        ? 
_refine.ls_redundancy_reflns_all                 ? 
_refine.ls_redundancy_reflns_obs                 ? 
_refine.ls_restrained_S_all                      ? 
_refine.ls_restrained_S_obs                      ? 
_refine.ls_shift_over_esd_max                    ? 
_refine.ls_shift_over_esd_mean                   ? 
_refine.ls_structure_factor_coef                 ? 
_refine.ls_weighting_details                     ? 
_refine.ls_weighting_scheme                      ? 
_refine.ls_wR_factor_all                         ? 
_refine.ls_wR_factor_obs                         ? 
_refine.ls_wR_factor_R_free                      ? 
_refine.ls_wR_factor_R_work                      ? 
_refine.occupancy_max                            ? 
_refine.occupancy_min                            ? 
_refine.solvent_model_details                    MASK 
_refine.solvent_model_param_bsol                 ? 
_refine.solvent_model_param_ksol                 ? 
_refine.pdbx_R_complete                          ? 
_refine.ls_R_factor_gt                           ? 
_refine.ls_goodness_of_fit_gt                    ? 
_refine.ls_goodness_of_fit_ref                   ? 
_refine.ls_shift_over_su_max                     ? 
_refine.ls_shift_over_su_max_lt                  ? 
_refine.ls_shift_over_su_mean                    ? 
_refine.ls_shift_over_su_mean_lt                 ? 
_refine.pdbx_ls_sigma_I                          ? 
_refine.pdbx_ls_sigma_F                          0.000 
_refine.pdbx_ls_sigma_Fsqd                       ? 
_refine.pdbx_data_cutoff_high_absF               ? 
_refine.pdbx_data_cutoff_high_rms_absF           ? 
_refine.pdbx_data_cutoff_low_absF                ? 
_refine.pdbx_isotropic_thermal_model             ? 
_refine.pdbx_ls_cross_valid_method               THROUGHOUT 
_refine.pdbx_method_to_determine_struct          'MOLECULAR REPLACEMENT' 
_refine.pdbx_starting_model                      7CT3 
_refine.pdbx_stereochemistry_target_values       'MAXIMUM LIKELIHOOD' 
_refine.pdbx_R_Free_selection_details            RANDOM 
_refine.pdbx_stereochem_target_val_spec_case     ? 
_refine.pdbx_overall_ESU_R                       0.2020 
_refine.pdbx_overall_ESU_R_Free                  0.1760 
_refine.pdbx_solvent_vdw_probe_radii             1.2000 
_refine.pdbx_solvent_ion_probe_radii             0.8000 
_refine.pdbx_solvent_shrinkage_radii             0.8000 
_refine.pdbx_real_space_R                        ? 
_refine.pdbx_density_correlation                 ? 
_refine.pdbx_pd_number_of_powder_patterns        ? 
_refine.pdbx_pd_number_of_points                 ? 
_refine.pdbx_pd_meas_number_of_points            ? 
_refine.pdbx_pd_proc_ls_prof_R_factor            ? 
_refine.pdbx_pd_proc_ls_prof_wR_factor           ? 
_refine.pdbx_pd_Marquardt_correlation_coeff      ? 
_refine.pdbx_pd_Fsqrd_R_factor                   ? 
_refine.pdbx_pd_ls_matrix_band_width             ? 
_refine.pdbx_overall_phase_error                 ? 
_refine.pdbx_overall_SU_R_free_Cruickshank_DPI   ? 
_refine.pdbx_overall_SU_R_free_Blow_DPI          ? 
_refine.pdbx_overall_SU_R_Blow_DPI               ? 
_refine.pdbx_TLS_residual_ADP_flag               ? 
_refine.pdbx_diffrn_id                           1 
_refine.overall_SU_B                             5.9110 
_refine.overall_SU_ML                            0.1440 
_refine.overall_SU_R_Cruickshank_DPI             ? 
_refine.overall_SU_R_free                        ? 
_refine.overall_FOM_free_R_set                   ? 
_refine.overall_FOM_work_R_set                   ? 
_refine.pdbx_average_fsc_overall                 ? 
_refine.pdbx_average_fsc_work                    ? 
_refine.pdbx_average_fsc_free                    ? 
# 
_refine_hist.pdbx_refine_id                   'X-RAY DIFFRACTION' 
_refine_hist.cycle_id                         final 
_refine_hist.details                          ? 
_refine_hist.d_res_high                       2.1900 
_refine_hist.d_res_low                        27.9800 
_refine_hist.number_atoms_solvent             40 
_refine_hist.number_atoms_total               962 
_refine_hist.number_reflns_all                ? 
_refine_hist.number_reflns_obs                ? 
_refine_hist.number_reflns_R_free             ? 
_refine_hist.number_reflns_R_work             ? 
_refine_hist.R_factor_all                     ? 
_refine_hist.R_factor_obs                     ? 
_refine_hist.R_factor_R_free                  ? 
_refine_hist.R_factor_R_work                  ? 
_refine_hist.pdbx_number_residues_total       120 
_refine_hist.pdbx_B_iso_mean_ligand           45.21 
_refine_hist.pdbx_B_iso_mean_solvent          55.32 
_refine_hist.pdbx_number_atoms_protein        921 
_refine_hist.pdbx_number_atoms_nucleic_acid   0 
_refine_hist.pdbx_number_atoms_ligand         1 
_refine_hist.pdbx_number_atoms_lipid          ? 
_refine_hist.pdbx_number_atoms_carb           ? 
_refine_hist.pdbx_pseudo_atom_details         ? 
# 
loop_
_refine_ls_restr.pdbx_refine_id 
_refine_ls_restr.criterion 
_refine_ls_restr.dev_ideal 
_refine_ls_restr.dev_ideal_target 
_refine_ls_restr.number 
_refine_ls_restr.rejects 
_refine_ls_restr.type 
_refine_ls_restr.weight 
_refine_ls_restr.pdbx_restraint_function 
'X-RAY DIFFRACTION' ? 0.007  0.013  934  ? r_bond_refined_d       ? ? 
'X-RAY DIFFRACTION' ? 0.001  0.017  884  ? r_bond_other_d         ? ? 
'X-RAY DIFFRACTION' ? 1.462  1.630  1266 ? r_angle_refined_deg    ? ? 
'X-RAY DIFFRACTION' ? 1.329  1.573  2039 ? r_angle_other_deg      ? ? 
'X-RAY DIFFRACTION' ? 7.600  5.000  119  ? r_dihedral_angle_1_deg ? ? 
'X-RAY DIFFRACTION' ? 33.119 22.553 47   ? r_dihedral_angle_2_deg ? ? 
'X-RAY DIFFRACTION' ? 14.922 15.000 160  ? r_dihedral_angle_3_deg ? ? 
'X-RAY DIFFRACTION' ? 20.189 15.000 6    ? r_dihedral_angle_4_deg ? ? 
'X-RAY DIFFRACTION' ? 0.067  0.200  121  ? r_chiral_restr         ? ? 
'X-RAY DIFFRACTION' ? 0.006  0.020  1048 ? r_gen_planes_refined   ? ? 
'X-RAY DIFFRACTION' ? 0.001  0.020  194  ? r_gen_planes_other     ? ? 
# 
_refine_ls_shell.pdbx_refine_id                   'X-RAY DIFFRACTION' 
_refine_ls_shell.d_res_high                       2.1920 
_refine_ls_shell.d_res_low                        2.2490 
_refine_ls_shell.number_reflns_all                600 
_refine_ls_shell.number_reflns_obs                ? 
_refine_ls_shell.number_reflns_R_free             35 
_refine_ls_shell.number_reflns_R_work             565 
_refine_ls_shell.percent_reflns_obs               95.8500 
_refine_ls_shell.percent_reflns_R_free            ? 
_refine_ls_shell.R_factor_all                     ? 
_refine_ls_shell.R_factor_obs                     ? 
_refine_ls_shell.R_factor_R_free_error            0.0000 
_refine_ls_shell.R_factor_R_work                  0.3110 
_refine_ls_shell.redundancy_reflns_all            ? 
_refine_ls_shell.redundancy_reflns_obs            ? 
_refine_ls_shell.wR_factor_all                    ? 
_refine_ls_shell.wR_factor_obs                    ? 
_refine_ls_shell.wR_factor_R_free                 ? 
_refine_ls_shell.wR_factor_R_work                 ? 
_refine_ls_shell.pdbx_R_complete                  ? 
_refine_ls_shell.pdbx_total_number_of_bins_used   20 
_refine_ls_shell.pdbx_phase_error                 ? 
_refine_ls_shell.pdbx_fsc_work                    ? 
_refine_ls_shell.pdbx_fsc_free                    ? 
_refine_ls_shell.R_factor_R_free                  0.3710 
# 
_struct.entry_id                     7CY1 
_struct.title                        'Crystal Structure of MglC from Myxococcus xanthus' 
_struct.pdbx_model_details           ? 
_struct.pdbx_formula_weight          ? 
_struct.pdbx_formula_weight_method   ? 
_struct.pdbx_model_type_details      ? 
_struct.pdbx_CASP_flag               N 
# 
_struct_keywords.entry_id        7CY1 
_struct_keywords.text            'Roadblock/LC7 domain, CYTOSOLIC PROTEIN' 
_struct_keywords.pdbx_keywords   'CYTOSOLIC PROTEIN' 
# 
loop_
_struct_asym.id 
_struct_asym.pdbx_blank_PDB_chainid_flag 
_struct_asym.pdbx_modified 
_struct_asym.entity_id 
_struct_asym.details 
A N N 1 ? 
B N N 2 ? 
C N N 3 ? 
# 
_struct_ref.id                         1 
_struct_ref.db_name                    UNP 
_struct_ref.db_code                    Q1D0B6_MYXXD 
_struct_ref.pdbx_db_accession          Q1D0B6 
_struct_ref.pdbx_db_isoform            ? 
_struct_ref.entity_id                  1 
_struct_ref.pdbx_seq_one_letter_code   
;MSFRTHLESVVNQVEGALACSVMGFDGISVDTFQKDESAELDLNGAWVEYANLLTQLRNAAETLKTGTVSEVSVNSEKVL
TVMRLVSPDYFLVLALHADGNFGKGRYVLRVTAPKVRAEL
;
_struct_ref.pdbx_align_begin           1 
# 
_struct_ref_seq.align_id                      1 
_struct_ref_seq.ref_id                        1 
_struct_ref_seq.pdbx_PDB_id_code              7CY1 
_struct_ref_seq.pdbx_strand_id                A 
_struct_ref_seq.seq_align_beg                 1 
_struct_ref_seq.pdbx_seq_align_beg_ins_code   ? 
_struct_ref_seq.seq_align_end                 120 
_struct_ref_seq.pdbx_seq_align_end_ins_code   ? 
_struct_ref_seq.pdbx_db_accession             Q1D0B6 
_struct_ref_seq.db_align_beg                  1 
_struct_ref_seq.pdbx_db_align_beg_ins_code    ? 
_struct_ref_seq.db_align_end                  120 
_struct_ref_seq.pdbx_db_align_end_ins_code    ? 
_struct_ref_seq.pdbx_auth_seq_align_beg       1 
_struct_ref_seq.pdbx_auth_seq_align_end       120 
# 
_pdbx_struct_assembly.id                   1 
_pdbx_struct_assembly.details              author_and_software_defined_assembly 
_pdbx_struct_assembly.method_details       PISA 
_pdbx_struct_assembly.oligomeric_details   dimeric 
_pdbx_struct_assembly.oligomeric_count     2 
# 
loop_
_pdbx_struct_assembly_prop.biol_id 
_pdbx_struct_assembly_prop.type 
_pdbx_struct_assembly_prop.value 
_pdbx_struct_assembly_prop.details 
1 'ABSA (A^2)' 1830  ? 
1 MORE         -30   ? 
1 'SSA (A^2)'  11080 ? 
# 
_pdbx_struct_assembly_gen.assembly_id       1 
_pdbx_struct_assembly_gen.oper_expression   1,2 
_pdbx_struct_assembly_gen.asym_id_list      A,B,C 
# 
_pdbx_struct_assembly_auth_evidence.id                     1 
_pdbx_struct_assembly_auth_evidence.assembly_id            1 
_pdbx_struct_assembly_auth_evidence.experimental_support   'gel filtration' 
_pdbx_struct_assembly_auth_evidence.details                Homodimer 
# 
loop_
_pdbx_struct_oper_list.id 
_pdbx_struct_oper_list.type 
_pdbx_struct_oper_list.name 
_pdbx_struct_oper_list.symmetry_operation 
_pdbx_struct_oper_list.matrix[1][1] 
_pdbx_struct_oper_list.matrix[1][2] 
_pdbx_struct_oper_list.matrix[1][3] 
_pdbx_struct_oper_list.vector[1] 
_pdbx_struct_oper_list.matrix[2][1] 
_pdbx_struct_oper_list.matrix[2][2] 
_pdbx_struct_oper_list.matrix[2][3] 
_pdbx_struct_oper_list.vector[2] 
_pdbx_struct_oper_list.matrix[3][1] 
_pdbx_struct_oper_list.matrix[3][2] 
_pdbx_struct_oper_list.matrix[3][3] 
_pdbx_struct_oper_list.vector[3] 
1 'identity operation'         1_555 x,y,z      1.0000000000  0.0000000000 0.0000000000  0.0000000000 0.0000000000 1.0000000000  0.0000000000  0.0000000000  0.0000000000  0.0000000000  1.0000000000 0.0000000000  
2 'crystal symmetry operation' 7_554 y,x,-z-1/3 -0.6567653817 0.3421395666 -0.6720117189 7.6411555456 0.3421395666 -0.6589519914 -0.6698677407 17.5875612202 -0.6720117189 -0.6698677407 0.3157173731 12.8570818606 
# 
loop_
_struct_conf.conf_type_id 
_struct_conf.id 
_struct_conf.pdbx_PDB_helix_id 
_struct_conf.beg_label_comp_id 
_struct_conf.beg_label_asym_id 
_struct_conf.beg_label_seq_id 
_struct_conf.pdbx_beg_PDB_ins_code 
_struct_conf.end_label_comp_id 
_struct_conf.end_label_asym_id 
_struct_conf.end_label_seq_id 
_struct_conf.pdbx_end_PDB_ins_code 
_struct_conf.beg_auth_comp_id 
_struct_conf.beg_auth_asym_id 
_struct_conf.beg_auth_seq_id 
_struct_conf.end_auth_comp_id 
_struct_conf.end_auth_asym_id 
_struct_conf.end_auth_seq_id 
_struct_conf.pdbx_PDB_helix_class 
_struct_conf.details 
_struct_conf.pdbx_PDB_helix_length 
HELX_P HELX_P1 AA1 PHE A 3   ? VAL A 14  ? PHE A 3   VAL A 14  1 ? 12 
HELX_P HELX_P2 AA2 LEU A 43  ? GLU A 62  ? LEU A 43  GLU A 62  1 ? 20 
HELX_P HELX_P3 AA3 THR A 63  ? THR A 66  ? THR A 63  THR A 66  5 ? 4  
HELX_P HELX_P4 AA4 ASN A 101 ? GLU A 119 ? ASN A 101 GLU A 119 1 ? 19 
# 
_struct_conf_type.id          HELX_P 
_struct_conf_type.criteria    ? 
_struct_conf_type.reference   ? 
# 
loop_
_struct_conn.id 
_struct_conn.conn_type_id 
_struct_conn.pdbx_leaving_atom_flag 
_struct_conn.pdbx_PDB_id 
_struct_conn.ptnr1_label_asym_id 
_struct_conn.ptnr1_label_comp_id 
_struct_conn.ptnr1_label_seq_id 
_struct_conn.ptnr1_label_atom_id 
_struct_conn.pdbx_ptnr1_label_alt_id 
_struct_conn.pdbx_ptnr1_PDB_ins_code 
_struct_conn.pdbx_ptnr1_standard_comp_id 
_struct_conn.ptnr1_symmetry 
_struct_conn.ptnr2_label_asym_id 
_struct_conn.ptnr2_label_comp_id 
_struct_conn.ptnr2_label_seq_id 
_struct_conn.ptnr2_label_atom_id 
_struct_conn.pdbx_ptnr2_label_alt_id 
_struct_conn.pdbx_ptnr2_PDB_ins_code 
_struct_conn.ptnr1_auth_asym_id 
_struct_conn.ptnr1_auth_comp_id 
_struct_conn.ptnr1_auth_seq_id 
_struct_conn.ptnr2_auth_asym_id 
_struct_conn.ptnr2_auth_comp_id 
_struct_conn.ptnr2_auth_seq_id 
_struct_conn.ptnr2_symmetry 
_struct_conn.pdbx_ptnr3_label_atom_id 
_struct_conn.pdbx_ptnr3_label_seq_id 
_struct_conn.pdbx_ptnr3_label_comp_id 
_struct_conn.pdbx_ptnr3_label_asym_id 
_struct_conn.pdbx_ptnr3_label_alt_id 
_struct_conn.pdbx_ptnr3_PDB_ins_code 
_struct_conn.details 
_struct_conn.pdbx_dist_value 
_struct_conn.pdbx_value_order 
_struct_conn.pdbx_role 
metalc1 metalc ? ? A LEU 64 O ? ? ? 1_555 B NA . NA ? ? A LEU 64 A NA 201 1_555 ? ? ? ? ? ? ? 2.313 ? ? 
metalc2 metalc ? ? A THR 66 O ? ? ? 1_555 B NA . NA ? ? A THR 66 A NA 201 1_555 ? ? ? ? ? ? ? 2.242 ? ? 
metalc3 metalc ? ? A VAL 69 O ? ? ? 1_555 B NA . NA ? ? A VAL 69 A NA 201 1_555 ? ? ? ? ? ? ? 2.386 ? ? 
# 
_struct_conn_type.id          metalc 
_struct_conn_type.criteria    ? 
_struct_conn_type.reference   ? 
# 
loop_
_pdbx_struct_conn_angle.id 
_pdbx_struct_conn_angle.ptnr1_label_atom_id 
_pdbx_struct_conn_angle.ptnr1_label_alt_id 
_pdbx_struct_conn_angle.ptnr1_label_asym_id 
_pdbx_struct_conn_angle.ptnr1_label_comp_id 
_pdbx_struct_conn_angle.ptnr1_label_seq_id 
_pdbx_struct_conn_angle.ptnr1_auth_atom_id 
_pdbx_struct_conn_angle.ptnr1_auth_asym_id 
_pdbx_struct_conn_angle.ptnr1_auth_comp_id 
_pdbx_struct_conn_angle.ptnr1_auth_seq_id 
_pdbx_struct_conn_angle.ptnr1_PDB_ins_code 
_pdbx_struct_conn_angle.ptnr1_symmetry 
_pdbx_struct_conn_angle.ptnr2_label_atom_id 
_pdbx_struct_conn_angle.ptnr2_label_alt_id 
_pdbx_struct_conn_angle.ptnr2_label_asym_id 
_pdbx_struct_conn_angle.ptnr2_label_comp_id 
_pdbx_struct_conn_angle.ptnr2_label_seq_id 
_pdbx_struct_conn_angle.ptnr2_auth_atom_id 
_pdbx_struct_conn_angle.ptnr2_auth_asym_id 
_pdbx_struct_conn_angle.ptnr2_auth_comp_id 
_pdbx_struct_conn_angle.ptnr2_auth_seq_id 
_pdbx_struct_conn_angle.ptnr2_PDB_ins_code 
_pdbx_struct_conn_angle.ptnr2_symmetry 
_pdbx_struct_conn_angle.ptnr3_label_atom_id 
_pdbx_struct_conn_angle.ptnr3_label_alt_id 
_pdbx_struct_conn_angle.ptnr3_label_asym_id 
_pdbx_struct_conn_angle.ptnr3_label_comp_id 
_pdbx_struct_conn_angle.ptnr3_label_seq_id 
_pdbx_struct_conn_angle.ptnr3_auth_atom_id 
_pdbx_struct_conn_angle.ptnr3_auth_asym_id 
_pdbx_struct_conn_angle.ptnr3_auth_comp_id 
_pdbx_struct_conn_angle.ptnr3_auth_seq_id 
_pdbx_struct_conn_angle.ptnr3_PDB_ins_code 
_pdbx_struct_conn_angle.ptnr3_symmetry 
_pdbx_struct_conn_angle.value 
_pdbx_struct_conn_angle.value_esd 
1 O ? A LEU 64 ? A LEU 64 ? 1_555 NA ? B NA . ? A NA 201 ? 1_555 O ? A THR 66 ? A THR 66 ? 1_555 89.6 ? 
2 O ? A LEU 64 ? A LEU 64 ? 1_555 NA ? B NA . ? A NA 201 ? 1_555 O ? A VAL 69 ? A VAL 69 ? 1_555 97.2 ? 
3 O ? A THR 66 ? A THR 66 ? 1_555 NA ? B NA . ? A NA 201 ? 1_555 O ? A VAL 69 ? A VAL 69 ? 1_555 97.0 ? 
# 
_struct_sheet.id               AA1 
_struct_sheet.type             ? 
_struct_sheet.number_strands   4 
_struct_sheet.details          ? 
# 
loop_
_struct_sheet_order.sheet_id 
_struct_sheet_order.range_id_1 
_struct_sheet_order.range_id_2 
_struct_sheet_order.offset 
_struct_sheet_order.sense 
AA1 1 2 ? anti-parallel 
AA1 2 3 ? anti-parallel 
AA1 3 4 ? anti-parallel 
# 
loop_
_struct_sheet_range.sheet_id 
_struct_sheet_range.id 
_struct_sheet_range.beg_label_comp_id 
_struct_sheet_range.beg_label_asym_id 
_struct_sheet_range.beg_label_seq_id 
_struct_sheet_range.pdbx_beg_PDB_ins_code 
_struct_sheet_range.end_label_comp_id 
_struct_sheet_range.end_label_asym_id 
_struct_sheet_range.end_label_seq_id 
_struct_sheet_range.pdbx_end_PDB_ins_code 
_struct_sheet_range.beg_auth_comp_id 
_struct_sheet_range.beg_auth_asym_id 
_struct_sheet_range.beg_auth_seq_id 
_struct_sheet_range.end_auth_comp_id 
_struct_sheet_range.end_auth_asym_id 
_struct_sheet_range.end_auth_seq_id 
AA1 1 SER A 29 ? GLN A 34 ? SER A 29 GLN A 34 
AA1 2 ALA A 17 ? GLY A 24 ? ALA A 17 GLY A 24 
AA1 3 TYR A 90 ? HIS A 97 ? TYR A 90 HIS A 97 
AA1 4 VAL A 79 ? SER A 87 ? VAL A 79 SER A 87 
# 
loop_
_pdbx_struct_sheet_hbond.sheet_id 
_pdbx_struct_sheet_hbond.range_id_1 
_pdbx_struct_sheet_hbond.range_id_2 
_pdbx_struct_sheet_hbond.range_1_label_atom_id 
_pdbx_struct_sheet_hbond.range_1_label_comp_id 
_pdbx_struct_sheet_hbond.range_1_label_asym_id 
_pdbx_struct_sheet_hbond.range_1_label_seq_id 
_pdbx_struct_sheet_hbond.range_1_PDB_ins_code 
_pdbx_struct_sheet_hbond.range_1_auth_atom_id 
_pdbx_struct_sheet_hbond.range_1_auth_comp_id 
_pdbx_struct_sheet_hbond.range_1_auth_asym_id 
_pdbx_struct_sheet_hbond.range_1_auth_seq_id 
_pdbx_struct_sheet_hbond.range_2_label_atom_id 
_pdbx_struct_sheet_hbond.range_2_label_comp_id 
_pdbx_struct_sheet_hbond.range_2_label_asym_id 
_pdbx_struct_sheet_hbond.range_2_label_seq_id 
_pdbx_struct_sheet_hbond.range_2_PDB_ins_code 
_pdbx_struct_sheet_hbond.range_2_auth_atom_id 
_pdbx_struct_sheet_hbond.range_2_auth_comp_id 
_pdbx_struct_sheet_hbond.range_2_auth_asym_id 
_pdbx_struct_sheet_hbond.range_2_auth_seq_id 
AA1 1 2 O VAL A 30 ? O VAL A 30 N VAL A 22 ? N VAL A 22 
AA1 2 3 N ALA A 19 ? N ALA A 19 O ALA A 95 ? O ALA A 95 
AA1 3 4 O LEU A 96 ? O LEU A 96 N LEU A 80 ? N LEU A 80 
# 
_pdbx_entry_details.entry_id                   7CY1 
_pdbx_entry_details.nonpolymer_details         ? 
_pdbx_entry_details.sequence_details           ? 
_pdbx_entry_details.compound_details           ? 
_pdbx_entry_details.source_details             ? 
_pdbx_entry_details.has_ligand_of_interest     N 
_pdbx_entry_details.has_protein_modification   ? 
# 
loop_
_chem_comp_atom.comp_id 
_chem_comp_atom.atom_id 
_chem_comp_atom.type_symbol 
_chem_comp_atom.pdbx_aromatic_flag 
_chem_comp_atom.pdbx_stereo_config 
_chem_comp_atom.pdbx_ordinal 
ALA N    N  N N 1   
ALA CA   C  N S 2   
ALA C    C  N N 3   
ALA O    O  N N 4   
ALA CB   C  N N 5   
ALA OXT  O  N N 6   
ALA H    H  N N 7   
ALA H2   H  N N 8   
ALA HA   H  N N 9   
ALA HB1  H  N N 10  
ALA HB2  H  N N 11  
ALA HB3  H  N N 12  
ALA HXT  H  N N 13  
ARG N    N  N N 14  
ARG CA   C  N S 15  
ARG C    C  N N 16  
ARG O    O  N N 17  
ARG CB   C  N N 18  
ARG CG   C  N N 19  
ARG CD   C  N N 20  
ARG NE   N  N N 21  
ARG CZ   C  N N 22  
ARG NH1  N  N N 23  
ARG NH2  N  N N 24  
ARG OXT  O  N N 25  
ARG H    H  N N 26  
ARG H2   H  N N 27  
ARG HA   H  N N 28  
ARG HB2  H  N N 29  
ARG HB3  H  N N 30  
ARG HG2  H  N N 31  
ARG HG3  H  N N 32  
ARG HD2  H  N N 33  
ARG HD3  H  N N 34  
ARG HE   H  N N 35  
ARG HH11 H  N N 36  
ARG HH12 H  N N 37  
ARG HH21 H  N N 38  
ARG HH22 H  N N 39  
ARG HXT  H  N N 40  
ASN N    N  N N 41  
ASN CA   C  N S 42  
ASN C    C  N N 43  
ASN O    O  N N 44  
ASN CB   C  N N 45  
ASN CG   C  N N 46  
ASN OD1  O  N N 47  
ASN ND2  N  N N 48  
ASN OXT  O  N N 49  
ASN H    H  N N 50  
ASN H2   H  N N 51  
ASN HA   H  N N 52  
ASN HB2  H  N N 53  
ASN HB3  H  N N 54  
ASN HD21 H  N N 55  
ASN HD22 H  N N 56  
ASN HXT  H  N N 57  
ASP N    N  N N 58  
ASP CA   C  N S 59  
ASP C    C  N N 60  
ASP O    O  N N 61  
ASP CB   C  N N 62  
ASP CG   C  N N 63  
ASP OD1  O  N N 64  
ASP OD2  O  N N 65  
ASP OXT  O  N N 66  
ASP H    H  N N 67  
ASP H2   H  N N 68  
ASP HA   H  N N 69  
ASP HB2  H  N N 70  
ASP HB3  H  N N 71  
ASP HD2  H  N N 72  
ASP HXT  H  N N 73  
CYS N    N  N N 74  
CYS CA   C  N R 75  
CYS C    C  N N 76  
CYS O    O  N N 77  
CYS CB   C  N N 78  
CYS SG   S  N N 79  
CYS OXT  O  N N 80  
CYS H    H  N N 81  
CYS H2   H  N N 82  
CYS HA   H  N N 83  
CYS HB2  H  N N 84  
CYS HB3  H  N N 85  
CYS HG   H  N N 86  
CYS HXT  H  N N 87  
GLN N    N  N N 88  
GLN CA   C  N S 89  
GLN C    C  N N 90  
GLN O    O  N N 91  
GLN CB   C  N N 92  
GLN CG   C  N N 93  
GLN CD   C  N N 94  
GLN OE1  O  N N 95  
GLN NE2  N  N N 96  
GLN OXT  O  N N 97  
GLN H    H  N N 98  
GLN H2   H  N N 99  
GLN HA   H  N N 100 
GLN HB2  H  N N 101 
GLN HB3  H  N N 102 
GLN HG2  H  N N 103 
GLN HG3  H  N N 104 
GLN HE21 H  N N 105 
GLN HE22 H  N N 106 
GLN HXT  H  N N 107 
GLU N    N  N N 108 
GLU CA   C  N S 109 
GLU C    C  N N 110 
GLU O    O  N N 111 
GLU CB   C  N N 112 
GLU CG   C  N N 113 
GLU CD   C  N N 114 
GLU OE1  O  N N 115 
GLU OE2  O  N N 116 
GLU OXT  O  N N 117 
GLU H    H  N N 118 
GLU H2   H  N N 119 
GLU HA   H  N N 120 
GLU HB2  H  N N 121 
GLU HB3  H  N N 122 
GLU HG2  H  N N 123 
GLU HG3  H  N N 124 
GLU HE2  H  N N 125 
GLU HXT  H  N N 126 
GLY N    N  N N 127 
GLY CA   C  N N 128 
GLY C    C  N N 129 
GLY O    O  N N 130 
GLY OXT  O  N N 131 
GLY H    H  N N 132 
GLY H2   H  N N 133 
GLY HA2  H  N N 134 
GLY HA3  H  N N 135 
GLY HXT  H  N N 136 
HIS N    N  N N 137 
HIS CA   C  N S 138 
HIS C    C  N N 139 
HIS O    O  N N 140 
HIS CB   C  N N 141 
HIS CG   C  Y N 142 
HIS ND1  N  Y N 143 
HIS CD2  C  Y N 144 
HIS CE1  C  Y N 145 
HIS NE2  N  Y N 146 
HIS OXT  O  N N 147 
HIS H    H  N N 148 
HIS H2   H  N N 149 
HIS HA   H  N N 150 
HIS HB2  H  N N 151 
HIS HB3  H  N N 152 
HIS HD1  H  N N 153 
HIS HD2  H  N N 154 
HIS HE1  H  N N 155 
HIS HE2  H  N N 156 
HIS HXT  H  N N 157 
HOH O    O  N N 158 
HOH H1   H  N N 159 
HOH H2   H  N N 160 
ILE N    N  N N 161 
ILE CA   C  N S 162 
ILE C    C  N N 163 
ILE O    O  N N 164 
ILE CB   C  N S 165 
ILE CG1  C  N N 166 
ILE CG2  C  N N 167 
ILE CD1  C  N N 168 
ILE OXT  O  N N 169 
ILE H    H  N N 170 
ILE H2   H  N N 171 
ILE HA   H  N N 172 
ILE HB   H  N N 173 
ILE HG12 H  N N 174 
ILE HG13 H  N N 175 
ILE HG21 H  N N 176 
ILE HG22 H  N N 177 
ILE HG23 H  N N 178 
ILE HD11 H  N N 179 
ILE HD12 H  N N 180 
ILE HD13 H  N N 181 
ILE HXT  H  N N 182 
LEU N    N  N N 183 
LEU CA   C  N S 184 
LEU C    C  N N 185 
LEU O    O  N N 186 
LEU CB   C  N N 187 
LEU CG   C  N N 188 
LEU CD1  C  N N 189 
LEU CD2  C  N N 190 
LEU OXT  O  N N 191 
LEU H    H  N N 192 
LEU H2   H  N N 193 
LEU HA   H  N N 194 
LEU HB2  H  N N 195 
LEU HB3  H  N N 196 
LEU HG   H  N N 197 
LEU HD11 H  N N 198 
LEU HD12 H  N N 199 
LEU HD13 H  N N 200 
LEU HD21 H  N N 201 
LEU HD22 H  N N 202 
LEU HD23 H  N N 203 
LEU HXT  H  N N 204 
LYS N    N  N N 205 
LYS CA   C  N S 206 
LYS C    C  N N 207 
LYS O    O  N N 208 
LYS CB   C  N N 209 
LYS CG   C  N N 210 
LYS CD   C  N N 211 
LYS CE   C  N N 212 
LYS NZ   N  N N 213 
LYS OXT  O  N N 214 
LYS H    H  N N 215 
LYS H2   H  N N 216 
LYS HA   H  N N 217 
LYS HB2  H  N N 218 
LYS HB3  H  N N 219 
LYS HG2  H  N N 220 
LYS HG3  H  N N 221 
LYS HD2  H  N N 222 
LYS HD3  H  N N 223 
LYS HE2  H  N N 224 
LYS HE3  H  N N 225 
LYS HZ1  H  N N 226 
LYS HZ2  H  N N 227 
LYS HZ3  H  N N 228 
LYS HXT  H  N N 229 
MET N    N  N N 230 
MET CA   C  N S 231 
MET C    C  N N 232 
MET O    O  N N 233 
MET CB   C  N N 234 
MET CG   C  N N 235 
MET SD   S  N N 236 
MET CE   C  N N 237 
MET OXT  O  N N 238 
MET H    H  N N 239 
MET H2   H  N N 240 
MET HA   H  N N 241 
MET HB2  H  N N 242 
MET HB3  H  N N 243 
MET HG2  H  N N 244 
MET HG3  H  N N 245 
MET HE1  H  N N 246 
MET HE2  H  N N 247 
MET HE3  H  N N 248 
MET HXT  H  N N 249 
NA  NA   NA N N 250 
PHE N    N  N N 251 
PHE CA   C  N S 252 
PHE C    C  N N 253 
PHE O    O  N N 254 
PHE CB   C  N N 255 
PHE CG   C  Y N 256 
PHE CD1  C  Y N 257 
PHE CD2  C  Y N 258 
PHE CE1  C  Y N 259 
PHE CE2  C  Y N 260 
PHE CZ   C  Y N 261 
PHE OXT  O  N N 262 
PHE H    H  N N 263 
PHE H2   H  N N 264 
PHE HA   H  N N 265 
PHE HB2  H  N N 266 
PHE HB3  H  N N 267 
PHE HD1  H  N N 268 
PHE HD2  H  N N 269 
PHE HE1  H  N N 270 
PHE HE2  H  N N 271 
PHE HZ   H  N N 272 
PHE HXT  H  N N 273 
PRO N    N  N N 274 
PRO CA   C  N S 275 
PRO C    C  N N 276 
PRO O    O  N N 277 
PRO CB   C  N N 278 
PRO CG   C  N N 279 
PRO CD   C  N N 280 
PRO OXT  O  N N 281 
PRO H    H  N N 282 
PRO HA   H  N N 283 
PRO HB2  H  N N 284 
PRO HB3  H  N N 285 
PRO HG2  H  N N 286 
PRO HG3  H  N N 287 
PRO HD2  H  N N 288 
PRO HD3  H  N N 289 
PRO HXT  H  N N 290 
SER N    N  N N 291 
SER CA   C  N S 292 
SER C    C  N N 293 
SER O    O  N N 294 
SER CB   C  N N 295 
SER OG   O  N N 296 
SER OXT  O  N N 297 
SER H    H  N N 298 
SER H2   H  N N 299 
SER HA   H  N N 300 
SER HB2  H  N N 301 
SER HB3  H  N N 302 
SER HG   H  N N 303 
SER HXT  H  N N 304 
THR N    N  N N 305 
THR CA   C  N S 306 
THR C    C  N N 307 
THR O    O  N N 308 
THR CB   C  N R 309 
THR OG1  O  N N 310 
THR CG2  C  N N 311 
THR OXT  O  N N 312 
THR H    H  N N 313 
THR H2   H  N N 314 
THR HA   H  N N 315 
THR HB   H  N N 316 
THR HG1  H  N N 317 
THR HG21 H  N N 318 
THR HG22 H  N N 319 
THR HG23 H  N N 320 
THR HXT  H  N N 321 
TRP N    N  N N 322 
TRP CA   C  N S 323 
TRP C    C  N N 324 
TRP O    O  N N 325 
TRP CB   C  N N 326 
TRP CG   C  Y N 327 
TRP CD1  C  Y N 328 
TRP CD2  C  Y N 329 
TRP NE1  N  Y N 330 
TRP CE2  C  Y N 331 
TRP CE3  C  Y N 332 
TRP CZ2  C  Y N 333 
TRP CZ3  C  Y N 334 
TRP CH2  C  Y N 335 
TRP OXT  O  N N 336 
TRP H    H  N N 337 
TRP H2   H  N N 338 
TRP HA   H  N N 339 
TRP HB2  H  N N 340 
TRP HB3  H  N N 341 
TRP HD1  H  N N 342 
TRP HE1  H  N N 343 
TRP HE3  H  N N 344 
TRP HZ2  H  N N 345 
TRP HZ3  H  N N 346 
TRP HH2  H  N N 347 
TRP HXT  H  N N 348 
TYR N    N  N N 349 
TYR CA   C  N S 350 
TYR C    C  N N 351 
TYR O    O  N N 352 
TYR CB   C  N N 353 
TYR CG   C  Y N 354 
TYR CD1  C  Y N 355 
TYR CD2  C  Y N 356 
TYR CE1  C  Y N 357 
TYR CE2  C  Y N 358 
TYR CZ   C  Y N 359 
TYR OH   O  N N 360 
TYR OXT  O  N N 361 
TYR H    H  N N 362 
TYR H2   H  N N 363 
TYR HA   H  N N 364 
TYR HB2  H  N N 365 
TYR HB3  H  N N 366 
TYR HD1  H  N N 367 
TYR HD2  H  N N 368 
TYR HE1  H  N N 369 
TYR HE2  H  N N 370 
TYR HH   H  N N 371 
TYR HXT  H  N N 372 
VAL N    N  N N 373 
VAL CA   C  N S 374 
VAL C    C  N N 375 
VAL O    O  N N 376 
VAL CB   C  N N 377 
VAL CG1  C  N N 378 
VAL CG2  C  N N 379 
VAL OXT  O  N N 380 
VAL H    H  N N 381 
VAL H2   H  N N 382 
VAL HA   H  N N 383 
VAL HB   H  N N 384 
VAL HG11 H  N N 385 
VAL HG12 H  N N 386 
VAL HG13 H  N N 387 
VAL HG21 H  N N 388 
VAL HG22 H  N N 389 
VAL HG23 H  N N 390 
VAL HXT  H  N N 391 
# 
loop_
_chem_comp_bond.comp_id 
_chem_comp_bond.atom_id_1 
_chem_comp_bond.atom_id_2 
_chem_comp_bond.value_order 
_chem_comp_bond.pdbx_aromatic_flag 
_chem_comp_bond.pdbx_stereo_config 
_chem_comp_bond.pdbx_ordinal 
ALA N   CA   sing N N 1   
ALA N   H    sing N N 2   
ALA N   H2   sing N N 3   
ALA CA  C    sing N N 4   
ALA CA  CB   sing N N 5   
ALA CA  HA   sing N N 6   
ALA C   O    doub N N 7   
ALA C   OXT  sing N N 8   
ALA CB  HB1  sing N N 9   
ALA CB  HB2  sing N N 10  
ALA CB  HB3  sing N N 11  
ALA OXT HXT  sing N N 12  
ARG N   CA   sing N N 13  
ARG N   H    sing N N 14  
ARG N   H2   sing N N 15  
ARG CA  C    sing N N 16  
ARG CA  CB   sing N N 17  
ARG CA  HA   sing N N 18  
ARG C   O    doub N N 19  
ARG C   OXT  sing N N 20  
ARG CB  CG   sing N N 21  
ARG CB  HB2  sing N N 22  
ARG CB  HB3  sing N N 23  
ARG CG  CD   sing N N 24  
ARG CG  HG2  sing N N 25  
ARG CG  HG3  sing N N 26  
ARG CD  NE   sing N N 27  
ARG CD  HD2  sing N N 28  
ARG CD  HD3  sing N N 29  
ARG NE  CZ   sing N N 30  
ARG NE  HE   sing N N 31  
ARG CZ  NH1  sing N N 32  
ARG CZ  NH2  doub N N 33  
ARG NH1 HH11 sing N N 34  
ARG NH1 HH12 sing N N 35  
ARG NH2 HH21 sing N N 36  
ARG NH2 HH22 sing N N 37  
ARG OXT HXT  sing N N 38  
ASN N   CA   sing N N 39  
ASN N   H    sing N N 40  
ASN N   H2   sing N N 41  
ASN CA  C    sing N N 42  
ASN CA  CB   sing N N 43  
ASN CA  HA   sing N N 44  
ASN C   O    doub N N 45  
ASN C   OXT  sing N N 46  
ASN CB  CG   sing N N 47  
ASN CB  HB2  sing N N 48  
ASN CB  HB3  sing N N 49  
ASN CG  OD1  doub N N 50  
ASN CG  ND2  sing N N 51  
ASN ND2 HD21 sing N N 52  
ASN ND2 HD22 sing N N 53  
ASN OXT HXT  sing N N 54  
ASP N   CA   sing N N 55  
ASP N   H    sing N N 56  
ASP N   H2   sing N N 57  
ASP CA  C    sing N N 58  
ASP CA  CB   sing N N 59  
ASP CA  HA   sing N N 60  
ASP C   O    doub N N 61  
ASP C   OXT  sing N N 62  
ASP CB  CG   sing N N 63  
ASP CB  HB2  sing N N 64  
ASP CB  HB3  sing N N 65  
ASP CG  OD1  doub N N 66  
ASP CG  OD2  sing N N 67  
ASP OD2 HD2  sing N N 68  
ASP OXT HXT  sing N N 69  
CYS N   CA   sing N N 70  
CYS N   H    sing N N 71  
CYS N   H2   sing N N 72  
CYS CA  C    sing N N 73  
CYS CA  CB   sing N N 74  
CYS CA  HA   sing N N 75  
CYS C   O    doub N N 76  
CYS C   OXT  sing N N 77  
CYS CB  SG   sing N N 78  
CYS CB  HB2  sing N N 79  
CYS CB  HB3  sing N N 80  
CYS SG  HG   sing N N 81  
CYS OXT HXT  sing N N 82  
GLN N   CA   sing N N 83  
GLN N   H    sing N N 84  
GLN N   H2   sing N N 85  
GLN CA  C    sing N N 86  
GLN CA  CB   sing N N 87  
GLN CA  HA   sing N N 88  
GLN C   O    doub N N 89  
GLN C   OXT  sing N N 90  
GLN CB  CG   sing N N 91  
GLN CB  HB2  sing N N 92  
GLN CB  HB3  sing N N 93  
GLN CG  CD   sing N N 94  
GLN CG  HG2  sing N N 95  
GLN CG  HG3  sing N N 96  
GLN CD  OE1  doub N N 97  
GLN CD  NE2  sing N N 98  
GLN NE2 HE21 sing N N 99  
GLN NE2 HE22 sing N N 100 
GLN OXT HXT  sing N N 101 
GLU N   CA   sing N N 102 
GLU N   H    sing N N 103 
GLU N   H2   sing N N 104 
GLU CA  C    sing N N 105 
GLU CA  CB   sing N N 106 
GLU CA  HA   sing N N 107 
GLU C   O    doub N N 108 
GLU C   OXT  sing N N 109 
GLU CB  CG   sing N N 110 
GLU CB  HB2  sing N N 111 
GLU CB  HB3  sing N N 112 
GLU CG  CD   sing N N 113 
GLU CG  HG2  sing N N 114 
GLU CG  HG3  sing N N 115 
GLU CD  OE1  doub N N 116 
GLU CD  OE2  sing N N 117 
GLU OE2 HE2  sing N N 118 
GLU OXT HXT  sing N N 119 
GLY N   CA   sing N N 120 
GLY N   H    sing N N 121 
GLY N   H2   sing N N 122 
GLY CA  C    sing N N 123 
GLY CA  HA2  sing N N 124 
GLY CA  HA3  sing N N 125 
GLY C   O    doub N N 126 
GLY C   OXT  sing N N 127 
GLY OXT HXT  sing N N 128 
HIS N   CA   sing N N 129 
HIS N   H    sing N N 130 
HIS N   H2   sing N N 131 
HIS CA  C    sing N N 132 
HIS CA  CB   sing N N 133 
HIS CA  HA   sing N N 134 
HIS C   O    doub N N 135 
HIS C   OXT  sing N N 136 
HIS CB  CG   sing N N 137 
HIS CB  HB2  sing N N 138 
HIS CB  HB3  sing N N 139 
HIS CG  ND1  sing Y N 140 
HIS CG  CD2  doub Y N 141 
HIS ND1 CE1  doub Y N 142 
HIS ND1 HD1  sing N N 143 
HIS CD2 NE2  sing Y N 144 
HIS CD2 HD2  sing N N 145 
HIS CE1 NE2  sing Y N 146 
HIS CE1 HE1  sing N N 147 
HIS NE2 HE2  sing N N 148 
HIS OXT HXT  sing N N 149 
HOH O   H1   sing N N 150 
HOH O   H2   sing N N 151 
ILE N   CA   sing N N 152 
ILE N   H    sing N N 153 
ILE N   H2   sing N N 154 
ILE CA  C    sing N N 155 
ILE CA  CB   sing N N 156 
ILE CA  HA   sing N N 157 
ILE C   O    doub N N 158 
ILE C   OXT  sing N N 159 
ILE CB  CG1  sing N N 160 
ILE CB  CG2  sing N N 161 
ILE CB  HB   sing N N 162 
ILE CG1 CD1  sing N N 163 
ILE CG1 HG12 sing N N 164 
ILE CG1 HG13 sing N N 165 
ILE CG2 HG21 sing N N 166 
ILE CG2 HG22 sing N N 167 
ILE CG2 HG23 sing N N 168 
ILE CD1 HD11 sing N N 169 
ILE CD1 HD12 sing N N 170 
ILE CD1 HD13 sing N N 171 
ILE OXT HXT  sing N N 172 
LEU N   CA   sing N N 173 
LEU N   H    sing N N 174 
LEU N   H2   sing N N 175 
LEU CA  C    sing N N 176 
LEU CA  CB   sing N N 177 
LEU CA  HA   sing N N 178 
LEU C   O    doub N N 179 
LEU C   OXT  sing N N 180 
LEU CB  CG   sing N N 181 
LEU CB  HB2  sing N N 182 
LEU CB  HB3  sing N N 183 
LEU CG  CD1  sing N N 184 
LEU CG  CD2  sing N N 185 
LEU CG  HG   sing N N 186 
LEU CD1 HD11 sing N N 187 
LEU CD1 HD12 sing N N 188 
LEU CD1 HD13 sing N N 189 
LEU CD2 HD21 sing N N 190 
LEU CD2 HD22 sing N N 191 
LEU CD2 HD23 sing N N 192 
LEU OXT HXT  sing N N 193 
LYS N   CA   sing N N 194 
LYS N   H    sing N N 195 
LYS N   H2   sing N N 196 
LYS CA  C    sing N N 197 
LYS CA  CB   sing N N 198 
LYS CA  HA   sing N N 199 
LYS C   O    doub N N 200 
LYS C   OXT  sing N N 201 
LYS CB  CG   sing N N 202 
LYS CB  HB2  sing N N 203 
LYS CB  HB3  sing N N 204 
LYS CG  CD   sing N N 205 
LYS CG  HG2  sing N N 206 
LYS CG  HG3  sing N N 207 
LYS CD  CE   sing N N 208 
LYS CD  HD2  sing N N 209 
LYS CD  HD3  sing N N 210 
LYS CE  NZ   sing N N 211 
LYS CE  HE2  sing N N 212 
LYS CE  HE3  sing N N 213 
LYS NZ  HZ1  sing N N 214 
LYS NZ  HZ2  sing N N 215 
LYS NZ  HZ3  sing N N 216 
LYS OXT HXT  sing N N 217 
MET N   CA   sing N N 218 
MET N   H    sing N N 219 
MET N   H2   sing N N 220 
MET CA  C    sing N N 221 
MET CA  CB   sing N N 222 
MET CA  HA   sing N N 223 
MET C   O    doub N N 224 
MET C   OXT  sing N N 225 
MET CB  CG   sing N N 226 
MET CB  HB2  sing N N 227 
MET CB  HB3  sing N N 228 
MET CG  SD   sing N N 229 
MET CG  HG2  sing N N 230 
MET CG  HG3  sing N N 231 
MET SD  CE   sing N N 232 
MET CE  HE1  sing N N 233 
MET CE  HE2  sing N N 234 
MET CE  HE3  sing N N 235 
MET OXT HXT  sing N N 236 
PHE N   CA   sing N N 237 
PHE N   H    sing N N 238 
PHE N   H2   sing N N 239 
PHE CA  C    sing N N 240 
PHE CA  CB   sing N N 241 
PHE CA  HA   sing N N 242 
PHE C   O    doub N N 243 
PHE C   OXT  sing N N 244 
PHE CB  CG   sing N N 245 
PHE CB  HB2  sing N N 246 
PHE CB  HB3  sing N N 247 
PHE CG  CD1  doub Y N 248 
PHE CG  CD2  sing Y N 249 
PHE CD1 CE1  sing Y N 250 
PHE CD1 HD1  sing N N 251 
PHE CD2 CE2  doub Y N 252 
PHE CD2 HD2  sing N N 253 
PHE CE1 CZ   doub Y N 254 
PHE CE1 HE1  sing N N 255 
PHE CE2 CZ   sing Y N 256 
PHE CE2 HE2  sing N N 257 
PHE CZ  HZ   sing N N 258 
PHE OXT HXT  sing N N 259 
PRO N   CA   sing N N 260 
PRO N   CD   sing N N 261 
PRO N   H    sing N N 262 
PRO CA  C    sing N N 263 
PRO CA  CB   sing N N 264 
PRO CA  HA   sing N N 265 
PRO C   O    doub N N 266 
PRO C   OXT  sing N N 267 
PRO CB  CG   sing N N 268 
PRO CB  HB2  sing N N 269 
PRO CB  HB3  sing N N 270 
PRO CG  CD   sing N N 271 
PRO CG  HG2  sing N N 272 
PRO CG  HG3  sing N N 273 
PRO CD  HD2  sing N N 274 
PRO CD  HD3  sing N N 275 
PRO OXT HXT  sing N N 276 
SER N   CA   sing N N 277 
SER N   H    sing N N 278 
SER N   H2   sing N N 279 
SER CA  C    sing N N 280 
SER CA  CB   sing N N 281 
SER CA  HA   sing N N 282 
SER C   O    doub N N 283 
SER C   OXT  sing N N 284 
SER CB  OG   sing N N 285 
SER CB  HB2  sing N N 286 
SER CB  HB3  sing N N 287 
SER OG  HG   sing N N 288 
SER OXT HXT  sing N N 289 
THR N   CA   sing N N 290 
THR N   H    sing N N 291 
THR N   H2   sing N N 292 
THR CA  C    sing N N 293 
THR CA  CB   sing N N 294 
THR CA  HA   sing N N 295 
THR C   O    doub N N 296 
THR C   OXT  sing N N 297 
THR CB  OG1  sing N N 298 
THR CB  CG2  sing N N 299 
THR CB  HB   sing N N 300 
THR OG1 HG1  sing N N 301 
THR CG2 HG21 sing N N 302 
THR CG2 HG22 sing N N 303 
THR CG2 HG23 sing N N 304 
THR OXT HXT  sing N N 305 
TRP N   CA   sing N N 306 
TRP N   H    sing N N 307 
TRP N   H2   sing N N 308 
TRP CA  C    sing N N 309 
TRP CA  CB   sing N N 310 
TRP CA  HA   sing N N 311 
TRP C   O    doub N N 312 
TRP C   OXT  sing N N 313 
TRP CB  CG   sing N N 314 
TRP CB  HB2  sing N N 315 
TRP CB  HB3  sing N N 316 
TRP CG  CD1  doub Y N 317 
TRP CG  CD2  sing Y N 318 
TRP CD1 NE1  sing Y N 319 
TRP CD1 HD1  sing N N 320 
TRP CD2 CE2  doub Y N 321 
TRP CD2 CE3  sing Y N 322 
TRP NE1 CE2  sing Y N 323 
TRP NE1 HE1  sing N N 324 
TRP CE2 CZ2  sing Y N 325 
TRP CE3 CZ3  doub Y N 326 
TRP CE3 HE3  sing N N 327 
TRP CZ2 CH2  doub Y N 328 
TRP CZ2 HZ2  sing N N 329 
TRP CZ3 CH2  sing Y N 330 
TRP CZ3 HZ3  sing N N 331 
TRP CH2 HH2  sing N N 332 
TRP OXT HXT  sing N N 333 
TYR N   CA   sing N N 334 
TYR N   H    sing N N 335 
TYR N   H2   sing N N 336 
TYR CA  C    sing N N 337 
TYR CA  CB   sing N N 338 
TYR CA  HA   sing N N 339 
TYR C   O    doub N N 340 
TYR C   OXT  sing N N 341 
TYR CB  CG   sing N N 342 
TYR CB  HB2  sing N N 343 
TYR CB  HB3  sing N N 344 
TYR CG  CD1  doub Y N 345 
TYR CG  CD2  sing Y N 346 
TYR CD1 CE1  sing Y N 347 
TYR CD1 HD1  sing N N 348 
TYR CD2 CE2  doub Y N 349 
TYR CD2 HD2  sing N N 350 
TYR CE1 CZ   doub Y N 351 
TYR CE1 HE1  sing N N 352 
TYR CE2 CZ   sing Y N 353 
TYR CE2 HE2  sing N N 354 
TYR CZ  OH   sing N N 355 
TYR OH  HH   sing N N 356 
TYR OXT HXT  sing N N 357 
VAL N   CA   sing N N 358 
VAL N   H    sing N N 359 
VAL N   H2   sing N N 360 
VAL CA  C    sing N N 361 
VAL CA  CB   sing N N 362 
VAL CA  HA   sing N N 363 
VAL C   O    doub N N 364 
VAL C   OXT  sing N N 365 
VAL CB  CG1  sing N N 366 
VAL CB  CG2  sing N N 367 
VAL CB  HB   sing N N 368 
VAL CG1 HG11 sing N N 369 
VAL CG1 HG12 sing N N 370 
VAL CG1 HG13 sing N N 371 
VAL CG2 HG21 sing N N 372 
VAL CG2 HG22 sing N N 373 
VAL CG2 HG23 sing N N 374 
VAL OXT HXT  sing N N 375 
# 
_pdbx_audit_support.funding_organization   'Council of Scientific & Industrial Research (CSIR)' 
_pdbx_audit_support.country                India 
_pdbx_audit_support.grant_number           ? 
_pdbx_audit_support.ordinal                1 
# 
_atom_sites.entry_id                    7CY1 
_atom_sites.Cartn_transf_matrix[1][1]   ? 
_atom_sites.Cartn_transf_matrix[1][2]   ? 
_atom_sites.Cartn_transf_matrix[1][3]   ? 
_atom_sites.Cartn_transf_matrix[2][1]   ? 
_atom_sites.Cartn_transf_matrix[2][2]   ? 
_atom_sites.Cartn_transf_matrix[2][3]   ? 
_atom_sites.Cartn_transf_matrix[3][1]   ? 
_atom_sites.Cartn_transf_matrix[3][2]   ? 
_atom_sites.Cartn_transf_matrix[3][3]   ? 
_atom_sites.Cartn_transf_vector[1]      ? 
_atom_sites.Cartn_transf_vector[2]      ? 
_atom_sites.Cartn_transf_vector[3]      ? 
_atom_sites.Cartn_transform_axes        ? 
_atom_sites.fract_transf_matrix[1][1]   -0.00753042 
_atom_sites.fract_transf_matrix[1][2]   -0.00783468 
_atom_sites.fract_transf_matrix[1][3]   0.00488775 
_atom_sites.fract_transf_matrix[2][1]   -0.00101922 
_atom_sites.fract_transf_matrix[2][2]   -0.00068769 
_atom_sites.fract_transf_matrix[2][3]   0.01185139 
_atom_sites.fract_transf_matrix[3][1]   -0.01253878 
_atom_sites.fract_transf_matrix[3][2]   0.01180652 
_atom_sites.fract_transf_matrix[3][3]   -0.00039325 
_atom_sites.fract_transf_vector[1]      0.452367 
_atom_sites.fract_transf_vector[2]      0.319853 
_atom_sites.fract_transf_vector[3]      -0.220062 
_atom_sites.solution_primary            ? 
_atom_sites.solution_secondary          ? 
_atom_sites.solution_hydrogens          ? 
_atom_sites.special_details             ? 
# 
loop_
_atom_type.symbol 
C  
N  
NA 
O  
S  
# 
loop_
_atom_site.group_PDB 
_atom_site.id 
_atom_site.type_symbol 
_atom_site.label_atom_id 
_atom_site.label_alt_id 
_atom_site.label_comp_id 
_atom_site.label_asym_id 
_atom_site.label_entity_id 
_atom_site.label_seq_id 
_atom_site.pdbx_PDB_ins_code 
_atom_site.Cartn_x 
_atom_site.Cartn_y 
_atom_site.Cartn_z 
_atom_site.occupancy 
_atom_site.B_iso_or_equiv 
_atom_site.pdbx_formal_charge 
_atom_site.auth_seq_id 
_atom_site.auth_comp_id 
_atom_site.auth_asym_id 
_atom_site.auth_atom_id 
_atom_site.pdbx_PDB_model_num 
ATOM   1   N  N   . MET A 1 1   ? 3.069   -11.739 -10.485 1.00 77.81  ? 1   MET A N   1 
ATOM   2   C  CA  . MET A 1 1   ? 1.965   -11.899 -9.518  1.00 74.89  ? 1   MET A CA  1 
ATOM   3   C  C   . MET A 1 1   ? 2.166   -13.154 -8.661  1.00 73.98  ? 1   MET A C   1 
ATOM   4   O  O   . MET A 1 1   ? 1.150   -13.698 -8.193  1.00 70.19  ? 1   MET A O   1 
ATOM   5   C  CB  . MET A 1 1   ? 0.614   -11.990 -10.233 1.00 76.53  ? 1   MET A CB  1 
ATOM   6   C  CG  . MET A 1 1   ? 0.422   -13.220 -11.078 1.00 78.13  ? 1   MET A CG  1 
ATOM   7   S  SD  . MET A 1 1   ? -1.196  -13.127 -11.875 1.00 97.65  ? 1   MET A SD  1 
ATOM   8   C  CE  . MET A 1 1   ? -0.773  -12.385 -13.452 1.00 79.23  ? 1   MET A CE  1 
ATOM   9   N  N   . SER A 1 2   ? 3.417   -13.580 -8.446  1.00 72.96  ? 2   SER A N   1 
ATOM   10  C  CA  . SER A 1 2   ? 3.832   -14.386 -7.263  1.00 76.71  ? 2   SER A CA  1 
ATOM   11  C  C   . SER A 1 2   ? 3.481   -13.585 -6.008  1.00 69.18  ? 2   SER A C   1 
ATOM   12  O  O   . SER A 1 2   ? 3.171   -14.195 -4.963  1.00 73.31  ? 2   SER A O   1 
ATOM   13  C  CB  . SER A 1 2   ? 5.306   -14.701 -7.278  1.00 77.77  ? 2   SER A CB  1 
ATOM   14  O  OG  . SER A 1 2   ? 5.649   -15.508 -8.387  1.00 81.75  ? 2   SER A OG  1 
ATOM   15  N  N   . PHE A 1 3   ? 3.542   -12.259 -6.146  1.00 60.98  ? 3   PHE A N   1 
ATOM   16  C  CA  . PHE A 1 3   ? 3.231   -11.250 -5.105  1.00 58.51  ? 3   PHE A CA  1 
ATOM   17  C  C   . PHE A 1 3   ? 1.832   -11.433 -4.529  1.00 50.86  ? 3   PHE A C   1 
ATOM   18  O  O   . PHE A 1 3   ? 1.676   -11.117 -3.347  1.00 55.11  ? 3   PHE A O   1 
ATOM   19  C  CB  . PHE A 1 3   ? 3.261   -9.837  -5.686  1.00 55.81  ? 3   PHE A CB  1 
ATOM   20  C  CG  . PHE A 1 3   ? 4.578   -9.460  -6.291  1.00 52.92  ? 3   PHE A CG  1 
ATOM   21  C  CD1 . PHE A 1 3   ? 5.762   -9.710  -5.616  1.00 55.35  ? 3   PHE A CD1 1 
ATOM   22  C  CD2 . PHE A 1 3   ? 4.633   -8.859  -7.535  1.00 53.88  ? 3   PHE A CD2 1 
ATOM   23  C  CE1 . PHE A 1 3   ? 6.984   -9.345  -6.165  1.00 57.92  ? 3   PHE A CE1 1 
ATOM   24  C  CE2 . PHE A 1 3   ? 5.854   -8.508  -8.093  1.00 56.62  ? 3   PHE A CE2 1 
ATOM   25  C  CZ  . PHE A 1 3   ? 7.028   -8.737  -7.401  1.00 61.23  ? 3   PHE A CZ  1 
ATOM   26  N  N   . ARG A 1 4   ? 0.847   -11.853 -5.330  1.00 45.99  ? 4   ARG A N   1 
ATOM   27  C  CA  . ARG A 1 4   ? -0.563  -11.540 -5.006  1.00 44.51  ? 4   ARG A CA  1 
ATOM   28  C  C   . ARG A 1 4   ? -1.005  -12.218 -3.710  1.00 41.57  ? 4   ARG A C   1 
ATOM   29  O  O   . ARG A 1 4   ? -1.867  -11.638 -3.006  1.00 47.14  ? 4   ARG A O   1 
ATOM   30  C  CB  . ARG A 1 4   ? -1.540  -11.846 -6.139  1.00 46.48  ? 4   ARG A CB  1 
ATOM   31  C  CG  . ARG A 1 4   ? -2.893  -11.198 -5.869  1.00 48.29  ? 4   ARG A CG  1 
ATOM   32  C  CD  . ARG A 1 4   ? -3.855  -11.165 -7.030  1.00 49.77  ? 4   ARG A CD  1 
ATOM   33  N  NE  . ARG A 1 4   ? -3.236  -10.643 -8.240  1.00 51.04  ? 4   ARG A NE  1 
ATOM   34  C  CZ  . ARG A 1 4   ? -3.734  -10.802 -9.465  1.00 50.36  ? 4   ARG A CZ  1 
ATOM   35  N  NH1 . ARG A 1 4   ? -3.106  -10.301 -10.517 1.00 46.62  ? 4   ARG A NH1 1 
ATOM   36  N  NH2 . ARG A 1 4   ? -4.855  -11.478 -9.633  1.00 52.15  ? 4   ARG A NH2 1 
ATOM   37  N  N   . THR A 1 5   ? -0.493  -13.403 -3.399  1.00 44.78  ? 5   THR A N   1 
ATOM   38  C  CA  . THR A 1 5   ? -0.834  -14.113 -2.127  1.00 43.55  ? 5   THR A CA  1 
ATOM   39  C  C   . THR A 1 5   ? -0.411  -13.236 -0.926  1.00 37.28  ? 5   THR A C   1 
ATOM   40  O  O   . THR A 1 5   ? -1.195  -13.124 0.025   1.00 38.70  ? 5   THR A O   1 
ATOM   41  C  CB  . THR A 1 5   ? -0.230  -15.528 -2.085  1.00 46.31  ? 5   THR A CB  1 
ATOM   42  O  OG1 . THR A 1 5   ? -0.683  -16.112 -0.862  1.00 51.96  ? 5   THR A OG1 1 
ATOM   43  C  CG2 . THR A 1 5   ? 1.281   -15.564 -2.152  1.00 46.64  ? 5   THR A CG2 1 
ATOM   44  N  N   . HIS A 1 6   ? 0.755   -12.595 -0.999  1.00 37.35  ? 6   HIS A N   1 
ATOM   45  C  CA  . HIS A 1 6   ? 1.291   -11.678 0.044   1.00 41.00  ? 6   HIS A CA  1 
ATOM   46  C  C   . HIS A 1 6   ? 0.412   -10.415 0.157   1.00 43.25  ? 6   HIS A C   1 
ATOM   47  O  O   . HIS A 1 6   ? 0.037   -10.069 1.292   1.00 40.21  ? 6   HIS A O   1 
ATOM   48  C  CB  . HIS A 1 6   ? 2.749   -11.365 -0.266  1.00 41.33  ? 6   HIS A CB  1 
ATOM   49  C  CG  . HIS A 1 6   ? 3.571   -12.597 -0.299  1.00 46.92  ? 6   HIS A CG  1 
ATOM   50  N  ND1 . HIS A 1 6   ? 3.475   -13.556 0.685   1.00 48.91  ? 6   HIS A ND1 1 
ATOM   51  C  CD2 . HIS A 1 6   ? 4.487   -13.037 -1.181  1.00 51.65  ? 6   HIS A CD2 1 
ATOM   52  C  CE1 . HIS A 1 6   ? 4.300   -14.542 0.408   1.00 50.89  ? 6   HIS A CE1 1 
ATOM   53  N  NE2 . HIS A 1 6   ? 4.936   -14.245 -0.730  1.00 53.68  ? 6   HIS A NE2 1 
ATOM   54  N  N   . LEU A 1 7   ? 0.057   -9.795  -0.980  1.00 40.09  ? 7   LEU A N   1 
ATOM   55  C  CA  . LEU A 1 7   ? -0.836  -8.601  -1.041  1.00 38.76  ? 7   LEU A CA  1 
ATOM   56  C  C   . LEU A 1 7   ? -2.176  -8.947  -0.405  1.00 39.80  ? 7   LEU A C   1 
ATOM   57  O  O   . LEU A 1 7   ? -2.716  -8.108  0.342   1.00 37.14  ? 7   LEU A O   1 
ATOM   58  C  CB  . LEU A 1 7   ? -1.029  -8.122  -2.484  1.00 35.33  ? 7   LEU A CB  1 
ATOM   59  C  CG  . LEU A 1 7   ? 0.255   -7.887  -3.265  1.00 34.93  ? 7   LEU A CG  1 
ATOM   60  C  CD1 . LEU A 1 7   ? -0.028  -7.389  -4.676  1.00 35.80  ? 7   LEU A CD1 1 
ATOM   61  C  CD2 . LEU A 1 7   ? 1.174   -6.939  -2.517  1.00 35.94  ? 7   LEU A CD2 1 
ATOM   62  N  N   . GLU A 1 8   ? -2.694  -10.142 -0.675  1.00 38.66  ? 8   GLU A N   1 
ATOM   63  C  CA  . GLU A 1 8   ? -3.996  -10.575 -0.107  1.00 39.31  ? 8   GLU A CA  1 
ATOM   64  C  C   . GLU A 1 8   ? -3.884  -10.734 1.420   1.00 35.97  ? 8   GLU A C   1 
ATOM   65  O  O   . GLU A 1 8   ? -4.860  -10.409 2.130   1.00 36.75  ? 8   GLU A O   1 
ATOM   66  C  CB  . GLU A 1 8   ? -4.442  -11.881 -0.772  1.00 46.10  ? 8   GLU A CB  1 
ATOM   67  C  CG  . GLU A 1 8   ? -5.741  -12.420 -0.200  1.00 47.91  ? 8   GLU A CG  1 
ATOM   68  C  CD  . GLU A 1 8   ? -6.239  -13.727 -0.801  1.00 59.43  ? 8   GLU A CD  1 
ATOM   69  O  OE1 . GLU A 1 8   ? -5.404  -14.491 -1.356  1.00 58.31  ? 8   GLU A OE1 1 
ATOM   70  O  OE2 . GLU A 1 8   ? -7.466  -13.989 -0.701  1.00 61.50  ? 8   GLU A OE2 1 
ATOM   71  N  N   . SER A 1 9   ? -2.769  -11.266 1.918   1.00 41.27  ? 9   SER A N   1 
ATOM   72  C  CA  . SER A 1 9   ? -2.556  -11.511 3.368   1.00 42.53  ? 9   SER A CA  1 
ATOM   73  C  C   . SER A 1 9   ? -2.672  -10.182 4.113   1.00 43.24  ? 9   SER A C   1 
ATOM   74  O  O   . SER A 1 9   ? -3.433  -10.106 5.105   1.00 39.71  ? 9   SER A O   1 
ATOM   75  C  CB  . SER A 1 9   ? -1.219  -12.151 3.611   1.00 48.41  ? 9   SER A CB  1 
ATOM   76  O  OG  . SER A 1 9   ? -1.185  -12.704 4.918   1.00 56.64  ? 9   SER A OG  1 
ATOM   77  N  N   . VAL A 1 10  ? -1.989  -9.155  3.592   1.00 39.44  ? 10  VAL A N   1 
ATOM   78  C  CA  . VAL A 1 10  ? -1.977  -7.794  4.192   1.00 40.62  ? 10  VAL A CA  1 
ATOM   79  C  C   . VAL A 1 10  ? -3.411  -7.291  4.306   1.00 41.60  ? 10  VAL A C   1 
ATOM   80  O  O   . VAL A 1 10  ? -3.777  -6.828  5.384   1.00 41.76  ? 10  VAL A O   1 
ATOM   81  C  CB  . VAL A 1 10  ? -1.134  -6.790  3.390   1.00 40.52  ? 10  VAL A CB  1 
ATOM   82  C  CG1 . VAL A 1 10  ? -1.211  -5.409  4.026   1.00 43.97  ? 10  VAL A CG1 1 
ATOM   83  C  CG2 . VAL A 1 10  ? 0.310   -7.235  3.267   1.00 43.19  ? 10  VAL A CG2 1 
ATOM   84  N  N   . VAL A 1 11  ? -4.184  -7.366  3.224   1.00 39.56  ? 11  VAL A N   1 
ATOM   85  C  CA  . VAL A 1 11  ? -5.554  -6.780  3.195   1.00 40.27  ? 11  VAL A CA  1 
ATOM   86  C  C   . VAL A 1 11  ? -6.465  -7.541  4.171   1.00 40.91  ? 11  VAL A C   1 
ATOM   87  O  O   . VAL A 1 11  ? -7.284  -6.901  4.871   1.00 39.94  ? 11  VAL A O   1 
ATOM   88  C  CB  . VAL A 1 11  ? -6.104  -6.807  1.766   1.00 40.44  ? 11  VAL A CB  1 
ATOM   89  C  CG1 . VAL A 1 11  ? -7.585  -6.466  1.750   1.00 45.56  ? 11  VAL A CG1 1 
ATOM   90  C  CG2 . VAL A 1 11  ? -5.304  -5.888  0.862   1.00 40.29  ? 11  VAL A CG2 1 
ATOM   91  N  N   . ASN A 1 12  ? -6.342  -8.865  4.200   1.00 39.31  ? 12  ASN A N   1 
ATOM   92  C  CA  . ASN A 1 12  ? -7.128  -9.745  5.102   1.00 47.23  ? 12  ASN A CA  1 
ATOM   93  C  C   . ASN A 1 12  ? -6.787  -9.443  6.574   1.00 45.93  ? 12  ASN A C   1 
ATOM   94  O  O   . ASN A 1 12  ? -7.679  -9.585  7.416   1.00 47.30  ? 12  ASN A O   1 
ATOM   95  C  CB  . ASN A 1 12  ? -6.879  -11.224 4.794   1.00 45.97  ? 12  ASN A CB  1 
ATOM   96  C  CG  . ASN A 1 12  ? -7.345  -11.656 3.420   1.00 51.36  ? 12  ASN A CG  1 
ATOM   97  O  OD1 . ASN A 1 12  ? -8.187  -11.013 2.786   1.00 53.02  ? 12  ASN A OD1 1 
ATOM   98  N  ND2 . ASN A 1 12  ? -6.787  -12.757 2.949   1.00 53.00  ? 12  ASN A ND2 1 
ATOM   99  N  N   . GLN A 1 13  ? -5.541  -9.061  6.872   1.00 44.34  ? 13  GLN A N   1 
ATOM   100 C  CA  . GLN A 1 13  ? -5.054  -8.876  8.264   1.00 45.20  ? 13  GLN A CA  1 
ATOM   101 C  C   . GLN A 1 13  ? -5.373  -7.479  8.804   1.00 49.92  ? 13  GLN A C   1 
ATOM   102 O  O   . GLN A 1 13  ? -5.307  -7.304  10.015  1.00 52.35  ? 13  GLN A O   1 
ATOM   103 C  CB  . GLN A 1 13  ? -3.549  -9.080  8.324   1.00 42.62  ? 13  GLN A CB  1 
ATOM   104 C  CG  . GLN A 1 13  ? -3.156  -10.539 8.351   1.00 42.10  ? 13  GLN A CG  1 
ATOM   105 C  CD  . GLN A 1 13  ? -1.717  -10.655 8.772   1.00 45.16  ? 13  GLN A CD  1 
ATOM   106 O  OE1 . GLN A 1 13  ? -1.370  -10.427 9.928   1.00 55.98  ? 13  GLN A OE1 1 
ATOM   107 N  NE2 . GLN A 1 13  ? -0.864  -10.982 7.826   1.00 41.21  ? 13  GLN A NE2 1 
ATOM   108 N  N   . VAL A 1 14  ? -5.641  -6.508  7.941   1.00 46.47  ? 14  VAL A N   1 
ATOM   109 C  CA  . VAL A 1 14  ? -5.685  -5.077  8.334   1.00 44.62  ? 14  VAL A CA  1 
ATOM   110 C  C   . VAL A 1 14  ? -7.117  -4.568  8.168   1.00 47.14  ? 14  VAL A C   1 
ATOM   111 O  O   . VAL A 1 14  ? -7.618  -4.560  7.025   1.00 53.93  ? 14  VAL A O   1 
ATOM   112 C  CB  . VAL A 1 14  ? -4.664  -4.264  7.514   1.00 45.31  ? 14  VAL A CB  1 
ATOM   113 C  CG1 . VAL A 1 14  ? -4.790  -2.772  7.797   1.00 44.40  ? 14  VAL A CG1 1 
ATOM   114 C  CG2 . VAL A 1 14  ? -3.233  -4.754  7.745   1.00 42.91  ? 14  VAL A CG2 1 
ATOM   115 N  N   . GLU A 1 15  ? -7.742  -4.160  9.274   1.00 49.16  ? 15  GLU A N   1 
ATOM   116 C  CA  . GLU A 1 15  ? -9.100  -3.568  9.287   1.00 56.67  ? 15  GLU A CA  1 
ATOM   117 C  C   . GLU A 1 15  ? -9.053  -2.223  8.562   1.00 50.42  ? 15  GLU A C   1 
ATOM   118 O  O   . GLU A 1 15  ? -8.183  -1.399  8.886   1.00 48.26  ? 15  GLU A O   1 
ATOM   119 C  CB  . GLU A 1 15  ? -9.620  -3.407  10.717  1.00 67.87  ? 15  GLU A CB  1 
ATOM   120 C  CG  . GLU A 1 15  ? -10.120 -4.712  11.309  1.00 81.71  ? 15  GLU A CG  1 
ATOM   121 C  CD  . GLU A 1 15  ? -10.927 -4.584  12.592  1.00 100.60 ? 15  GLU A CD  1 
ATOM   122 O  OE1 . GLU A 1 15  ? -10.878 -3.499  13.226  1.00 106.79 ? 15  GLU A OE1 1 
ATOM   123 O  OE2 . GLU A 1 15  ? -11.606 -5.572  12.960  1.00 113.39 ? 15  GLU A OE2 1 
ATOM   124 N  N   . GLY A 1 16  ? -9.959  -2.041  7.606   1.00 46.20  ? 16  GLY A N   1 
ATOM   125 C  CA  . GLY A 1 16  ? -10.121 -0.807  6.820   1.00 45.51  ? 16  GLY A CA  1 
ATOM   126 C  C   . GLY A 1 16  ? -9.263  -0.806  5.572   1.00 43.60  ? 16  GLY A C   1 
ATOM   127 O  O   . GLY A 1 16  ? -9.349  0.185   4.831   1.00 45.33  ? 16  GLY A O   1 
ATOM   128 N  N   . ALA A 1 17  ? -8.481  -1.870  5.345   1.00 41.70  ? 17  ALA A N   1 
ATOM   129 C  CA  . ALA A 1 17  ? -7.586  -2.030  4.173   1.00 41.09  ? 17  ALA A CA  1 
ATOM   130 C  C   . ALA A 1 17  ? -8.399  -1.979  2.878   1.00 39.70  ? 17  ALA A C   1 
ATOM   131 O  O   . ALA A 1 17  ? -9.254  -2.832  2.722   1.00 42.26  ? 17  ALA A O   1 
ATOM   132 C  CB  . ALA A 1 17  ? -6.812  -3.321  4.278   1.00 38.80  ? 17  ALA A CB  1 
ATOM   133 N  N   . LEU A 1 18  ? -8.100  -1.031  1.980   1.00 42.64  ? 18  LEU A N   1 
ATOM   134 C  CA  . LEU A 1 18  ? -8.722  -0.911  0.635   1.00 42.54  ? 18  LEU A CA  1 
ATOM   135 C  C   . LEU A 1 18  ? -7.974  -1.802  -0.361  1.00 42.76  ? 18  LEU A C   1 
ATOM   136 O  O   . LEU A 1 18  ? -8.624  -2.446  -1.221  1.00 38.18  ? 18  LEU A O   1 
ATOM   137 C  CB  . LEU A 1 18  ? -8.649  0.533   0.141   1.00 43.36  ? 18  LEU A CB  1 
ATOM   138 C  CG  . LEU A 1 18  ? -9.229  1.602   1.062   1.00 49.20  ? 18  LEU A CG  1 
ATOM   139 C  CD1 . LEU A 1 18  ? -9.215  2.950   0.364   1.00 50.78  ? 18  LEU A CD1 1 
ATOM   140 C  CD2 . LEU A 1 18  ? -10.643 1.237   1.490   1.00 53.69  ? 18  LEU A CD2 1 
ATOM   141 N  N   . ALA A 1 19  ? -6.642  -1.759  -0.316  1.00 39.30  ? 19  ALA A N   1 
ATOM   142 C  CA  . ALA A 1 19  ? -5.795  -2.352  -1.364  1.00 35.54  ? 19  ALA A CA  1 
ATOM   143 C  C   . ALA A 1 19  ? -4.360  -2.427  -0.886  1.00 32.77  ? 19  ALA A C   1 
ATOM   144 O  O   . ALA A 1 19  ? -3.933  -1.539  -0.143  1.00 35.16  ? 19  ALA A O   1 
ATOM   145 C  CB  . ALA A 1 19  ? -5.897  -1.542  -2.635  1.00 36.50  ? 19  ALA A CB  1 
ATOM   146 N  N   . CYS A 1 20  ? -3.659  -3.449  -1.347  1.00 30.99  ? 20  CYS A N   1 
ATOM   147 C  CA  . CYS A 1 20  ? -2.194  -3.569  -1.235  1.00 34.69  ? 20  CYS A CA  1 
ATOM   148 C  C   . CYS A 1 20  ? -1.630  -3.854  -2.619  1.00 33.37  ? 20  CYS A C   1 
ATOM   149 O  O   . CYS A 1 20  ? -2.166  -4.733  -3.302  1.00 37.33  ? 20  CYS A O   1 
ATOM   150 C  CB  . CYS A 1 20  ? -1.803  -4.659  -0.252  1.00 37.36  ? 20  CYS A CB  1 
ATOM   151 S  SG  . CYS A 1 20  ? -0.075  -4.505  0.246   1.00 38.15  ? 20  CYS A SG  1 
ATOM   152 N  N   . SER A 1 21  ? -0.623  -3.106  -3.044  1.00 31.84  ? 21  SER A N   1 
ATOM   153 C  CA  . SER A 1 21  ? -0.145  -3.163  -4.442  1.00 32.25  ? 21  SER A CA  1 
ATOM   154 C  C   . SER A 1 21  ? 1.362   -3.125  -4.505  1.00 33.99  ? 21  SER A C   1 
ATOM   155 O  O   . SER A 1 21  ? 1.972   -2.603  -3.551  1.00 34.02  ? 21  SER A O   1 
ATOM   156 C  CB  . SER A 1 21  ? -0.722  -2.044  -5.201  1.00 33.53  ? 21  SER A CB  1 
ATOM   157 O  OG  . SER A 1 21  ? -2.127  -2.049  -5.011  1.00 37.09  ? 21  SER A OG  1 
ATOM   158 N  N   . VAL A 1 22  ? 1.916   -3.657  -5.596  1.00 33.52  ? 22  VAL A N   1 
ATOM   159 C  CA  . VAL A 1 22  ? 3.319   -3.397  -5.990  1.00 34.17  ? 22  VAL A CA  1 
ATOM   160 C  C   . VAL A 1 22  ? 3.274   -2.443  -7.176  1.00 35.56  ? 22  VAL A C   1 
ATOM   161 O  O   . VAL A 1 22  ? 2.508   -2.700  -8.097  1.00 35.28  ? 22  VAL A O   1 
ATOM   162 C  CB  . VAL A 1 22  ? 4.084   -4.694  -6.302  1.00 34.67  ? 22  VAL A CB  1 
ATOM   163 C  CG1 . VAL A 1 22  ? 5.473   -4.403  -6.834  1.00 35.84  ? 22  VAL A CG1 1 
ATOM   164 C  CG2 . VAL A 1 22  ? 4.166   -5.595  -5.083  1.00 35.29  ? 22  VAL A CG2 1 
ATOM   165 N  N   . MET A 1 23  ? 4.078   -1.394  -7.103  1.00 33.84  ? 23  MET A N   1 
ATOM   166 C  CA  . MET A 1 23  ? 4.116   -0.219  -7.995  1.00 38.76  ? 23  MET A CA  1 
ATOM   167 C  C   . MET A 1 23  ? 5.571   -0.038  -8.438  1.00 38.72  ? 23  MET A C   1 
ATOM   168 O  O   . MET A 1 23  ? 6.470   -0.237  -7.596  1.00 38.04  ? 23  MET A O   1 
ATOM   169 C  CB  . MET A 1 23  ? 3.633   1.010   -7.218  1.00 44.28  ? 23  MET A CB  1 
ATOM   170 C  CG  . MET A 1 23  ? 3.543   2.275   -8.031  1.00 54.82  ? 23  MET A CG  1 
ATOM   171 S  SD  . MET A 1 23  ? 2.136   2.259   -9.165  1.00 70.76  ? 23  MET A SD  1 
ATOM   172 C  CE  . MET A 1 23  ? 0.850   1.641   -8.071  1.00 65.60  ? 23  MET A CE  1 
ATOM   173 N  N   . GLY A 1 24  ? 5.805   0.237   -9.723  1.00 39.43  ? 24  GLY A N   1 
ATOM   174 C  CA  . GLY A 1 24  ? 7.128   0.650   -10.226 1.00 39.57  ? 24  GLY A CA  1 
ATOM   175 C  C   . GLY A 1 24  ? 7.364   2.137   -10.038 1.00 39.18  ? 24  GLY A C   1 
ATOM   176 O  O   . GLY A 1 24  ? 6.383   2.896   -10.013 1.00 39.51  ? 24  GLY A O   1 
ATOM   177 N  N   . PHE A 1 25  ? 8.623   2.564   -9.933  1.00 42.83  ? 25  PHE A N   1 
ATOM   178 C  CA  . PHE A 1 25  ? 9.008   3.999   -9.929  1.00 48.09  ? 25  PHE A CA  1 
ATOM   179 C  C   . PHE A 1 25  ? 8.808   4.604   -11.334 1.00 51.94  ? 25  PHE A C   1 
ATOM   180 O  O   . PHE A 1 25  ? 8.760   5.847   -11.482 1.00 51.99  ? 25  PHE A O   1 
ATOM   181 C  CB  . PHE A 1 25  ? 10.438  4.152   -9.409  1.00 51.19  ? 25  PHE A CB  1 
ATOM   182 C  CG  . PHE A 1 25  ? 10.585  3.856   -7.941  1.00 48.98  ? 25  PHE A CG  1 
ATOM   183 C  CD1 . PHE A 1 25  ? 10.106  4.749   -6.992  1.00 49.36  ? 25  PHE A CD1 1 
ATOM   184 C  CD2 . PHE A 1 25  ? 11.164  2.669   -7.506  1.00 45.51  ? 25  PHE A CD2 1 
ATOM   185 C  CE1 . PHE A 1 25  ? 10.243  4.478   -5.640  1.00 47.00  ? 25  PHE A CE1 1 
ATOM   186 C  CE2 . PHE A 1 25  ? 11.291  2.398   -6.152  1.00 43.54  ? 25  PHE A CE2 1 
ATOM   187 C  CZ  . PHE A 1 25  ? 10.818  3.296   -5.224  1.00 44.14  ? 25  PHE A CZ  1 
ATOM   188 N  N   . ASP A 1 26  ? 8.658   3.760   -12.354 1.00 53.92  ? 26  ASP A N   1 
ATOM   189 C  CA  . ASP A 1 26  ? 8.261   4.191   -13.723 1.00 59.69  ? 26  ASP A CA  1 
ATOM   190 C  C   . ASP A 1 26  ? 6.788   4.610   -13.715 1.00 58.19  ? 26  ASP A C   1 
ATOM   191 O  O   . ASP A 1 26  ? 6.315   5.097   -14.739 1.00 65.70  ? 26  ASP A O   1 
ATOM   192 C  CB  . ASP A 1 26  ? 8.524   3.092   -14.759 1.00 62.70  ? 26  ASP A CB  1 
ATOM   193 C  CG  . ASP A 1 26  ? 7.748   1.799   -14.555 1.00 64.89  ? 26  ASP A CG  1 
ATOM   194 O  OD1 . ASP A 1 26  ? 6.941   1.727   -13.607 1.00 68.25  ? 26  ASP A OD1 1 
ATOM   195 O  OD2 . ASP A 1 26  ? 7.967   0.870   -15.349 1.00 68.19  ? 26  ASP A OD2 1 
ATOM   196 N  N   . GLY A 1 27  ? 6.087   4.395   -12.602 1.00 56.87  ? 27  GLY A N   1 
ATOM   197 C  CA  . GLY A 1 27  ? 4.681   4.786   -12.416 1.00 55.55  ? 27  GLY A CA  1 
ATOM   198 C  C   . GLY A 1 27  ? 3.709   3.727   -12.911 1.00 51.17  ? 27  GLY A C   1 
ATOM   199 O  O   . GLY A 1 27  ? 2.523   4.020   -12.948 1.00 49.99  ? 27  GLY A O   1 
ATOM   200 N  N   . ILE A 1 28  ? 4.168   2.526   -13.255 1.00 47.85  ? 28  ILE A N   1 
ATOM   201 C  CA  . ILE A 1 28  ? 3.259   1.457   -13.756 1.00 48.26  ? 28  ILE A CA  1 
ATOM   202 C  C   . ILE A 1 28  ? 3.048   0.438   -12.638 1.00 44.34  ? 28  ILE A C   1 
ATOM   203 O  O   . ILE A 1 28  ? 4.038   -0.059  -12.109 1.00 43.41  ? 28  ILE A O   1 
ATOM   204 C  CB  . ILE A 1 28  ? 3.817   0.830   -15.042 1.00 49.87  ? 28  ILE A CB  1 
ATOM   205 C  CG1 . ILE A 1 28  ? 3.710   1.819   -16.208 1.00 55.53  ? 28  ILE A CG1 1 
ATOM   206 C  CG2 . ILE A 1 28  ? 3.124   -0.491  -15.344 1.00 49.93  ? 28  ILE A CG2 1 
ATOM   207 C  CD1 . ILE A 1 28  ? 4.924   1.814   -17.130 1.00 57.48  ? 28  ILE A CD1 1 
ATOM   208 N  N   . SER A 1 29  ? 1.789   0.176   -12.289 1.00 39.15  ? 29  SER A N   1 
ATOM   209 C  CA  . SER A 1 29  ? 1.390   -0.822  -11.273 1.00 43.22  ? 29  SER A CA  1 
ATOM   210 C  C   . SER A 1 29  ? 1.653   -2.220  -11.821 1.00 42.90  ? 29  SER A C   1 
ATOM   211 O  O   . SER A 1 29  ? 1.423   -2.449  -13.007 1.00 40.71  ? 29  SER A O   1 
ATOM   212 C  CB  . SER A 1 29  ? -0.034  -0.643  -10.822 1.00 44.19  ? 29  SER A CB  1 
ATOM   213 O  OG  . SER A 1 29  ? -0.962  -0.907  -11.861 1.00 63.77  ? 29  SER A OG  1 
ATOM   214 N  N   . VAL A 1 30  ? 2.129   -3.108  -10.960 1.00 40.62  ? 30  VAL A N   1 
ATOM   215 C  CA  . VAL A 1 30  ? 2.575   -4.476  -11.328 1.00 40.20  ? 30  VAL A CA  1 
ATOM   216 C  C   . VAL A 1 30  ? 1.508   -5.453  -10.869 1.00 38.61  ? 30  VAL A C   1 
ATOM   217 O  O   . VAL A 1 30  ? 1.124   -6.290  -11.657 1.00 41.24  ? 30  VAL A O   1 
ATOM   218 C  CB  . VAL A 1 30  ? 3.930   -4.797  -10.680 1.00 44.47  ? 30  VAL A CB  1 
ATOM   219 C  CG1 . VAL A 1 30  ? 4.325   -6.241  -10.921 1.00 46.95  ? 30  VAL A CG1 1 
ATOM   220 C  CG2 . VAL A 1 30  ? 5.012   -3.845  -11.155 1.00 45.94  ? 30  VAL A CG2 1 
ATOM   221 N  N   . ASP A 1 31  ? 1.066   -5.344  -9.618  1.00 39.21  ? 31  ASP A N   1 
ATOM   222 C  CA  . ASP A 1 31  ? 0.049   -6.260  -9.055  1.00 37.25  ? 31  ASP A CA  1 
ATOM   223 C  C   . ASP A 1 31  ? -0.681  -5.567  -7.896  1.00 32.82  ? 31  ASP A C   1 
ATOM   224 O  O   . ASP A 1 31  ? -0.138  -4.621  -7.319  1.00 34.13  ? 31  ASP A O   1 
ATOM   225 C  CB  . ASP A 1 31  ? 0.697   -7.584  -8.635  1.00 38.16  ? 31  ASP A CB  1 
ATOM   226 C  CG  . ASP A 1 31  ? -0.283  -8.739  -8.731  1.00 42.42  ? 31  ASP A CG  1 
ATOM   227 O  OD1 . ASP A 1 31  ? -1.516  -8.459  -8.801  1.00 46.91  ? 31  ASP A OD1 1 
ATOM   228 O  OD2 . ASP A 1 31  ? 0.169   -9.902  -8.714  1.00 43.03  ? 31  ASP A OD2 1 
ATOM   229 N  N   . THR A 1 32  ? -1.875  -6.048  -7.584  1.00 31.21  ? 32  THR A N   1 
ATOM   230 C  CA  . THR A 1 32  ? -2.756  -5.521  -6.523  1.00 33.26  ? 32  THR A CA  1 
ATOM   231 C  C   . THR A 1 32  ? -3.588  -6.676  -6.007  1.00 35.35  ? 32  THR A C   1 
ATOM   232 O  O   . THR A 1 32  ? -3.701  -7.690  -6.719  1.00 35.97  ? 32  THR A O   1 
ATOM   233 C  CB  . THR A 1 32  ? -3.638  -4.357  -7.008  1.00 38.19  ? 32  THR A CB  1 
ATOM   234 O  OG1 . THR A 1 32  ? -4.041  -3.566  -5.885  1.00 35.84  ? 32  THR A OG1 1 
ATOM   235 C  CG2 . THR A 1 32  ? -4.892  -4.805  -7.733  1.00 42.66  ? 32  THR A CG2 1 
ATOM   236 N  N   . PHE A 1 33  ? -4.077  -6.522  -4.778  1.00 38.08  ? 33  PHE A N   1 
ATOM   237 C  CA  . PHE A 1 33  ? -5.263  -7.210  -4.236  1.00 35.59  ? 33  PHE A CA  1 
ATOM   238 C  C   . PHE A 1 33  ? -6.127  -6.150  -3.569  1.00 39.03  ? 33  PHE A C   1 
ATOM   239 O  O   . PHE A 1 33  ? -5.614  -5.480  -2.646  1.00 38.80  ? 33  PHE A O   1 
ATOM   240 C  CB  . PHE A 1 33  ? -4.874  -8.283  -3.223  1.00 38.62  ? 33  PHE A CB  1 
ATOM   241 C  CG  . PHE A 1 33  ? -6.063  -9.063  -2.734  1.00 37.25  ? 33  PHE A CG  1 
ATOM   242 C  CD1 . PHE A 1 33  ? -6.808  -8.616  -1.661  1.00 39.33  ? 33  PHE A CD1 1 
ATOM   243 C  CD2 . PHE A 1 33  ? -6.445  -10.232 -3.372  1.00 44.13  ? 33  PHE A CD2 1 
ATOM   244 C  CE1 . PHE A 1 33  ? -7.910  -9.328  -1.220  1.00 42.24  ? 33  PHE A CE1 1 
ATOM   245 C  CE2 . PHE A 1 33  ? -7.542  -10.954 -2.924  1.00 43.19  ? 33  PHE A CE2 1 
ATOM   246 C  CZ  . PHE A 1 33  ? -8.268  -10.501 -1.843  1.00 44.52  ? 33  PHE A CZ  1 
ATOM   247 N  N   . GLN A 1 34  ? -7.368  -5.990  -4.032  1.00 41.10  ? 34  GLN A N   1 
ATOM   248 C  CA  . GLN A 1 34  ? -8.332  -5.009  -3.478  1.00 48.60  ? 34  GLN A CA  1 
ATOM   249 C  C   . GLN A 1 34  ? -9.350  -5.759  -2.628  1.00 50.90  ? 34  GLN A C   1 
ATOM   250 O  O   . GLN A 1 34  ? -9.716  -6.880  -3.025  1.00 51.65  ? 34  GLN A O   1 
ATOM   251 C  CB  . GLN A 1 34  ? -9.073  -4.237  -4.572  1.00 47.95  ? 34  GLN A CB  1 
ATOM   252 C  CG  . GLN A 1 34  ? -8.166  -3.415  -5.458  1.00 48.35  ? 34  GLN A CG  1 
ATOM   253 C  CD  . GLN A 1 34  ? -8.903  -2.282  -6.125  1.00 50.79  ? 34  GLN A CD  1 
ATOM   254 O  OE1 . GLN A 1 34  ? -10.134 -2.230  -6.167  1.00 50.49  ? 34  GLN A OE1 1 
ATOM   255 N  NE2 . GLN A 1 34  ? -8.134  -1.350  -6.652  1.00 52.99  ? 34  GLN A NE2 1 
ATOM   256 N  N   . LYS A 1 35  ? -9.774  -5.150  -1.516  1.00 57.91  ? 35  LYS A N   1 
ATOM   257 C  CA  . LYS A 1 35  ? -10.951 -5.598  -0.735  1.00 74.95  ? 35  LYS A CA  1 
ATOM   258 C  C   . LYS A 1 35  ? -12.147 -5.583  -1.692  1.00 84.68  ? 35  LYS A C   1 
ATOM   259 O  O   . LYS A 1 35  ? -12.340 -4.539  -2.339  1.00 87.91  ? 35  LYS A O   1 
ATOM   260 C  CB  . LYS A 1 35  ? -11.203 -4.674  0.462   1.00 75.70  ? 35  LYS A CB  1 
ATOM   261 C  CG  . LYS A 1 35  ? -12.243 -5.197  1.443   1.00 84.80  ? 35  LYS A CG  1 
ATOM   262 C  CD  . LYS A 1 35  ? -12.476 -4.319  2.654   1.00 87.21  ? 35  LYS A CD  1 
ATOM   263 C  CE  . LYS A 1 35  ? -12.921 -5.119  3.860   1.00 88.32  ? 35  LYS A CE  1 
ATOM   264 N  NZ  . LYS A 1 35  ? -13.565 -4.257  4.878   1.00 91.17  ? 35  LYS A NZ  1 
ATOM   265 N  N   . ASP A 1 36  ? -12.877 -6.695  -1.818  1.00 93.95  ? 36  ASP A N   1 
ATOM   266 C  CA  . ASP A 1 36  ? -14.161 -6.749  -2.578  1.00 102.45 ? 36  ASP A CA  1 
ATOM   267 C  C   . ASP A 1 36  ? -15.327 -6.598  -1.587  1.00 110.27 ? 36  ASP A C   1 
ATOM   268 O  O   . ASP A 1 36  ? -16.170 -5.690  -1.790  1.00 92.85  ? 36  ASP A O   1 
ATOM   269 C  CB  . ASP A 1 36  ? -14.255 -8.005  -3.452  1.00 102.76 ? 36  ASP A CB  1 
ATOM   270 C  CG  . ASP A 1 36  ? -13.829 -9.300  -2.780  1.00 100.31 ? 36  ASP A CG  1 
ATOM   271 O  OD1 . ASP A 1 36  ? -13.977 -9.407  -1.550  1.00 101.94 ? 36  ASP A OD1 1 
ATOM   272 O  OD2 . ASP A 1 36  ? -13.355 -10.195 -3.498  1.00 102.85 ? 36  ASP A OD2 1 
ATOM   273 N  N   . GLU A 1 37  ? -15.240 -7.368  -0.501  1.00 115.17 ? 37  GLU A N   1 
ATOM   274 C  CA  . GLU A 1 37  ? -16.358 -7.397  0.460   1.00 112.80 ? 37  GLU A CA  1 
ATOM   275 C  C   . GLU A 1 37  ? -16.435 -6.012  1.082   1.00 110.81 ? 37  GLU A C   1 
ATOM   276 O  O   . GLU A 1 37  ? -15.619 -5.677  1.953   1.00 110.39 ? 37  GLU A O   1 
ATOM   277 C  CB  . GLU A 1 37  ? -16.086 -8.443  1.541   1.00 111.62 ? 37  GLU A CB  1 
ATOM   278 C  CG  . GLU A 1 37  ? -15.634 -9.783  0.990   1.00 115.81 ? 37  GLU A CG  1 
ATOM   279 C  CD  . GLU A 1 37  ? -16.237 -10.989 1.690   1.00 121.53 ? 37  GLU A CD  1 
ATOM   280 O  OE1 . GLU A 1 37  ? -15.745 -11.345 2.781   1.00 122.73 ? 37  GLU A OE1 1 
ATOM   281 O  OE2 . GLU A 1 37  ? -17.199 -11.571 1.147   1.00 124.59 ? 37  GLU A OE2 1 
ATOM   282 N  N   . SER A 1 38  ? -17.419 -5.261  0.612   1.00 111.80 ? 38  SER A N   1 
ATOM   283 C  CA  . SER A 1 38  ? -17.721 -3.902  1.134   1.00 116.38 ? 38  SER A CA  1 
ATOM   284 C  C   . SER A 1 38  ? -17.671 -3.937  2.665   1.00 115.92 ? 38  SER A C   1 
ATOM   285 O  O   . SER A 1 38  ? -18.286 -4.851  3.264   1.00 107.04 ? 38  SER A O   1 
ATOM   286 C  CB  . SER A 1 38  ? -19.057 -3.401  0.653   1.00 116.48 ? 38  SER A CB  1 
ATOM   287 O  OG  . SER A 1 38  ? -20.094 -3.770  1.553   1.00 119.09 ? 38  SER A OG  1 
ATOM   288 N  N   . ALA A 1 39  ? -16.985 -2.964  3.263   1.00 117.38 ? 39  ALA A N   1 
ATOM   289 C  CA  . ALA A 1 39  ? -16.939 -2.821  4.735   1.00 116.57 ? 39  ALA A CA  1 
ATOM   290 C  C   . ALA A 1 39  ? -18.226 -2.130  5.197   1.00 111.56 ? 39  ALA A C   1 
ATOM   291 O  O   . ALA A 1 39  ? -18.964 -1.606  4.342   1.00 99.37  ? 39  ALA A O   1 
ATOM   292 C  CB  . ALA A 1 39  ? -15.720 -2.036  5.148   1.00 116.37 ? 39  ALA A CB  1 
ATOM   293 N  N   . GLU A 1 40  ? -18.511 -2.169  6.497   1.00 113.55 ? 40  GLU A N   1 
ATOM   294 C  CA  . GLU A 1 40  ? -19.724 -1.473  6.988   1.00 115.25 ? 40  GLU A CA  1 
ATOM   295 C  C   . GLU A 1 40  ? -19.799 -0.119  6.265   1.00 122.98 ? 40  GLU A C   1 
ATOM   296 O  O   . GLU A 1 40  ? -20.874 0.194   5.740   1.00 135.11 ? 40  GLU A O   1 
ATOM   297 C  CB  . GLU A 1 40  ? -19.722 -1.369  8.517   1.00 118.35 ? 40  GLU A CB  1 
ATOM   298 C  CG  . GLU A 1 40  ? -18.584 -0.548  9.099   1.00 127.35 ? 40  GLU A CG  1 
ATOM   299 C  CD  . GLU A 1 40  ? -18.467 -0.636  10.614  1.00 134.97 ? 40  GLU A CD  1 
ATOM   300 O  OE1 . GLU A 1 40  ? -19.409 -0.193  11.312  1.00 133.40 ? 40  GLU A OE1 1 
ATOM   301 O  OE2 . GLU A 1 40  ? -17.441 -1.162  11.096  1.00 142.17 ? 40  GLU A OE2 1 
ATOM   302 N  N   . LEU A 1 41  ? -18.676 0.606   6.157   1.00 115.51 ? 41  LEU A N   1 
ATOM   303 C  CA  . LEU A 1 41  ? -18.618 2.008   5.653   1.00 109.14 ? 41  LEU A CA  1 
ATOM   304 C  C   . LEU A 1 41  ? -18.875 2.076   4.141   1.00 106.16 ? 41  LEU A C   1 
ATOM   305 O  O   . LEU A 1 41  ? -18.970 1.014   3.505   1.00 100.66 ? 41  LEU A O   1 
ATOM   306 C  CB  . LEU A 1 41  ? -17.244 2.581   6.001   1.00 110.93 ? 41  LEU A CB  1 
ATOM   307 C  CG  . LEU A 1 41  ? -17.057 2.905   7.481   1.00 116.21 ? 41  LEU A CG  1 
ATOM   308 C  CD1 . LEU A 1 41  ? -15.589 3.134   7.802   1.00 116.68 ? 41  LEU A CD1 1 
ATOM   309 C  CD2 . LEU A 1 41  ? -17.902 4.112   7.885   1.00 112.08 ? 41  LEU A CD2 1 
ATOM   310 N  N   . ASP A 1 42  ? -18.997 3.292   3.595   1.00 101.80 ? 42  ASP A N   1 
ATOM   311 C  CA  . ASP A 1 42  ? -19.021 3.549   2.128   1.00 89.94  ? 42  ASP A CA  1 
ATOM   312 C  C   . ASP A 1 42  ? -17.629 3.999   1.664   1.00 74.56  ? 42  ASP A C   1 
ATOM   313 O  O   . ASP A 1 42  ? -17.268 5.182   1.846   1.00 71.61  ? 42  ASP A O   1 
ATOM   314 C  CB  . ASP A 1 42  ? -20.087 4.570   1.729   1.00 93.31  ? 42  ASP A CB  1 
ATOM   315 C  CG  . ASP A 1 42  ? -20.052 4.945   0.252   1.00 94.40  ? 42  ASP A CG  1 
ATOM   316 O  OD1 . ASP A 1 42  ? -20.419 4.092   -0.578  1.00 89.14  ? 42  ASP A OD1 1 
ATOM   317 O  OD2 . ASP A 1 42  ? -19.631 6.081   -0.058  1.00 91.46  ? 42  ASP A OD2 1 
ATOM   318 N  N   . LEU A 1 43  ? -16.922 3.087   1.003   1.00 64.62  ? 43  LEU A N   1 
ATOM   319 C  CA  . LEU A 1 43  ? -15.538 3.260   0.512   1.00 59.56  ? 43  LEU A CA  1 
ATOM   320 C  C   . LEU A 1 43  ? -15.451 4.231   -0.672  1.00 55.29  ? 43  LEU A C   1 
ATOM   321 O  O   . LEU A 1 43  ? -14.311 4.608   -1.019  1.00 51.33  ? 43  LEU A O   1 
ATOM   322 C  CB  . LEU A 1 43  ? -15.027 1.877   0.104   1.00 66.76  ? 43  LEU A CB  1 
ATOM   323 C  CG  . LEU A 1 43  ? -15.052 0.827   1.216   1.00 69.50  ? 43  LEU A CG  1 
ATOM   324 C  CD1 . LEU A 1 43  ? -14.221 -0.399  0.837   1.00 69.69  ? 43  LEU A CD1 1 
ATOM   325 C  CD2 . LEU A 1 43  ? -14.564 1.429   2.530   1.00 67.78  ? 43  LEU A CD2 1 
ATOM   326 N  N   . ASN A 1 44  ? -16.565 4.607   -1.307  1.00 49.61  ? 44  ASN A N   1 
ATOM   327 C  CA  . ASN A 1 44  ? -16.502 5.301   -2.622  1.00 44.21  ? 44  ASN A CA  1 
ATOM   328 C  C   . ASN A 1 44  ? -15.775 6.632   -2.454  1.00 44.70  ? 44  ASN A C   1 
ATOM   329 O  O   . ASN A 1 44  ? -14.904 6.918   -3.310  1.00 40.16  ? 44  ASN A O   1 
ATOM   330 C  CB  . ASN A 1 44  ? -17.871 5.397   -3.291  1.00 43.17  ? 44  ASN A CB  1 
ATOM   331 C  CG  . ASN A 1 44  ? -18.311 4.028   -3.754  1.00 40.63  ? 44  ASN A CG  1 
ATOM   332 O  OD1 . ASN A 1 44  ? -17.523 3.283   -4.332  1.00 37.95  ? 44  ASN A OD1 1 
ATOM   333 N  ND2 . ASN A 1 44  ? -19.542 3.667   -3.444  1.00 40.48  ? 44  ASN A ND2 1 
ATOM   334 N  N   . GLY A 1 45  ? -16.064 7.382   -1.382  1.00 41.90  ? 45  GLY A N   1 
ATOM   335 C  CA  . GLY A 1 45  ? -15.309 8.607   -1.046  1.00 40.57  ? 45  GLY A CA  1 
ATOM   336 C  C   . GLY A 1 45  ? -13.822 8.291   -0.954  1.00 38.55  ? 45  GLY A C   1 
ATOM   337 O  O   . GLY A 1 45  ? -12.990 9.066   -1.488  1.00 39.66  ? 45  GLY A O   1 
ATOM   338 N  N   . ALA A 1 46  ? -13.486 7.162   -0.330  1.00 38.12  ? 46  ALA A N   1 
ATOM   339 C  CA  . ALA A 1 46  ? -12.085 6.741   -0.077  1.00 39.45  ? 46  ALA A CA  1 
ATOM   340 C  C   . ALA A 1 46  ? -11.408 6.404   -1.414  1.00 38.58  ? 46  ALA A C   1 
ATOM   341 O  O   . ALA A 1 46  ? -10.288 6.866   -1.639  1.00 39.52  ? 46  ALA A O   1 
ATOM   342 C  CB  . ALA A 1 46  ? -12.057 5.595   0.900   1.00 35.70  ? 46  ALA A CB  1 
ATOM   343 N  N   . TRP A 1 47  ? -12.106 5.691   -2.300  1.00 39.45  ? 47  TRP A N   1 
ATOM   344 C  CA  . TRP A 1 47  ? -11.631 5.374   -3.674  1.00 38.43  ? 47  TRP A CA  1 
ATOM   345 C  C   . TRP A 1 47  ? -11.348 6.653   -4.454  1.00 36.37  ? 47  TRP A C   1 
ATOM   346 O  O   . TRP A 1 47  ? -10.310 6.722   -5.087  1.00 36.71  ? 47  TRP A O   1 
ATOM   347 C  CB  . TRP A 1 47  ? -12.648 4.491   -4.392  1.00 41.14  ? 47  TRP A CB  1 
ATOM   348 C  CG  . TRP A 1 47  ? -12.700 3.116   -3.807  1.00 42.98  ? 47  TRP A CG  1 
ATOM   349 C  CD1 . TRP A 1 47  ? -13.788 2.489   -3.277  1.00 47.33  ? 47  TRP A CD1 1 
ATOM   350 C  CD2 . TRP A 1 47  ? -11.606 2.197   -3.692  1.00 45.71  ? 47  TRP A CD2 1 
ATOM   351 N  NE1 . TRP A 1 47  ? -13.447 1.235   -2.852  1.00 46.18  ? 47  TRP A NE1 1 
ATOM   352 C  CE2 . TRP A 1 47  ? -12.116 1.026   -3.094  1.00 48.47  ? 47  TRP A CE2 1 
ATOM   353 C  CE3 . TRP A 1 47  ? -10.263 2.232   -4.066  1.00 50.00  ? 47  TRP A CE3 1 
ATOM   354 C  CZ2 . TRP A 1 47  ? -11.323 -0.088  -2.834  1.00 49.03  ? 47  TRP A CZ2 1 
ATOM   355 C  CZ3 . TRP A 1 47  ? -9.479  1.129   -3.813  1.00 51.15  ? 47  TRP A CZ3 1 
ATOM   356 C  CH2 . TRP A 1 47  ? -10.004 -0.014  -3.212  1.00 51.50  ? 47  TRP A CH2 1 
ATOM   357 N  N   . VAL A 1 48  ? -12.231 7.648   -4.400  1.00 35.67  ? 48  VAL A N   1 
ATOM   358 C  CA  . VAL A 1 48  ? -11.975 8.938   -5.088  1.00 37.20  ? 48  VAL A CA  1 
ATOM   359 C  C   . VAL A 1 48  ? -10.635 9.495   -4.585  1.00 39.80  ? 48  VAL A C   1 
ATOM   360 O  O   . VAL A 1 48  ? -9.784  9.819   -5.412  1.00 40.71  ? 48  VAL A O   1 
ATOM   361 C  CB  . VAL A 1 48  ? -13.132 9.931   -4.887  1.00 39.08  ? 48  VAL A CB  1 
ATOM   362 C  CG1 . VAL A 1 48  ? -12.736 11.347  -5.281  1.00 39.43  ? 48  VAL A CG1 1 
ATOM   363 C  CG2 . VAL A 1 48  ? -14.364 9.479   -5.651  1.00 41.88  ? 48  VAL A CG2 1 
ATOM   364 N  N   . GLU A 1 49  ? -10.450 9.621   -3.271  1.00 40.78  ? 49  GLU A N   1 
ATOM   365 C  CA  . GLU A 1 49  ? -9.213  10.221  -2.699  1.00 41.16  ? 49  GLU A CA  1 
ATOM   366 C  C   . GLU A 1 49  ? -8.015  9.316   -2.991  1.00 37.50  ? 49  GLU A C   1 
ATOM   367 O  O   . GLU A 1 49  ? -6.949  9.871   -3.271  1.00 37.39  ? 49  GLU A O   1 
ATOM   368 C  CB  . GLU A 1 49  ? -9.338  10.454  -1.202  1.00 45.02  ? 49  GLU A CB  1 
ATOM   369 C  CG  . GLU A 1 49  ? -10.346 11.534  -0.892  1.00 49.01  ? 49  GLU A CG  1 
ATOM   370 C  CD  . GLU A 1 49  ? -10.166 12.147  0.481   1.00 55.82  ? 49  GLU A CD  1 
ATOM   371 O  OE1 . GLU A 1 49  ? -9.496  11.516  1.320   1.00 56.34  ? 49  GLU A OE1 1 
ATOM   372 O  OE2 . GLU A 1 49  ? -10.694 13.251  0.703   1.00 63.45  ? 49  GLU A OE2 1 
ATOM   373 N  N   . TYR A 1 50  ? -8.198  7.996   -2.989  1.00 36.93  ? 50  TYR A N   1 
ATOM   374 C  CA  . TYR A 1 50  ? -7.131  7.031   -3.339  1.00 40.49  ? 50  TYR A CA  1 
ATOM   375 C  C   . TYR A 1 50  ? -6.632  7.291   -4.770  1.00 44.05  ? 50  TYR A C   1 
ATOM   376 O  O   . TYR A 1 50  ? -5.413  7.331   -4.979  1.00 43.89  ? 50  TYR A O   1 
ATOM   377 C  CB  . TYR A 1 50  ? -7.594  5.588   -3.167  1.00 44.80  ? 50  TYR A CB  1 
ATOM   378 C  CG  . TYR A 1 50  ? -6.473  4.593   -3.353  1.00 55.64  ? 50  TYR A CG  1 
ATOM   379 C  CD1 . TYR A 1 50  ? -5.171  4.906   -2.990  1.00 58.68  ? 50  TYR A CD1 1 
ATOM   380 C  CD2 . TYR A 1 50  ? -6.702  3.353   -3.919  1.00 60.83  ? 50  TYR A CD2 1 
ATOM   381 C  CE1 . TYR A 1 50  ? -4.132  4.009   -3.166  1.00 62.78  ? 50  TYR A CE1 1 
ATOM   382 C  CE2 . TYR A 1 50  ? -5.673  2.442   -4.102  1.00 63.01  ? 50  TYR A CE2 1 
ATOM   383 C  CZ  . TYR A 1 50  ? -4.388  2.772   -3.718  1.00 61.50  ? 50  TYR A CZ  1 
ATOM   384 O  OH  . TYR A 1 50  ? -3.369  1.886   -3.886  1.00 76.38  ? 50  TYR A OH  1 
ATOM   385 N  N   . ALA A 1 51  ? -7.544  7.484   -5.728  1.00 43.44  ? 51  ALA A N   1 
ATOM   386 C  CA  . ALA A 1 51  ? -7.209  7.758   -7.144  1.00 42.75  ? 51  ALA A CA  1 
ATOM   387 C  C   . ALA A 1 51  ? -6.452  9.079   -7.218  1.00 40.59  ? 51  ALA A C   1 
ATOM   388 O  O   . ALA A 1 51  ? -5.481  9.163   -7.946  1.00 44.65  ? 51  ALA A O   1 
ATOM   389 C  CB  . ALA A 1 51  ? -8.462  7.797   -7.987  1.00 42.32  ? 51  ALA A CB  1 
ATOM   390 N  N   . ASN A 1 52  ? -6.889  10.062  -6.448  1.00 43.00  ? 52  ASN A N   1 
ATOM   391 C  CA  . ASN A 1 52  ? -6.291  11.414  -6.406  1.00 43.50  ? 52  ASN A CA  1 
ATOM   392 C  C   . ASN A 1 52  ? -4.918  11.358  -5.713  1.00 50.11  ? 52  ASN A C   1 
ATOM   393 O  O   . ASN A 1 52  ? -4.118  12.259  -5.971  1.00 52.33  ? 52  ASN A O   1 
ATOM   394 C  CB  . ASN A 1 52  ? -7.267  12.412  -5.769  1.00 45.06  ? 52  ASN A CB  1 
ATOM   395 C  CG  . ASN A 1 52  ? -8.462  12.690  -6.665  1.00 47.02  ? 52  ASN A CG  1 
ATOM   396 O  OD1 . ASN A 1 52  ? -8.411  12.442  -7.865  1.00 41.95  ? 52  ASN A OD1 1 
ATOM   397 N  ND2 . ASN A 1 52  ? -9.561  13.149  -6.095  1.00 38.91  ? 52  ASN A ND2 1 
ATOM   398 N  N   . LEU A 1 53  ? -4.633  10.351  -4.882  1.00 46.68  ? 53  LEU A N   1 
ATOM   399 C  CA  . LEU A 1 53  ? -3.327  10.275  -4.171  1.00 50.81  ? 53  LEU A CA  1 
ATOM   400 C  C   . LEU A 1 53  ? -2.244  9.700   -5.091  1.00 48.83  ? 53  LEU A C   1 
ATOM   401 O  O   . LEU A 1 53  ? -1.081  9.954   -4.791  1.00 46.63  ? 53  LEU A O   1 
ATOM   402 C  CB  . LEU A 1 53  ? -3.448  9.429   -2.899  1.00 49.67  ? 53  LEU A CB  1 
ATOM   403 C  CG  . LEU A 1 53  ? -4.094  10.110  -1.697  1.00 50.14  ? 53  LEU A CG  1 
ATOM   404 C  CD1 . LEU A 1 53  ? -4.242  9.129   -0.548  1.00 51.49  ? 53  LEU A CD1 1 
ATOM   405 C  CD2 . LEU A 1 53  ? -3.314  11.334  -1.255  1.00 49.90  ? 53  LEU A CD2 1 
ATOM   406 N  N   . LEU A 1 54  ? -2.589  8.994   -6.173  1.00 54.30  ? 54  LEU A N   1 
ATOM   407 C  CA  . LEU A 1 54  ? -1.618  8.113   -6.888  1.00 56.88  ? 54  LEU A CA  1 
ATOM   408 C  C   . LEU A 1 54  ? -0.397  8.884   -7.414  1.00 55.48  ? 54  LEU A C   1 
ATOM   409 O  O   . LEU A 1 54  ? 0.710   8.321   -7.319  1.00 57.02  ? 54  LEU A O   1 
ATOM   410 C  CB  . LEU A 1 54  ? -2.299  7.338   -8.014  1.00 56.50  ? 54  LEU A CB  1 
ATOM   411 C  CG  . LEU A 1 54  ? -3.260  6.231   -7.583  1.00 57.07  ? 54  LEU A CG  1 
ATOM   412 C  CD1 . LEU A 1 54  ? -3.869  5.577   -8.813  1.00 60.04  ? 54  LEU A CD1 1 
ATOM   413 C  CD2 . LEU A 1 54  ? -2.595  5.187   -6.695  1.00 55.83  ? 54  LEU A CD2 1 
ATOM   414 N  N   . THR A 1 55  ? -0.531  10.101  -7.943  1.00 49.94  ? 55  THR A N   1 
ATOM   415 C  CA  . THR A 1 55  ? 0.652   10.861  -8.436  1.00 51.11  ? 55  THR A CA  1 
ATOM   416 C  C   . THR A 1 55  ? 1.586   11.181  -7.268  1.00 52.67  ? 55  THR A C   1 
ATOM   417 O  O   . THR A 1 55  ? 2.846   11.060  -7.406  1.00 48.11  ? 55  THR A O   1 
ATOM   418 C  CB  . THR A 1 55  ? 0.279   12.208  -9.063  1.00 55.77  ? 55  THR A CB  1 
ATOM   419 O  OG1 . THR A 1 55  ? -0.766  11.937  -9.991  1.00 66.30  ? 55  THR A OG1 1 
ATOM   420 C  CG2 . THR A 1 55  ? 1.448   12.901  -9.737  1.00 55.98  ? 55  THR A CG2 1 
ATOM   421 N  N   . GLN A 1 56  ? 0.982   11.621  -6.169  1.00 52.74  ? 56  GLN A N   1 
ATOM   422 C  CA  . GLN A 1 56  ? 1.711   12.097  -4.967  1.00 50.10  ? 56  GLN A CA  1 
ATOM   423 C  C   . GLN A 1 56  ? 2.440   10.906  -4.327  1.00 44.65  ? 56  GLN A C   1 
ATOM   424 O  O   . GLN A 1 56  ? 3.571   11.087  -3.857  1.00 43.42  ? 56  GLN A O   1 
ATOM   425 C  CB  . GLN A 1 56  ? 0.718   12.796  -4.033  1.00 58.52  ? 56  GLN A CB  1 
ATOM   426 C  CG  . GLN A 1 56  ? -0.102  13.891  -4.705  1.00 64.12  ? 56  GLN A CG  1 
ATOM   427 C  CD  . GLN A 1 56  ? 0.717   14.654  -5.714  1.00 71.08  ? 56  GLN A CD  1 
ATOM   428 O  OE1 . GLN A 1 56  ? 0.428   14.616  -6.903  1.00 79.01  ? 56  GLN A OE1 1 
ATOM   429 N  NE2 . GLN A 1 56  ? 1.775   15.312  -5.254  1.00 71.52  ? 56  GLN A NE2 1 
ATOM   430 N  N   . LEU A 1 57  ? 1.825   9.722   -4.335  1.00 45.55  ? 57  LEU A N   1 
ATOM   431 C  CA  . LEU A 1 57  ? 2.407   8.498   -3.732  1.00 49.37  ? 57  LEU A CA  1 
ATOM   432 C  C   . LEU A 1 57  ? 3.744   8.233   -4.416  1.00 49.10  ? 57  LEU A C   1 
ATOM   433 O  O   . LEU A 1 57  ? 4.755   8.150   -3.710  1.00 47.01  ? 57  LEU A O   1 
ATOM   434 C  CB  . LEU A 1 57  ? 1.447   7.315   -3.883  1.00 45.92  ? 57  LEU A CB  1 
ATOM   435 C  CG  . LEU A 1 57  ? 0.225   7.405   -2.978  1.00 50.46  ? 57  LEU A CG  1 
ATOM   436 C  CD1 . LEU A 1 57  ? -0.764  6.289   -3.250  1.00 51.74  ? 57  LEU A CD1 1 
ATOM   437 C  CD2 . LEU A 1 57  ? 0.645   7.378   -1.522  1.00 57.71  ? 57  LEU A CD2 1 
ATOM   438 N  N   . ARG A 1 58  ? 3.731   8.204   -5.743  1.00 50.49  ? 58  ARG A N   1 
ATOM   439 C  CA  . ARG A 1 58  ? 4.887   7.804   -6.574  1.00 53.03  ? 58  ARG A CA  1 
ATOM   440 C  C   . ARG A 1 58  ? 6.014   8.818   -6.334  1.00 52.27  ? 58  ARG A C   1 
ATOM   441 O  O   . ARG A 1 58  ? 7.191   8.409   -6.270  1.00 49.28  ? 58  ARG A O   1 
ATOM   442 C  CB  . ARG A 1 58  ? 4.439   7.680   -8.035  1.00 58.21  ? 58  ARG A CB  1 
ATOM   443 C  CG  . ARG A 1 58  ? 5.220   6.638   -8.824  1.00 67.58  ? 58  ARG A CG  1 
ATOM   444 C  CD  . ARG A 1 58  ? 5.736   7.140   -10.166 1.00 73.17  ? 58  ARG A CD  1 
ATOM   445 N  NE  . ARG A 1 58  ? 6.419   8.425   -10.039 1.00 82.38  ? 58  ARG A NE  1 
ATOM   446 C  CZ  . ARG A 1 58  ? 7.643   8.606   -9.539  1.00 86.35  ? 58  ARG A CZ  1 
ATOM   447 N  NH1 . ARG A 1 58  ? 8.355   7.575   -9.109  1.00 88.26  ? 58  ARG A NH1 1 
ATOM   448 N  NH2 . ARG A 1 58  ? 8.148   9.828   -9.465  1.00 80.87  ? 58  ARG A NH2 1 
ATOM   449 N  N   . ASN A 1 59  ? 5.662   10.086  -6.123  1.00 47.51  ? 59  ASN A N   1 
ATOM   450 C  CA  . ASN A 1 59  ? 6.646   11.171  -5.885  1.00 47.27  ? 59  ASN A CA  1 
ATOM   451 C  C   . ASN A 1 59  ? 7.322   10.966  -4.527  1.00 47.11  ? 59  ASN A C   1 
ATOM   452 O  O   . ASN A 1 59  ? 8.551   10.932  -4.498  1.00 49.10  ? 59  ASN A O   1 
ATOM   453 C  CB  . ASN A 1 59  ? 5.990   12.544  -6.046  1.00 52.73  ? 59  ASN A CB  1 
ATOM   454 C  CG  . ASN A 1 59  ? 5.572   12.811  -7.483  1.00 59.93  ? 59  ASN A CG  1 
ATOM   455 O  OD1 . ASN A 1 59  ? 6.188   12.308  -8.428  1.00 53.03  ? 59  ASN A OD1 1 
ATOM   456 N  ND2 . ASN A 1 59  ? 4.519   13.594  -7.665  1.00 62.83  ? 59  ASN A ND2 1 
ATOM   457 N  N   . ALA A 1 60  ? 6.553   10.816  -3.450  1.00 43.66  ? 60  ALA A N   1 
ATOM   458 C  CA  . ALA A 1 60  ? 7.072   10.627  -2.076  1.00 41.45  ? 60  ALA A CA  1 
ATOM   459 C  C   . ALA A 1 60  ? 7.855   9.308   -1.972  1.00 39.30  ? 60  ALA A C   1 
ATOM   460 O  O   . ALA A 1 60  ? 8.822   9.247   -1.195  1.00 36.42  ? 60  ALA A O   1 
ATOM   461 C  CB  . ALA A 1 60  ? 5.925   10.657  -1.100  1.00 42.40  ? 60  ALA A CB  1 
ATOM   462 N  N   . ALA A 1 61  ? 7.435   8.279   -2.707  1.00 36.66  ? 61  ALA A N   1 
ATOM   463 C  CA  . ALA A 1 61  ? 8.004   6.916   -2.639  1.00 40.54  ? 61  ALA A CA  1 
ATOM   464 C  C   . ALA A 1 61  ? 9.458   6.923   -3.143  1.00 41.06  ? 61  ALA A C   1 
ATOM   465 O  O   . ALA A 1 61  ? 10.235  6.027   -2.743  1.00 37.33  ? 61  ALA A O   1 
ATOM   466 C  CB  . ALA A 1 61  ? 7.132   5.967   -3.424  1.00 42.36  ? 61  ALA A CB  1 
ATOM   467 N  N   . GLU A 1 62  ? 9.822   7.902   -3.971  1.00 43.82  ? 62  GLU A N   1 
ATOM   468 C  CA  . GLU A 1 62  ? 11.214  8.106   -4.445  1.00 44.41  ? 62  GLU A CA  1 
ATOM   469 C  C   . GLU A 1 62  ? 12.151  8.147   -3.240  1.00 41.28  ? 62  GLU A C   1 
ATOM   470 O  O   . GLU A 1 62  ? 13.231  7.575   -3.327  1.00 42.64  ? 62  GLU A O   1 
ATOM   471 C  CB  . GLU A 1 62  ? 11.331  9.408   -5.229  1.00 50.68  ? 62  GLU A CB  1 
ATOM   472 C  CG  . GLU A 1 62  ? 10.657  9.339   -6.580  1.00 58.66  ? 62  GLU A CG  1 
ATOM   473 C  CD  . GLU A 1 62  ? 11.490  8.673   -7.658  1.00 66.28  ? 62  GLU A CD  1 
ATOM   474 O  OE1 . GLU A 1 62  ? 12.605  8.186   -7.341  1.00 75.12  ? 62  GLU A OE1 1 
ATOM   475 O  OE2 . GLU A 1 62  ? 11.024  8.641   -8.814  1.00 69.41  ? 62  GLU A OE2 1 
ATOM   476 N  N   . THR A 1 63  ? 11.747  8.774   -2.135  1.00 40.69  ? 63  THR A N   1 
ATOM   477 C  CA  . THR A 1 63  ? 12.607  8.902   -0.929  1.00 38.75  ? 63  THR A CA  1 
ATOM   478 C  C   . THR A 1 63  ? 12.937  7.517   -0.342  1.00 38.02  ? 63  THR A C   1 
ATOM   479 O  O   . THR A 1 63  ? 13.928  7.439   0.403   1.00 39.66  ? 63  THR A O   1 
ATOM   480 C  CB  . THR A 1 63  ? 12.005  9.825   0.140   1.00 40.99  ? 63  THR A CB  1 
ATOM   481 O  OG1 . THR A 1 63  ? 10.950  9.142   0.804   1.00 38.62  ? 63  THR A OG1 1 
ATOM   482 C  CG2 . THR A 1 63  ? 11.509  11.145  -0.408  1.00 39.69  ? 63  THR A CG2 1 
ATOM   483 N  N   . LEU A 1 64  ? 12.160  6.468   -0.635  1.00 36.54  ? 64  LEU A N   1 
ATOM   484 C  CA  . LEU A 1 64  ? 12.440  5.084   -0.150  1.00 38.23  ? 64  LEU A CA  1 
ATOM   485 C  C   . LEU A 1 64  ? 13.785  4.578   -0.679  1.00 40.17  ? 64  LEU A C   1 
ATOM   486 O  O   . LEU A 1 64  ? 14.363  3.697   -0.045  1.00 44.13  ? 64  LEU A O   1 
ATOM   487 C  CB  . LEU A 1 64  ? 11.340  4.129   -0.616  1.00 38.29  ? 64  LEU A CB  1 
ATOM   488 C  CG  . LEU A 1 64  ? 9.994   4.269   0.091   1.00 39.00  ? 64  LEU A CG  1 
ATOM   489 C  CD1 . LEU A 1 64  ? 8.930   3.446   -0.625  1.00 40.24  ? 64  LEU A CD1 1 
ATOM   490 C  CD2 . LEU A 1 64  ? 10.121  3.854   1.542   1.00 37.35  ? 64  LEU A CD2 1 
ATOM   491 N  N   . LYS A 1 65  ? 14.261  5.087   -1.807  1.00 44.10  ? 65  LYS A N   1 
ATOM   492 C  CA  . LYS A 1 65  ? 15.521  4.606   -2.433  1.00 47.14  ? 65  LYS A CA  1 
ATOM   493 C  C   . LYS A 1 65  ? 16.750  5.003   -1.604  1.00 46.32  ? 65  LYS A C   1 
ATOM   494 O  O   . LYS A 1 65  ? 17.760  4.325   -1.725  1.00 56.28  ? 65  LYS A O   1 
ATOM   495 C  CB  . LYS A 1 65  ? 15.638  5.153   -3.849  1.00 47.33  ? 65  LYS A CB  1 
ATOM   496 C  CG  . LYS A 1 65  ? 14.784  4.430   -4.868  1.00 48.93  ? 65  LYS A CG  1 
ATOM   497 C  CD  . LYS A 1 65  ? 14.500  5.318   -6.043  1.00 51.75  ? 65  LYS A CD  1 
ATOM   498 C  CE  . LYS A 1 65  ? 14.373  4.543   -7.328  1.00 53.18  ? 65  LYS A CE  1 
ATOM   499 N  NZ  . LYS A 1 65  ? 13.853  5.422   -8.401  1.00 60.90  ? 65  LYS A NZ  1 
ATOM   500 N  N   . THR A 1 66  ? 16.682  6.047   -0.784  1.00 46.13  ? 66  THR A N   1 
ATOM   501 C  CA  . THR A 1 66  ? 17.814  6.428   0.098   1.00 48.89  ? 66  THR A CA  1 
ATOM   502 C  C   . THR A 1 66  ? 17.967  5.379   1.210   1.00 49.55  ? 66  THR A C   1 
ATOM   503 O  O   . THR A 1 66  ? 16.958  4.706   1.556   1.00 44.59  ? 66  THR A O   1 
ATOM   504 C  CB  . THR A 1 66  ? 17.609  7.829   0.675   1.00 52.15  ? 66  THR A CB  1 
ATOM   505 O  OG1 . THR A 1 66  ? 16.547  7.713   1.623   1.00 50.71  ? 66  THR A OG1 1 
ATOM   506 C  CG2 . THR A 1 66  ? 17.288  8.859   -0.387  1.00 52.33  ? 66  THR A CG2 1 
ATOM   507 N  N   . GLY A 1 67  ? 19.172  5.257   1.770   1.00 47.58  ? 67  GLY A N   1 
ATOM   508 C  CA  . GLY A 1 67  ? 19.485  4.270   2.822   1.00 47.51  ? 67  GLY A CA  1 
ATOM   509 C  C   . GLY A 1 67  ? 18.708  4.514   4.102   1.00 43.68  ? 67  GLY A C   1 
ATOM   510 O  O   . GLY A 1 67  ? 18.245  3.533   4.707   1.00 48.87  ? 67  GLY A O   1 
ATOM   511 N  N   . THR A 1 68  ? 18.520  5.772   4.493   1.00 41.93  ? 68  THR A N   1 
ATOM   512 C  CA  . THR A 1 68  ? 17.905  6.128   5.801   1.00 42.78  ? 68  THR A CA  1 
ATOM   513 C  C   . THR A 1 68  ? 16.398  5.838   5.805   1.00 42.66  ? 68  THR A C   1 
ATOM   514 O  O   . THR A 1 68  ? 15.863  5.454   6.873   1.00 42.16  ? 68  THR A O   1 
ATOM   515 C  CB  . THR A 1 68  ? 18.141  7.601   6.133   1.00 44.83  ? 68  THR A CB  1 
ATOM   516 O  OG1 . THR A 1 68  ? 19.493  7.881   5.785   1.00 46.35  ? 68  THR A OG1 1 
ATOM   517 C  CG2 . THR A 1 68  ? 17.900  7.918   7.592   1.00 46.55  ? 68  THR A CG2 1 
ATOM   518 N  N   . VAL A 1 69  ? 15.711  6.090   4.694   1.00 40.02  ? 69  VAL A N   1 
ATOM   519 C  CA  . VAL A 1 69  ? 14.217  6.066   4.664   1.00 39.03  ? 69  VAL A CA  1 
ATOM   520 C  C   . VAL A 1 69  ? 13.759  4.620   4.478   1.00 37.73  ? 69  VAL A C   1 
ATOM   521 O  O   . VAL A 1 69  ? 14.136  4.033   3.457   1.00 35.81  ? 69  VAL A O   1 
ATOM   522 C  CB  . VAL A 1 69  ? 13.684  6.954   3.533   1.00 38.46  ? 69  VAL A CB  1 
ATOM   523 C  CG1 . VAL A 1 69  ? 12.165  6.916   3.472   1.00 41.23  ? 69  VAL A CG1 1 
ATOM   524 C  CG2 . VAL A 1 69  ? 14.186  8.376   3.682   1.00 39.05  ? 69  VAL A CG2 1 
ATOM   525 N  N   . SER A 1 70  ? 12.997  4.058   5.415   1.00 35.02  ? 70  SER A N   1 
ATOM   526 C  CA  . SER A 1 70  ? 12.479  2.671   5.276   1.00 39.14  ? 70  SER A CA  1 
ATOM   527 C  C   . SER A 1 70  ? 10.952  2.619   5.038   1.00 36.11  ? 70  SER A C   1 
ATOM   528 O  O   . SER A 1 70  ? 10.490  1.583   4.529   1.00 37.54  ? 70  SER A O   1 
ATOM   529 C  CB  . SER A 1 70  ? 12.912  1.837   6.457   1.00 43.50  ? 70  SER A CB  1 
ATOM   530 O  OG  . SER A 1 70  ? 12.684  2.539   7.660   1.00 50.14  ? 70  SER A OG  1 
ATOM   531 N  N   . GLU A 1 71  ? 10.209  3.694   5.316   1.00 33.81  ? 71  GLU A N   1 
ATOM   532 C  CA  . GLU A 1 71  ? 8.722   3.723   5.316   1.00 35.93  ? 71  GLU A CA  1 
ATOM   533 C  C   . GLU A 1 71  ? 8.241   5.155   5.016   1.00 32.73  ? 71  GLU A C   1 
ATOM   534 O  O   . GLU A 1 71  ? 8.762   6.113   5.629   1.00 33.13  ? 71  GLU A O   1 
ATOM   535 C  CB  . GLU A 1 71  ? 8.280   3.170   6.675   1.00 39.48  ? 71  GLU A CB  1 
ATOM   536 C  CG  . GLU A 1 71  ? 6.789   3.022   6.899   1.00 43.12  ? 71  GLU A CG  1 
ATOM   537 C  CD  . GLU A 1 71  ? 6.485   2.735   8.372   1.00 51.10  ? 71  GLU A CD  1 
ATOM   538 O  OE1 . GLU A 1 71  ? 6.712   3.631   9.211   1.00 52.72  ? 71  GLU A OE1 1 
ATOM   539 O  OE2 . GLU A 1 71  ? 6.072   1.600   8.696   1.00 57.11  ? 71  GLU A OE2 1 
ATOM   540 N  N   . VAL A 1 72  ? 7.302   5.316   4.078   1.00 30.00  ? 72  VAL A N   1 
ATOM   541 C  CA  . VAL A 1 72  ? 6.699   6.634   3.719   1.00 31.97  ? 72  VAL A CA  1 
ATOM   542 C  C   . VAL A 1 72  ? 5.175   6.506   3.760   1.00 33.29  ? 72  VAL A C   1 
ATOM   543 O  O   . VAL A 1 72  ? 4.651   5.444   3.414   1.00 32.91  ? 72  VAL A O   1 
ATOM   544 C  CB  . VAL A 1 72  ? 7.205   7.122   2.353   1.00 32.24  ? 72  VAL A CB  1 
ATOM   545 C  CG1 . VAL A 1 72  ? 6.546   8.422   1.907   1.00 32.66  ? 72  VAL A CG1 1 
ATOM   546 C  CG2 . VAL A 1 72  ? 8.716   7.270   2.396   1.00 34.52  ? 72  VAL A CG2 1 
ATOM   547 N  N   . SER A 1 73  ? 4.494   7.551   4.211   1.00 33.80  ? 73  SER A N   1 
ATOM   548 C  CA  . SER A 1 73  ? 3.014   7.586   4.300   1.00 36.16  ? 73  SER A CA  1 
ATOM   549 C  C   . SER A 1 73  ? 2.536   8.904   3.683   1.00 34.74  ? 73  SER A C   1 
ATOM   550 O  O   . SER A 1 73  ? 3.149   9.941   3.929   1.00 34.62  ? 73  SER A O   1 
ATOM   551 C  CB  . SER A 1 73  ? 2.562   7.322   5.727   1.00 37.63  ? 73  SER A CB  1 
ATOM   552 O  OG  . SER A 1 73  ? 1.286   7.892   5.988   1.00 48.22  ? 73  SER A OG  1 
ATOM   553 N  N   . VAL A 1 74  ? 1.596   8.828   2.745   1.00 34.56  ? 74  VAL A N   1 
ATOM   554 C  CA  . VAL A 1 74  ? 0.983   10.021  2.106   1.00 33.13  ? 74  VAL A CA  1 
ATOM   555 C  C   . VAL A 1 74  ? -0.525  9.863   2.295   1.00 34.81  ? 74  VAL A C   1 
ATOM   556 O  O   . VAL A 1 74  ? -1.116  8.871   1.746   1.00 34.07  ? 74  VAL A O   1 
ATOM   557 C  CB  . VAL A 1 74  ? 1.373   10.183  0.629   1.00 34.65  ? 74  VAL A CB  1 
ATOM   558 C  CG1 . VAL A 1 74  ? 0.634   11.346  0.007   1.00 36.14  ? 74  VAL A CG1 1 
ATOM   559 C  CG2 . VAL A 1 74  ? 2.869   10.357  0.421   1.00 35.75  ? 74  VAL A CG2 1 
ATOM   560 N  N   . ASN A 1 75  ? -1.100  10.739  3.116   1.00 29.34  ? 75  ASN A N   1 
ATOM   561 C  CA  . ASN A 1 75  ? -2.443  10.539  3.701   1.00 32.82  ? 75  ASN A CA  1 
ATOM   562 C  C   . ASN A 1 75  ? -3.335  11.712  3.334   1.00 35.20  ? 75  ASN A C   1 
ATOM   563 O  O   . ASN A 1 75  ? -2.839  12.856  3.228   1.00 31.06  ? 75  ASN A O   1 
ATOM   564 C  CB  . ASN A 1 75  ? -2.438  10.449  5.224   1.00 34.14  ? 75  ASN A CB  1 
ATOM   565 C  CG  . ASN A 1 75  ? -1.694  9.247   5.742   1.00 33.83  ? 75  ASN A CG  1 
ATOM   566 O  OD1 . ASN A 1 75  ? -1.380  8.338   4.980   1.00 34.42  ? 75  ASN A OD1 1 
ATOM   567 N  ND2 . ASN A 1 75  ? -1.405  9.255   7.030   1.00 32.78  ? 75  ASN A ND2 1 
ATOM   568 N  N   . SER A 1 76  ? -4.615  11.407  3.179   1.00 37.81  ? 76  SER A N   1 
ATOM   569 C  CA  . SER A 1 76  ? -5.694  12.395  2.960   1.00 40.86  ? 76  SER A CA  1 
ATOM   570 C  C   . SER A 1 76  ? -6.643  12.320  4.153   1.00 42.33  ? 76  SER A C   1 
ATOM   571 O  O   . SER A 1 76  ? -6.356  11.549  5.087   1.00 40.07  ? 76  SER A O   1 
ATOM   572 C  CB  . SER A 1 76  ? -6.391  12.100  1.675   1.00 40.92  ? 76  SER A CB  1 
ATOM   573 O  OG  . SER A 1 76  ? -7.088  10.867  1.770   1.00 42.97  ? 76  SER A OG  1 
ATOM   574 N  N   . GLU A 1 77  ? -7.739  13.066  4.097   1.00 48.67  ? 77  GLU A N   1 
ATOM   575 C  CA  . GLU A 1 77  ? -8.787  13.040  5.140   1.00 54.91  ? 77  GLU A CA  1 
ATOM   576 C  C   . GLU A 1 77  ? -9.356  11.619  5.234   1.00 47.86  ? 77  GLU A C   1 
ATOM   577 O  O   . GLU A 1 77  ? -9.530  11.171  6.352   1.00 45.35  ? 77  GLU A O   1 
ATOM   578 C  CB  . GLU A 1 77  ? -9.865  14.091  4.857   1.00 63.44  ? 77  GLU A CB  1 
ATOM   579 C  CG  . GLU A 1 77  ? -10.565 14.561  6.123   1.00 78.12  ? 77  GLU A CG  1 
ATOM   580 C  CD  . GLU A 1 77  ? -11.455 15.790  5.982   1.00 91.36  ? 77  GLU A CD  1 
ATOM   581 O  OE1 . GLU A 1 77  ? -12.202 15.866  4.981   1.00 93.83  ? 77  GLU A OE1 1 
ATOM   582 O  OE2 . GLU A 1 77  ? -11.406 16.669  6.882   1.00 100.88 ? 77  GLU A OE2 1 
ATOM   583 N  N   . LYS A 1 78  ? -9.587  10.923  4.112   1.00 46.94  ? 78  LYS A N   1 
ATOM   584 C  CA  . LYS A 1 78  ? -10.296 9.606   4.087   1.00 46.77  ? 78  LYS A CA  1 
ATOM   585 C  C   . LYS A 1 78  ? -9.359  8.407   3.893   1.00 41.13  ? 78  LYS A C   1 
ATOM   586 O  O   . LYS A 1 78  ? -9.787  7.282   4.224   1.00 38.45  ? 78  LYS A O   1 
ATOM   587 C  CB  . LYS A 1 78  ? -11.340 9.560   2.971   1.00 51.06  ? 78  LYS A CB  1 
ATOM   588 C  CG  . LYS A 1 78  ? -12.578 10.390  3.239   1.00 56.63  ? 78  LYS A CG  1 
ATOM   589 C  CD  . LYS A 1 78  ? -13.304 10.772  1.983   1.00 63.01  ? 78  LYS A CD  1 
ATOM   590 C  CE  . LYS A 1 78  ? -14.702 11.277  2.254   1.00 66.70  ? 78  LYS A CE  1 
ATOM   591 N  NZ  . LYS A 1 78  ? -15.190 12.121  1.139   1.00 69.16  ? 78  LYS A NZ  1 
ATOM   592 N  N   . VAL A 1 79  ? -8.148  8.601   3.370   1.00 37.84  ? 79  VAL A N   1 
ATOM   593 C  CA  . VAL A 1 79  ? -7.254  7.462   3.006   1.00 38.72  ? 79  VAL A CA  1 
ATOM   594 C  C   . VAL A 1 79  ? -5.894  7.667   3.662   1.00 35.82  ? 79  VAL A C   1 
ATOM   595 O  O   . VAL A 1 79  ? -5.365  8.785   3.605   1.00 36.86  ? 79  VAL A O   1 
ATOM   596 C  CB  . VAL A 1 79  ? -7.113  7.290   1.482   1.00 39.66  ? 79  VAL A CB  1 
ATOM   597 C  CG1 . VAL A 1 79  ? -6.324  6.045   1.129   1.00 37.10  ? 79  VAL A CG1 1 
ATOM   598 C  CG2 . VAL A 1 79  ? -8.473  7.255   0.799   1.00 43.10  ? 79  VAL A CG2 1 
ATOM   599 N  N   . LEU A 1 80  ? -5.376  6.583   4.232   1.00 34.87  ? 80  LEU A N   1 
ATOM   600 C  CA  . LEU A 1 80  ? -4.015  6.467   4.792   1.00 34.05  ? 80  LEU A CA  1 
ATOM   601 C  C   . LEU A 1 80  ? -3.273  5.495   3.874   1.00 35.99  ? 80  LEU A C   1 
ATOM   602 O  O   . LEU A 1 80  ? -3.940  4.579   3.351   1.00 34.89  ? 80  LEU A O   1 
ATOM   603 C  CB  . LEU A 1 80  ? -4.077  5.959   6.236   1.00 33.98  ? 80  LEU A CB  1 
ATOM   604 C  CG  . LEU A 1 80  ? -5.153  6.573   7.125   1.00 36.42  ? 80  LEU A CG  1 
ATOM   605 C  CD1 . LEU A 1 80  ? -5.125  5.949   8.517   1.00 39.29  ? 80  LEU A CD1 1 
ATOM   606 C  CD2 . LEU A 1 80  ? -5.002  8.089   7.215   1.00 39.66  ? 80  LEU A CD2 1 
ATOM   607 N  N   . THR A 1 81  ? -1.999  5.768   3.589   1.00 32.21  ? 81  THR A N   1 
ATOM   608 C  CA  . THR A 1 81  ? -1.109  4.861   2.826   1.00 33.09  ? 81  THR A CA  1 
ATOM   609 C  C   . THR A 1 81  ? 0.145   4.595   3.657   1.00 34.92  ? 81  THR A C   1 
ATOM   610 O  O   . THR A 1 81  ? 0.512   5.451   4.482   1.00 33.90  ? 81  THR A O   1 
ATOM   611 C  CB  . THR A 1 81  ? -0.791  5.392   1.433   1.00 31.79  ? 81  THR A CB  1 
ATOM   612 O  OG1 . THR A 1 81  ? -0.021  6.584   1.536   1.00 31.64  ? 81  THR A OG1 1 
ATOM   613 C  CG2 . THR A 1 81  ? -2.037  5.672   0.627   1.00 33.72  ? 81  THR A CG2 1 
ATOM   614 N  N   . VAL A 1 82  ? 0.721   3.415   3.484   1.00 31.81  ? 82  VAL A N   1 
ATOM   615 C  CA  . VAL A 1 82  ? 2.073   3.069   3.986   1.00 32.74  ? 82  VAL A CA  1 
ATOM   616 C  C   . VAL A 1 82  ? 2.830   2.493   2.797   1.00 32.87  ? 82  VAL A C   1 
ATOM   617 O  O   . VAL A 1 82  ? 2.243   1.701   2.056   1.00 28.34  ? 82  VAL A O   1 
ATOM   618 C  CB  . VAL A 1 82  ? 2.027   2.029   5.114   1.00 36.73  ? 82  VAL A CB  1 
ATOM   619 C  CG1 . VAL A 1 82  ? 3.345   2.018   5.866   1.00 39.67  ? 82  VAL A CG1 1 
ATOM   620 C  CG2 . VAL A 1 82  ? 0.856   2.244   6.045   1.00 40.37  ? 82  VAL A CG2 1 
ATOM   621 N  N   . MET A 1 83  ? 4.076   2.892   2.604   1.00 30.77  ? 83  MET A N   1 
ATOM   622 C  CA  . MET A 1 83  ? 4.875   2.391   1.480   1.00 32.64  ? 83  MET A CA  1 
ATOM   623 C  C   . MET A 1 83  ? 6.235   1.950   2.008   1.00 31.47  ? 83  MET A C   1 
ATOM   624 O  O   . MET A 1 83  ? 6.768   2.632   2.907   1.00 33.06  ? 83  MET A O   1 
ATOM   625 C  CB  . MET A 1 83  ? 5.017   3.481   0.417   1.00 34.42  ? 83  MET A CB  1 
ATOM   626 C  CG  . MET A 1 83  ? 3.681   4.015   -0.047  1.00 39.66  ? 83  MET A CG  1 
ATOM   627 S  SD  . MET A 1 83  ? 3.849   5.274   -1.319  1.00 40.96  ? 83  MET A SD  1 
ATOM   628 C  CE  . MET A 1 83  ? 4.125   6.707   -0.277  1.00 42.63  ? 83  MET A CE  1 
ATOM   629 N  N   . ARG A 1 84  ? 6.763   0.873   1.425   1.00 33.99  ? 84  ARG A N   1 
ATOM   630 C  CA  . ARG A 1 84  ? 8.098   0.289   1.713   1.00 36.19  ? 84  ARG A CA  1 
ATOM   631 C  C   . ARG A 1 84  ? 8.760   -0.103  0.404   1.00 37.11  ? 84  ARG A C   1 
ATOM   632 O  O   . ARG A 1 84  ? 8.032   -0.434  -0.536  1.00 35.57  ? 84  ARG A O   1 
ATOM   633 C  CB  . ARG A 1 84  ? 7.971   -0.953  2.595   1.00 37.37  ? 84  ARG A CB  1 
ATOM   634 C  CG  . ARG A 1 84  ? 7.762   -0.589  4.053   1.00 38.54  ? 84  ARG A CG  1 
ATOM   635 C  CD  . ARG A 1 84  ? 7.900   -1.776  4.977   1.00 40.83  ? 84  ARG A CD  1 
ATOM   636 N  NE  . ARG A 1 84  ? 7.955   -1.206  6.321   1.00 41.29  ? 84  ARG A NE  1 
ATOM   637 C  CZ  . ARG A 1 84  ? 9.070   -0.885  6.965   1.00 37.89  ? 84  ARG A CZ  1 
ATOM   638 N  NH1 . ARG A 1 84  ? 10.256  -1.116  6.428   1.00 41.55  ? 84  ARG A NH1 1 
ATOM   639 N  NH2 . ARG A 1 84  ? 8.989   -0.329  8.153   1.00 41.59  ? 84  ARG A NH2 1 
ATOM   640 N  N   . LEU A 1 85  ? 10.089  -0.096  0.383   1.00 37.57  ? 85  LEU A N   1 
ATOM   641 C  CA  . LEU A 1 85  ? 10.902  -0.461  -0.802  1.00 39.13  ? 85  LEU A CA  1 
ATOM   642 C  C   . LEU A 1 85  ? 10.888  -1.988  -0.982  1.00 39.37  ? 85  LEU A C   1 
ATOM   643 O  O   . LEU A 1 85  ? 10.944  -2.705  0.010   1.00 38.91  ? 85  LEU A O   1 
ATOM   644 C  CB  . LEU A 1 85  ? 12.314  0.082   -0.587  1.00 39.15  ? 85  LEU A CB  1 
ATOM   645 C  CG  . LEU A 1 85  ? 13.200  0.069   -1.826  1.00 43.79  ? 85  LEU A CG  1 
ATOM   646 C  CD1 . LEU A 1 85  ? 12.687  1.053   -2.868  1.00 46.18  ? 85  LEU A CD1 1 
ATOM   647 C  CD2 . LEU A 1 85  ? 14.639  0.380   -1.442  1.00 46.08  ? 85  LEU A CD2 1 
ATOM   648 N  N   . VAL A 1 86  ? 10.736  -2.462  -2.216  1.00 43.57  ? 86  VAL A N   1 
ATOM   649 C  CA  . VAL A 1 86  ? 10.818  -3.903  -2.594  1.00 45.84  ? 86  VAL A CA  1 
ATOM   650 C  C   . VAL A 1 86  ? 12.153  -4.138  -3.323  1.00 46.78  ? 86  VAL A C   1 
ATOM   651 O  O   . VAL A 1 86  ? 12.819  -5.133  -3.039  1.00 56.38  ? 86  VAL A O   1 
ATOM   652 C  CB  . VAL A 1 86  ? 9.589   -4.282  -3.442  1.00 50.43  ? 86  VAL A CB  1 
ATOM   653 C  CG1 . VAL A 1 86  ? 9.837   -5.490  -4.324  1.00 52.24  ? 86  VAL A CG1 1 
ATOM   654 C  CG2 . VAL A 1 86  ? 8.365   -4.494  -2.560  1.00 51.69  ? 86  VAL A CG2 1 
ATOM   655 N  N   . SER A 1 87  ? 12.536  -3.221  -4.204  1.00 47.01  ? 87  SER A N   1 
ATOM   656 C  CA  . SER A 1 87  ? 13.751  -3.275  -5.051  1.00 51.99  ? 87  SER A CA  1 
ATOM   657 C  C   . SER A 1 87  ? 13.984  -1.883  -5.616  1.00 54.40  ? 87  SER A C   1 
ATOM   658 O  O   . SER A 1 87  ? 13.143  -0.996  -5.483  1.00 59.35  ? 87  SER A O   1 
ATOM   659 C  CB  . SER A 1 87  ? 13.592  -4.290  -6.159  1.00 52.38  ? 87  SER A CB  1 
ATOM   660 O  OG  . SER A 1 87  ? 12.926  -3.713  -7.276  1.00 50.83  ? 87  SER A OG  1 
ATOM   661 N  N   . PRO A 1 88  ? 15.111  -1.638  -6.304  1.00 61.31  ? 88  PRO A N   1 
ATOM   662 C  CA  . PRO A 1 88  ? 15.366  -0.310  -6.857  1.00 59.03  ? 88  PRO A CA  1 
ATOM   663 C  C   . PRO A 1 88  ? 14.271  0.147   -7.833  1.00 56.98  ? 88  PRO A C   1 
ATOM   664 O  O   . PRO A 1 88  ? 14.187  1.333   -8.076  1.00 57.60  ? 88  PRO A O   1 
ATOM   665 C  CB  . PRO A 1 88  ? 16.710  -0.487  -7.581  1.00 64.36  ? 88  PRO A CB  1 
ATOM   666 C  CG  . PRO A 1 88  ? 17.356  -1.665  -6.869  1.00 63.27  ? 88  PRO A CG  1 
ATOM   667 C  CD  . PRO A 1 88  ? 16.201  -2.594  -6.561  1.00 64.04  ? 88  PRO A CD  1 
ATOM   668 N  N   . ASP A 1 89  ? 13.476  -0.787  -8.365  1.00 55.01  ? 89  ASP A N   1 
ATOM   669 C  CA  . ASP A 1 89  ? 12.441  -0.493  -9.393  1.00 60.61  ? 89  ASP A CA  1 
ATOM   670 C  C   . ASP A 1 89  ? 11.027  -0.491  -8.802  1.00 52.73  ? 89  ASP A C   1 
ATOM   671 O  O   . ASP A 1 89  ? 10.158  0.104   -9.446  1.00 46.33  ? 89  ASP A O   1 
ATOM   672 C  CB  . ASP A 1 89  ? 12.497  -1.508  -10.533 1.00 63.44  ? 89  ASP A CB  1 
ATOM   673 C  CG  . ASP A 1 89  ? 13.854  -1.542  -11.202 1.00 69.00  ? 89  ASP A CG  1 
ATOM   674 O  OD1 . ASP A 1 89  ? 14.438  -0.451  -11.399 1.00 66.81  ? 89  ASP A OD1 1 
ATOM   675 O  OD2 . ASP A 1 89  ? 14.327  -2.661  -11.491 1.00 80.13  ? 89  ASP A OD2 1 
ATOM   676 N  N   . TYR A 1 90  ? 10.804  -1.132  -7.650  1.00 50.71  ? 90  TYR A N   1 
ATOM   677 C  CA  . TYR A 1 90  ? 9.445   -1.456  -7.135  1.00 50.39  ? 90  TYR A CA  1 
ATOM   678 C  C   . TYR A 1 90  ? 9.305   -1.069  -5.663  1.00 45.05  ? 90  TYR A C   1 
ATOM   679 O  O   . TYR A 1 90  ? 10.263  -1.157  -4.877  1.00 43.60  ? 90  TYR A O   1 
ATOM   680 C  CB  . TYR A 1 90  ? 9.134   -2.935  -7.367  1.00 55.60  ? 90  TYR A CB  1 
ATOM   681 C  CG  . TYR A 1 90  ? 9.248   -3.315  -8.820  1.00 62.88  ? 90  TYR A CG  1 
ATOM   682 C  CD1 . TYR A 1 90  ? 8.425   -2.722  -9.760  1.00 64.14  ? 90  TYR A CD1 1 
ATOM   683 C  CD2 . TYR A 1 90  ? 10.220  -4.199  -9.267  1.00 68.46  ? 90  TYR A CD2 1 
ATOM   684 C  CE1 . TYR A 1 90  ? 8.535   -3.020  -11.108 1.00 70.28  ? 90  TYR A CE1 1 
ATOM   685 C  CE2 . TYR A 1 90  ? 10.347  -4.506  -10.613 1.00 70.41  ? 90  TYR A CE2 1 
ATOM   686 C  CZ  . TYR A 1 90  ? 9.499   -3.917  -11.537 1.00 71.64  ? 90  TYR A CZ  1 
ATOM   687 O  OH  . TYR A 1 90  ? 9.603   -4.197  -12.870 1.00 81.03  ? 90  TYR A OH  1 
ATOM   688 N  N   . PHE A 1 91  ? 8.100   -0.644  -5.306  1.00 42.37  ? 91  PHE A N   1 
ATOM   689 C  CA  . PHE A 1 91  ? 7.690   -0.412  -3.908  1.00 36.76  ? 91  PHE A CA  1 
ATOM   690 C  C   . PHE A 1 91  ? 6.303   -0.992  -3.700  1.00 36.60  ? 91  PHE A C   1 
ATOM   691 O  O   . PHE A 1 91  ? 5.559   -1.254  -4.650  1.00 37.77  ? 91  PHE A O   1 
ATOM   692 C  CB  . PHE A 1 91  ? 7.783   1.062   -3.521  1.00 38.70  ? 91  PHE A CB  1 
ATOM   693 C  CG  . PHE A 1 91  ? 6.909   2.009   -4.299  1.00 37.69  ? 91  PHE A CG  1 
ATOM   694 C  CD1 . PHE A 1 91  ? 7.330   2.528   -5.509  1.00 39.51  ? 91  PHE A CD1 1 
ATOM   695 C  CD2 . PHE A 1 91  ? 5.691   2.423   -3.791  1.00 38.76  ? 91  PHE A CD2 1 
ATOM   696 C  CE1 . PHE A 1 91  ? 6.538   3.414   -6.221  1.00 38.23  ? 91  PHE A CE1 1 
ATOM   697 C  CE2 . PHE A 1 91  ? 4.902   3.317   -4.502  1.00 40.70  ? 91  PHE A CE2 1 
ATOM   698 C  CZ  . PHE A 1 91  ? 5.329   3.810   -5.713  1.00 40.26  ? 91  PHE A CZ  1 
ATOM   699 N  N   . LEU A 1 92  ? 5.997   -1.194  -2.434  1.00 33.80  ? 92  LEU A N   1 
ATOM   700 C  CA  . LEU A 1 92  ? 4.767   -1.821  -1.931  1.00 37.08  ? 92  LEU A CA  1 
ATOM   701 C  C   . LEU A 1 92  ? 3.937   -0.696  -1.319  1.00 37.32  ? 92  LEU A C   1 
ATOM   702 O  O   . LEU A 1 92  ? 4.552   0.159   -0.654  1.00 36.00  ? 92  LEU A O   1 
ATOM   703 C  CB  . LEU A 1 92  ? 5.241   -2.857  -0.915  1.00 41.35  ? 92  LEU A CB  1 
ATOM   704 C  CG  . LEU A 1 92  ? 4.243   -3.880  -0.405  1.00 41.84  ? 92  LEU A CG  1 
ATOM   705 C  CD1 . LEU A 1 92  ? 3.660   -4.700  -1.525  1.00 44.33  ? 92  LEU A CD1 1 
ATOM   706 C  CD2 . LEU A 1 92  ? 4.941   -4.777  0.598   1.00 44.07  ? 92  LEU A CD2 1 
ATOM   707 N  N   . VAL A 1 93  ? 2.634   -0.655  -1.608  1.00 31.58  ? 93  VAL A N   1 
ATOM   708 C  CA  . VAL A 1 93  ? 1.688   0.402   -1.156  1.00 34.12  ? 93  VAL A CA  1 
ATOM   709 C  C   . VAL A 1 93  ? 0.494   -0.289  -0.517  1.00 35.21  ? 93  VAL A C   1 
ATOM   710 O  O   . VAL A 1 93  ? -0.197  -1.033  -1.246  1.00 33.37  ? 93  VAL A O   1 
ATOM   711 C  CB  . VAL A 1 93  ? 1.148   1.257   -2.316  1.00 35.32  ? 93  VAL A CB  1 
ATOM   712 C  CG1 . VAL A 1 93  ? 0.291   2.390   -1.788  1.00 35.35  ? 93  VAL A CG1 1 
ATOM   713 C  CG2 . VAL A 1 93  ? 2.242   1.760   -3.224  1.00 39.45  ? 93  VAL A CG2 1 
ATOM   714 N  N   . LEU A 1 94  ? 0.225   0.039   0.742   1.00 33.30  ? 94  LEU A N   1 
ATOM   715 C  CA  . LEU A 1 94  ? -1.013  -0.322  1.459   1.00 30.81  ? 94  LEU A CA  1 
ATOM   716 C  C   . LEU A 1 94  ? -1.854  0.945   1.608   1.00 31.25  ? 94  LEU A C   1 
ATOM   717 O  O   . LEU A 1 94  ? -1.328  1.924   2.144   1.00 29.03  ? 94  LEU A O   1 
ATOM   718 C  CB  . LEU A 1 94  ? -0.637  -0.898  2.819   1.00 31.27  ? 94  LEU A CB  1 
ATOM   719 C  CG  . LEU A 1 94  ? -1.816  -1.119  3.762   1.00 33.07  ? 94  LEU A CG  1 
ATOM   720 C  CD1 . LEU A 1 94  ? -2.854  -2.033  3.135   1.00 35.57  ? 94  LEU A CD1 1 
ATOM   721 C  CD2 . LEU A 1 94  ? -1.324  -1.676  5.077   1.00 38.00  ? 94  LEU A CD2 1 
ATOM   722 N  N   . ALA A 1 95  ? -3.092  0.936   1.103   1.00 30.02  ? 95  ALA A N   1 
ATOM   723 C  CA  . ALA A 1 95  ? -4.089  2.011   1.303   1.00 32.04  ? 95  ALA A CA  1 
ATOM   724 C  C   . ALA A 1 95  ? -5.166  1.498   2.258   1.00 33.65  ? 95  ALA A C   1 
ATOM   725 O  O   . ALA A 1 95  ? -5.640  0.360   2.062   1.00 33.48  ? 95  ALA A O   1 
ATOM   726 C  CB  . ALA A 1 95  ? -4.684  2.442   -0.013  1.00 33.49  ? 95  ALA A CB  1 
ATOM   727 N  N   . LEU A 1 96  ? -5.533  2.287   3.264   1.00 35.68  ? 96  LEU A N   1 
ATOM   728 C  CA  . LEU A 1 96  ? -6.662  1.924   4.149   1.00 38.48  ? 96  LEU A CA  1 
ATOM   729 C  C   . LEU A 1 96  ? -7.522  3.154   4.419   1.00 42.39  ? 96  LEU A C   1 
ATOM   730 O  O   . LEU A 1 96  ? -7.067  4.306   4.183   1.00 35.92  ? 96  LEU A O   1 
ATOM   731 C  CB  . LEU A 1 96  ? -6.181  1.217   5.424   1.00 45.45  ? 96  LEU A CB  1 
ATOM   732 C  CG  . LEU A 1 96  ? -5.079  1.874   6.250   1.00 46.10  ? 96  LEU A CG  1 
ATOM   733 C  CD1 . LEU A 1 96  ? -5.160  1.400   7.692   1.00 47.70  ? 96  LEU A CD1 1 
ATOM   734 C  CD2 . LEU A 1 96  ? -3.706  1.561   5.697   1.00 44.50  ? 96  LEU A CD2 1 
ATOM   735 N  N   . HIS A 1 97  ? -8.779  2.885   4.768   1.00 42.51  ? 97  HIS A N   1 
ATOM   736 C  CA  . HIS A 1 97  ? -9.782  3.905   5.138   1.00 45.28  ? 97  HIS A CA  1 
ATOM   737 C  C   . HIS A 1 97  ? -9.252  4.616   6.384   1.00 41.69  ? 97  HIS A C   1 
ATOM   738 O  O   . HIS A 1 97  ? -8.593  3.936   7.195   1.00 40.79  ? 97  HIS A O   1 
ATOM   739 C  CB  . HIS A 1 97  ? -11.155 3.240   5.326   1.00 50.98  ? 97  HIS A CB  1 
ATOM   740 C  CG  . HIS A 1 97  ? -12.209 4.247   5.592   1.00 60.80  ? 97  HIS A CG  1 
ATOM   741 N  ND1 . HIS A 1 97  ? -12.527 4.649   6.871   1.00 67.64  ? 97  HIS A ND1 1 
ATOM   742 C  CD2 . HIS A 1 97  ? -12.959 4.991   4.750   1.00 66.94  ? 97  HIS A CD2 1 
ATOM   743 C  CE1 . HIS A 1 97  ? -13.443 5.596   6.808   1.00 68.46  ? 97  HIS A CE1 1 
ATOM   744 N  NE2 . HIS A 1 97  ? -13.731 5.817   5.518   1.00 71.46  ? 97  HIS A NE2 1 
ATOM   745 N  N   . ALA A 1 98  ? -9.534  5.908   6.540   1.00 43.46  ? 98  ALA A N   1 
ATOM   746 C  CA  . ALA A 1 98  ? -9.021  6.746   7.655   1.00 48.86  ? 98  ALA A CA  1 
ATOM   747 C  C   . ALA A 1 98  ? -9.425  6.159   9.021   1.00 53.03  ? 98  ALA A C   1 
ATOM   748 O  O   . ALA A 1 98  ? -8.677  6.400   9.989   1.00 54.51  ? 98  ALA A O   1 
ATOM   749 C  CB  . ALA A 1 98  ? -9.492  8.174   7.502   1.00 50.76  ? 98  ALA A CB  1 
ATOM   750 N  N   . ASP A 1 99  ? -10.536 5.409   9.100   1.00 50.96  ? 99  ASP A N   1 
ATOM   751 C  CA  . ASP A 1 99  ? -11.039 4.781   10.352  1.00 54.21  ? 99  ASP A CA  1 
ATOM   752 C  C   . ASP A 1 99  ? -10.459 3.371   10.520  1.00 50.92  ? 99  ASP A C   1 
ATOM   753 O  O   . ASP A 1 99  ? -10.800 2.723   11.511  1.00 54.03  ? 99  ASP A O   1 
ATOM   754 C  CB  . ASP A 1 99  ? -12.570 4.779   10.395  1.00 58.62  ? 99  ASP A CB  1 
ATOM   755 C  CG  . ASP A 1 99  ? -13.157 6.183   10.498  1.00 65.60  ? 99  ASP A CG  1 
ATOM   756 O  OD1 . ASP A 1 99  ? -12.592 7.006   11.252  1.00 74.73  ? 99  ASP A OD1 1 
ATOM   757 O  OD2 . ASP A 1 99  ? -14.153 6.456   9.809   1.00 73.52  ? 99  ASP A OD2 1 
ATOM   758 N  N   . GLY A 1 100 ? -9.563  2.935   9.636   1.00 49.10  ? 100 GLY A N   1 
ATOM   759 C  CA  . GLY A 1 100 ? -8.927  1.606   9.736   1.00 45.33  ? 100 GLY A CA  1 
ATOM   760 C  C   . GLY A 1 100 ? -7.848  1.570   10.807  1.00 46.12  ? 100 GLY A C   1 
ATOM   761 O  O   . GLY A 1 100 ? -7.610  2.602   11.476  1.00 46.88  ? 100 GLY A O   1 
ATOM   762 N  N   . ASN A 1 101 ? -7.175  0.427   10.941  1.00 42.68  ? 101 ASN A N   1 
ATOM   763 C  CA  . ASN A 1 101 ? -6.067  0.234   11.909  1.00 43.83  ? 101 ASN A CA  1 
ATOM   764 C  C   . ASN A 1 101 ? -4.720  0.603   11.261  1.00 38.61  ? 101 ASN A C   1 
ATOM   765 O  O   . ASN A 1 101 ? -4.061  -0.285  10.686  1.00 39.51  ? 101 ASN A O   1 
ATOM   766 C  CB  . ASN A 1 101 ? -6.072  -1.200  12.437  1.00 46.80  ? 101 ASN A CB  1 
ATOM   767 C  CG  . ASN A 1 101 ? -5.255  -1.325  13.698  1.00 49.96  ? 101 ASN A CG  1 
ATOM   768 O  OD1 . ASN A 1 101 ? -4.364  -0.515  13.935  1.00 47.89  ? 101 ASN A OD1 1 
ATOM   769 N  ND2 . ASN A 1 101 ? -5.568  -2.322  14.512  1.00 52.68  ? 101 ASN A ND2 1 
ATOM   770 N  N   . PHE A 1 102 ? -4.297  1.863   11.384  1.00 42.51  ? 102 PHE A N   1 
ATOM   771 C  CA  . PHE A 1 102 ? -3.046  2.383   10.764  1.00 40.85  ? 102 PHE A CA  1 
ATOM   772 C  C   . PHE A 1 102 ? -1.816  1.684   11.368  1.00 36.35  ? 102 PHE A C   1 
ATOM   773 O  O   . PHE A 1 102 ? -0.881  1.297   10.619  1.00 33.49  ? 102 PHE A O   1 
ATOM   774 C  CB  . PHE A 1 102 ? -2.985  3.911   10.878  1.00 41.69  ? 102 PHE A CB  1 
ATOM   775 C  CG  . PHE A 1 102 ? -1.885  4.561   10.067  1.00 42.66  ? 102 PHE A CG  1 
ATOM   776 C  CD1 . PHE A 1 102 ? -1.803  4.375   8.696   1.00 42.44  ? 102 PHE A CD1 1 
ATOM   777 C  CD2 . PHE A 1 102 ? -0.927  5.361   10.670  1.00 42.55  ? 102 PHE A CD2 1 
ATOM   778 C  CE1 . PHE A 1 102 ? -0.797  4.973   7.950   1.00 43.55  ? 102 PHE A CE1 1 
ATOM   779 C  CE2 . PHE A 1 102 ? 0.077   5.958   9.921   1.00 46.23  ? 102 PHE A CE2 1 
ATOM   780 C  CZ  . PHE A 1 102 ? 0.144   5.758   8.563   1.00 41.55  ? 102 PHE A CZ  1 
ATOM   781 N  N   . GLY A 1 103 ? -1.769  1.569   12.694  1.00 40.21  ? 103 GLY A N   1 
ATOM   782 C  CA  . GLY A 1 103 ? -0.650  0.919   13.412  1.00 37.86  ? 103 GLY A CA  1 
ATOM   783 C  C   . GLY A 1 103 ? -0.487  -0.523  12.962  1.00 34.74  ? 103 GLY A C   1 
ATOM   784 O  O   . GLY A 1 103 ? 0.621   -0.951  12.684  1.00 34.00  ? 103 GLY A O   1 
ATOM   785 N  N   . LYS A 1 104 ? -1.583  -1.246  12.842  1.00 35.94  ? 104 LYS A N   1 
ATOM   786 C  CA  . LYS A 1 104 ? -1.547  -2.651  12.379  1.00 39.86  ? 104 LYS A CA  1 
ATOM   787 C  C   . LYS A 1 104 ? -1.127  -2.691  10.901  1.00 34.97  ? 104 LYS A C   1 
ATOM   788 O  O   . LYS A 1 104 ? -0.328  -3.573  10.536  1.00 32.69  ? 104 LYS A O   1 
ATOM   789 C  CB  . LYS A 1 104 ? -2.915  -3.287  12.619  1.00 44.97  ? 104 LYS A CB  1 
ATOM   790 C  CG  . LYS A 1 104 ? -3.037  -4.733  12.180  1.00 51.25  ? 104 LYS A CG  1 
ATOM   791 C  CD  . LYS A 1 104 ? -2.584  -5.739  13.202  1.00 56.69  ? 104 LYS A CD  1 
ATOM   792 C  CE  . LYS A 1 104 ? -3.511  -6.934  13.248  1.00 58.14  ? 104 LYS A CE  1 
ATOM   793 N  NZ  . LYS A 1 104 ? -3.156  -7.919  12.204  1.00 62.33  ? 104 LYS A NZ  1 
ATOM   794 N  N   . GLY A 1 105 ? -1.604  -1.751  10.076  1.00 34.79  ? 105 GLY A N   1 
ATOM   795 C  CA  . GLY A 1 105 ? -1.177  -1.658  8.664   1.00 32.28  ? 105 GLY A CA  1 
ATOM   796 C  C   . GLY A 1 105 ? 0.333   -1.519  8.551   1.00 33.69  ? 105 GLY A C   1 
ATOM   797 O  O   . GLY A 1 105 ? 0.946   -2.234  7.740   1.00 33.40  ? 105 GLY A O   1 
ATOM   798 N  N   . ARG A 1 106 ? 0.933   -0.632  9.357   1.00 35.78  ? 106 ARG A N   1 
ATOM   799 C  CA  . ARG A 1 106 ? 2.398   -0.363  9.338   1.00 35.20  ? 106 ARG A CA  1 
ATOM   800 C  C   . ARG A 1 106 ? 3.156   -1.637  9.734   1.00 37.00  ? 106 ARG A C   1 
ATOM   801 O  O   . ARG A 1 106 ? 4.150   -2.007  9.042   1.00 32.67  ? 106 ARG A O   1 
ATOM   802 C  CB  . ARG A 1 106 ? 2.755   0.763   10.315  1.00 35.98  ? 106 ARG A CB  1 
ATOM   803 C  CG  . ARG A 1 106 ? 2.211   2.129   9.927   1.00 36.29  ? 106 ARG A CG  1 
ATOM   804 C  CD  . ARG A 1 106 ? 2.686   3.185   10.911  1.00 39.32  ? 106 ARG A CD  1 
ATOM   805 N  NE  . ARG A 1 106 ? 4.149   3.195   10.970  1.00 38.38  ? 106 ARG A NE  1 
ATOM   806 C  CZ  . ARG A 1 106 ? 4.889   3.182   12.082  1.00 44.31  ? 106 ARG A CZ  1 
ATOM   807 N  NH1 . ARG A 1 106 ? 4.335   3.220   13.286  1.00 48.38  ? 106 ARG A NH1 1 
ATOM   808 N  NH2 . ARG A 1 106 ? 6.203   3.173   11.984  1.00 46.60  ? 106 ARG A NH2 1 
ATOM   809 N  N   . TYR A 1 107 ? 2.698   -2.289  10.807  1.00 35.60  ? 107 TYR A N   1 
ATOM   810 C  CA  . TYR A 1 107 ? 3.297   -3.550  11.312  1.00 38.36  ? 107 TYR A CA  1 
ATOM   811 C  C   . TYR A 1 107 ? 3.197   -4.647  10.243  1.00 36.72  ? 107 TYR A C   1 
ATOM   812 O  O   . TYR A 1 107 ? 4.219   -5.314  9.953   1.00 33.12  ? 107 TYR A O   1 
ATOM   813 C  CB  . TYR A 1 107 ? 2.617   -3.964  12.620  1.00 43.14  ? 107 TYR A CB  1 
ATOM   814 C  CG  . TYR A 1 107 ? 2.861   -5.394  13.038  1.00 45.15  ? 107 TYR A CG  1 
ATOM   815 C  CD1 . TYR A 1 107 ? 4.001   -5.759  13.732  1.00 48.05  ? 107 TYR A CD1 1 
ATOM   816 C  CD2 . TYR A 1 107 ? 1.941   -6.381  12.731  1.00 50.68  ? 107 TYR A CD2 1 
ATOM   817 C  CE1 . TYR A 1 107 ? 4.225   -7.075  14.112  1.00 51.67  ? 107 TYR A CE1 1 
ATOM   818 C  CE2 . TYR A 1 107 ? 2.142   -7.696  13.112  1.00 52.63  ? 107 TYR A CE2 1 
ATOM   819 C  CZ  . TYR A 1 107 ? 3.286   -8.044  13.806  1.00 51.13  ? 107 TYR A CZ  1 
ATOM   820 O  OH  . TYR A 1 107 ? 3.466   -9.344  14.175  1.00 55.21  ? 107 TYR A OH  1 
ATOM   821 N  N   . VAL A 1 108 ? 2.004   -4.842  9.665   1.00 36.79  ? 108 VAL A N   1 
ATOM   822 C  CA  . VAL A 1 108 ? 1.762   -5.966  8.708   1.00 36.42  ? 108 VAL A CA  1 
ATOM   823 C  C   . VAL A 1 108 ? 2.596   -5.744  7.438   1.00 35.14  ? 108 VAL A C   1 
ATOM   824 O  O   . VAL A 1 108 ? 3.173   -6.722  6.921   1.00 34.76  ? 108 VAL A O   1 
ATOM   825 C  CB  . VAL A 1 108 ? 0.259   -6.122  8.440   1.00 38.66  ? 108 VAL A CB  1 
ATOM   826 C  CG1 . VAL A 1 108 ? -0.028  -7.000  7.238   1.00 39.76  ? 108 VAL A CG1 1 
ATOM   827 C  CG2 . VAL A 1 108 ? -0.451  -6.644  9.683   1.00 39.94  ? 108 VAL A CG2 1 
ATOM   828 N  N   . LEU A 1 109 ? 2.713   -4.500  6.967   1.00 36.60  ? 109 LEU A N   1 
ATOM   829 C  CA  . LEU A 1 109 ? 3.485   -4.215  5.736   1.00 34.90  ? 109 LEU A CA  1 
ATOM   830 C  C   . LEU A 1 109 ? 4.971   -4.483  5.990   1.00 33.29  ? 109 LEU A C   1 
ATOM   831 O  O   . LEU A 1 109 ? 5.645   -4.973  5.079   1.00 32.71  ? 109 LEU A O   1 
ATOM   832 C  CB  . LEU A 1 109 ? 3.247   -2.777  5.266   1.00 35.60  ? 109 LEU A CB  1 
ATOM   833 C  CG  . LEU A 1 109 ? 3.622   -2.563  3.800   1.00 36.94  ? 109 LEU A CG  1 
ATOM   834 C  CD1 . LEU A 1 109 ? 2.709   -3.368  2.883   1.00 38.44  ? 109 LEU A CD1 1 
ATOM   835 C  CD2 . LEU A 1 109 ? 3.612   -1.092  3.415   1.00 37.08  ? 109 LEU A CD2 1 
ATOM   836 N  N   . ARG A 1 110 ? 5.463   -4.142  7.178   1.00 38.71  ? 110 ARG A N   1 
ATOM   837 C  CA  . ARG A 1 110 ? 6.885   -4.339  7.560   1.00 41.01  ? 110 ARG A CA  1 
ATOM   838 C  C   . ARG A 1 110 ? 7.196   -5.846  7.590   1.00 37.06  ? 110 ARG A C   1 
ATOM   839 O  O   . ARG A 1 110 ? 8.264   -6.228  7.100   1.00 39.35  ? 110 ARG A O   1 
ATOM   840 C  CB  . ARG A 1 110 ? 7.186   -3.657  8.897   1.00 42.04  ? 110 ARG A CB  1 
ATOM   841 C  CG  . ARG A 1 110 ? 8.573   -3.966  9.441   1.00 47.15  ? 110 ARG A CG  1 
ATOM   842 C  CD  . ARG A 1 110 ? 8.975   -3.019  10.558  1.00 50.93  ? 110 ARG A CD  1 
ATOM   843 N  NE  . ARG A 1 110 ? 7.983   -3.032  11.624  1.00 57.60  ? 110 ARG A NE  1 
ATOM   844 C  CZ  . ARG A 1 110 ? 7.880   -3.982  12.562  1.00 70.57  ? 110 ARG A CZ  1 
ATOM   845 N  NH1 . ARG A 1 110 ? 8.723   -5.008  12.591  1.00 72.63  ? 110 ARG A NH1 1 
ATOM   846 N  NH2 . ARG A 1 110 ? 6.933   -3.901  13.482  1.00 73.11  ? 110 ARG A NH2 1 
ATOM   847 N  N   . VAL A 1 111 ? 6.287   -6.673  8.099   1.00 37.60  ? 111 VAL A N   1 
ATOM   848 C  CA  . VAL A 1 111 ? 6.430   -8.164  8.086   1.00 42.08  ? 111 VAL A CA  1 
ATOM   849 C  C   . VAL A 1 111 ? 6.375   -8.696  6.643   1.00 43.26  ? 111 VAL A C   1 
ATOM   850 O  O   . VAL A 1 111 ? 7.193   -9.577  6.279   1.00 44.92  ? 111 VAL A O   1 
ATOM   851 C  CB  . VAL A 1 111 ? 5.340   -8.801  8.964   1.00 44.61  ? 111 VAL A CB  1 
ATOM   852 C  CG1 . VAL A 1 111 ? 5.272   -10.303 8.766   1.00 48.29  ? 111 VAL A CG1 1 
ATOM   853 C  CG2 . VAL A 1 111 ? 5.547   -8.448  10.428  1.00 40.19  ? 111 VAL A CG2 1 
ATOM   854 N  N   . THR A 1 112 ? 5.477   -8.160  5.821   1.00 40.26  ? 112 THR A N   1 
ATOM   855 C  CA  . THR A 1 112 ? 5.168   -8.704  4.474   1.00 38.47  ? 112 THR A CA  1 
ATOM   856 C  C   . THR A 1 112 ? 6.263   -8.324  3.474   1.00 38.49  ? 112 THR A C   1 
ATOM   857 O  O   . THR A 1 112 ? 6.507   -9.110  2.546   1.00 41.86  ? 112 THR A O   1 
ATOM   858 C  CB  . THR A 1 112 ? 3.790   -8.207  4.049   1.00 41.65  ? 112 THR A CB  1 
ATOM   859 O  OG1 . THR A 1 112 ? 2.932   -8.685  5.080   1.00 41.45  ? 112 THR A OG1 1 
ATOM   860 C  CG2 . THR A 1 112 ? 3.361   -8.692  2.685   1.00 43.78  ? 112 THR A CG2 1 
ATOM   861 N  N   . ALA A 1 113 ? 6.899   -7.166  3.638   1.00 40.60  ? 113 ALA A N   1 
ATOM   862 C  CA  . ALA A 1 113 ? 7.801   -6.597  2.611   1.00 42.76  ? 113 ALA A CA  1 
ATOM   863 C  C   . ALA A 1 113 ? 8.942   -7.562  2.286   1.00 45.69  ? 113 ALA A C   1 
ATOM   864 O  O   . ALA A 1 113 ? 9.297   -7.692  1.108   1.00 45.60  ? 113 ALA A O   1 
ATOM   865 C  CB  . ALA A 1 113 ? 8.311   -5.244  3.030   1.00 44.10  ? 113 ALA A CB  1 
ATOM   866 N  N   . PRO A 1 114 ? 9.580   -8.227  3.289   1.00 46.50  ? 114 PRO A N   1 
ATOM   867 C  CA  . PRO A 1 114 ? 10.617  -9.229  3.019   1.00 46.98  ? 114 PRO A CA  1 
ATOM   868 C  C   . PRO A 1 114 ? 10.148  -10.379 2.117   1.00 45.16  ? 114 PRO A C   1 
ATOM   869 O  O   . PRO A 1 114 ? 10.897  -10.799 1.250   1.00 46.61  ? 114 PRO A O   1 
ATOM   870 C  CB  . PRO A 1 114 ? 10.944  -9.782  4.413   1.00 45.77  ? 114 PRO A CB  1 
ATOM   871 C  CG  . PRO A 1 114 ? 10.630  -8.648  5.331   1.00 45.39  ? 114 PRO A CG  1 
ATOM   872 C  CD  . PRO A 1 114 ? 9.398   -8.018  4.731   1.00 45.53  ? 114 PRO A CD  1 
ATOM   873 N  N   . LYS A 1 115 ? 8.922   -10.857 2.351   1.00 44.83  ? 115 LYS A N   1 
ATOM   874 C  CA  . LYS A 1 115 ? 8.306   -11.972 1.588   1.00 47.19  ? 115 LYS A CA  1 
ATOM   875 C  C   . LYS A 1 115 ? 8.085   -11.545 0.137   1.00 51.44  ? 115 LYS A C   1 
ATOM   876 O  O   . LYS A 1 115 ? 8.324   -12.358 -0.766  1.00 59.23  ? 115 LYS A O   1 
ATOM   877 C  CB  . LYS A 1 115 ? 6.984   -12.377 2.226   1.00 46.29  ? 115 LYS A CB  1 
ATOM   878 C  CG  . LYS A 1 115 ? 7.096   -12.836 3.669   1.00 47.90  ? 115 LYS A CG  1 
ATOM   879 C  CD  . LYS A 1 115 ? 5.768   -13.282 4.175   1.00 52.53  ? 115 LYS A CD  1 
ATOM   880 C  CE  . LYS A 1 115 ? 5.606   -13.048 5.652   1.00 58.79  ? 115 LYS A CE  1 
ATOM   881 N  NZ  . LYS A 1 115 ? 4.356   -13.675 6.129   1.00 63.34  ? 115 LYS A NZ  1 
ATOM   882 N  N   . VAL A 1 116 ? 7.635   -10.313 -0.076  1.00 50.13  ? 116 VAL A N   1 
ATOM   883 C  CA  . VAL A 1 116 ? 7.486   -9.749  -1.445  1.00 52.10  ? 116 VAL A CA  1 
ATOM   884 C  C   . VAL A 1 116 ? 8.874   -9.612  -2.082  1.00 52.48  ? 116 VAL A C   1 
ATOM   885 O  O   . VAL A 1 116 ? 8.995   -9.925  -3.286  1.00 54.06  ? 116 VAL A O   1 
ATOM   886 C  CB  . VAL A 1 116 ? 6.720   -8.414  -1.426  1.00 49.21  ? 116 VAL A CB  1 
ATOM   887 C  CG1 . VAL A 1 116 ? 6.827   -7.689  -2.760  1.00 52.14  ? 116 VAL A CG1 1 
ATOM   888 C  CG2 . VAL A 1 116 ? 5.262   -8.621  -1.041  1.00 48.15  ? 116 VAL A CG2 1 
ATOM   889 N  N   . ARG A 1 117 ? 9.881   -9.167  -1.328  1.00 52.19  ? 117 ARG A N   1 
ATOM   890 C  CA  . ARG A 1 117 ? 11.251  -8.982  -1.869  1.00 55.17  ? 117 ARG A CA  1 
ATOM   891 C  C   . ARG A 1 117 ? 11.775  -10.343 -2.331  1.00 57.77  ? 117 ARG A C   1 
ATOM   892 O  O   . ARG A 1 117 ? 12.495  -10.367 -3.338  1.00 54.72  ? 117 ARG A O   1 
ATOM   893 C  CB  . ARG A 1 117 ? 12.189  -8.324  -0.854  1.00 59.33  ? 117 ARG A CB  1 
ATOM   894 C  CG  . ARG A 1 117 ? 12.119  -6.805  -0.851  1.00 62.36  ? 117 ARG A CG  1 
ATOM   895 C  CD  . ARG A 1 117 ? 13.300  -6.162  -0.151  1.00 62.83  ? 117 ARG A CD  1 
ATOM   896 N  NE  . ARG A 1 117 ? 13.210  -6.344  1.293   1.00 65.58  ? 117 ARG A NE  1 
ATOM   897 C  CZ  . ARG A 1 117 ? 12.455  -5.610  2.120   1.00 70.05  ? 117 ARG A CZ  1 
ATOM   898 N  NH1 . ARG A 1 117 ? 11.701  -4.625  1.658   1.00 70.02  ? 117 ARG A NH1 1 
ATOM   899 N  NH2 . ARG A 1 117 ? 12.445  -5.868  3.420   1.00 70.98  ? 117 ARG A NH2 1 
ATOM   900 N  N   . ALA A 1 118 ? 11.390  -11.423 -1.643  1.00 55.62  ? 118 ALA A N   1 
ATOM   901 C  CA  . ALA A 1 118 ? 11.832  -12.804 -1.940  1.00 58.36  ? 118 ALA A CA  1 
ATOM   902 C  C   . ALA A 1 118 ? 11.205  -13.309 -3.250  1.00 61.97  ? 118 ALA A C   1 
ATOM   903 O  O   . ALA A 1 118 ? 11.768  -14.231 -3.821  1.00 60.81  ? 118 ALA A O   1 
ATOM   904 C  CB  . ALA A 1 118 ? 11.508  -13.721 -0.784  1.00 57.00  ? 118 ALA A CB  1 
ATOM   905 N  N   . GLU A 1 119 ? 10.086  -12.749 -3.715  1.00 64.17  ? 119 GLU A N   1 
ATOM   906 C  CA  . GLU A 1 119 ? 9.377   -13.278 -4.913  1.00 62.02  ? 119 GLU A CA  1 
ATOM   907 C  C   . GLU A 1 119 ? 10.025  -12.759 -6.195  1.00 62.78  ? 119 GLU A C   1 
ATOM   908 O  O   . GLU A 1 119 ? 9.680   -13.282 -7.254  1.00 69.66  ? 119 GLU A O   1 
ATOM   909 C  CB  . GLU A 1 119 ? 7.899   -12.895 -4.928  1.00 61.93  ? 119 GLU A CB  1 
ATOM   910 C  CG  . GLU A 1 119 ? 7.104   -13.548 -3.823  1.00 69.46  ? 119 GLU A CG  1 
ATOM   911 C  CD  . GLU A 1 119 ? 7.000   -15.059 -3.911  1.00 74.92  ? 119 GLU A CD  1 
ATOM   912 O  OE1 . GLU A 1 119 ? 7.360   -15.619 -4.965  1.00 75.89  ? 119 GLU A OE1 1 
ATOM   913 O  OE2 . GLU A 1 119 ? 6.546   -15.669 -2.926  1.00 77.46  ? 119 GLU A OE2 1 
ATOM   914 N  N   . LEU A 1 120 ? 10.922  -11.777 -6.112  1.00 68.70  ? 120 LEU A N   1 
ATOM   915 C  CA  . LEU A 1 120 ? 11.548  -11.149 -7.305  1.00 76.35  ? 120 LEU A CA  1 
ATOM   916 C  C   . LEU A 1 120 ? 12.392  -12.189 -8.055  1.00 81.96  ? 120 LEU A C   1 
ATOM   917 O  O   . LEU A 1 120 ? 13.574  -12.396 -7.769  1.00 88.36  ? 120 LEU A O   1 
ATOM   918 C  CB  . LEU A 1 120 ? 12.394  -9.954  -6.856  1.00 77.26  ? 120 LEU A CB  1 
ATOM   919 C  CG  . LEU A 1 120 ? 11.627  -8.827  -6.168  1.00 74.44  ? 120 LEU A CG  1 
ATOM   920 C  CD1 . LEU A 1 120 ? 12.599  -7.840  -5.536  1.00 74.64  ? 120 LEU A CD1 1 
ATOM   921 C  CD2 . LEU A 1 120 ? 10.685  -8.127  -7.141  1.00 74.63  ? 120 LEU A CD2 1 
HETATM 922 NA NA  . NA  B 2 .   ? 15.533  2.996   1.824   1.00 45.21  ? 201 NA  A NA  1 
HETATM 923 O  O   . HOH C 3 .   ? -9.176  -6.214  5.968   1.00 47.03  ? 301 HOH A O   1 
HETATM 924 O  O   . HOH C 3 .   ? 11.530  0.243   2.804   1.00 31.37  ? 302 HOH A O   1 
HETATM 925 O  O   . HOH C 3 .   ? -13.979 11.311  -1.455  1.00 54.62  ? 303 HOH A O   1 
HETATM 926 O  O   . HOH C 3 .   ? 6.506   -0.061  10.456  1.00 59.90  ? 304 HOH A O   1 
HETATM 927 O  O   . HOH C 3 .   ? -2.553  -0.299  -2.996  1.00 40.91  ? 305 HOH A O   1 
HETATM 928 O  O   . HOH C 3 .   ? 8.473   -11.413 7.425   1.00 50.41  ? 306 HOH A O   1 
HETATM 929 O  O   . HOH C 3 .   ? 5.396   -0.460  7.409   1.00 34.22  ? 307 HOH A O   1 
HETATM 930 O  O   . HOH C 3 .   ? 13.418  -10.796 1.348   1.00 54.42  ? 308 HOH A O   1 
HETATM 931 O  O   . HOH C 3 .   ? 20.479  7.904   3.458   1.00 49.89  ? 309 HOH A O   1 
HETATM 932 O  O   . HOH C 3 .   ? 6.057   -1.072  -13.300 1.00 57.02  ? 310 HOH A O   1 
HETATM 933 O  O   . HOH C 3 .   ? -2.630  -15.176 0.589   1.00 56.36  ? 311 HOH A O   1 
HETATM 934 O  O   . HOH C 3 .   ? -21.474 1.258   10.838  1.00 62.99  ? 312 HOH A O   1 
HETATM 935 O  O   . HOH C 3 .   ? -2.690  12.181  -8.304  1.00 49.72  ? 313 HOH A O   1 
HETATM 936 O  O   . HOH C 3 .   ? -8.993  -7.415  7.988   1.00 58.04  ? 314 HOH A O   1 
HETATM 937 O  O   . HOH C 3 .   ? -5.546  -1.419  -6.312  1.00 41.53  ? 315 HOH A O   1 
HETATM 938 O  O   . HOH C 3 .   ? -3.386  -13.646 5.969   1.00 52.12  ? 316 HOH A O   1 
HETATM 939 O  O   . HOH C 3 .   ? 4.358   -14.259 8.720   1.00 50.63  ? 317 HOH A O   1 
HETATM 940 O  O   . HOH C 3 .   ? 8.151   -15.076 -0.864  1.00 66.27  ? 318 HOH A O   1 
HETATM 941 O  O   . HOH C 3 .   ? 6.151   -13.349 -9.904  1.00 67.24  ? 319 HOH A O   1 
HETATM 942 O  O   . HOH C 3 .   ? 11.101  0.388   9.668   1.00 49.71  ? 320 HOH A O   1 
HETATM 943 O  O   . HOH C 3 .   ? -22.199 4.983   -2.404  1.00 59.88  ? 321 HOH A O   1 
HETATM 944 O  O   . HOH C 3 .   ? -10.327 -10.131 7.446   1.00 69.93  ? 322 HOH A O   1 
HETATM 945 O  O   . HOH C 3 .   ? -3.477  2.356   14.788  1.00 64.58  ? 323 HOH A O   1 
HETATM 946 O  O   . HOH C 3 .   ? -4.960  12.366  7.409   1.00 51.61  ? 324 HOH A O   1 
HETATM 947 O  O   . HOH C 3 .   ? 15.941  1.851   4.911   1.00 55.15  ? 325 HOH A O   1 
HETATM 948 O  O   . HOH C 3 .   ? 2.451   -4.253  -14.977 1.00 57.97  ? 326 HOH A O   1 
HETATM 949 O  O   . HOH C 3 .   ? -5.082  3.625   13.523  1.00 52.91  ? 327 HOH A O   1 
HETATM 950 O  O   . HOH C 3 .   ? 11.258  -2.699  4.228   1.00 44.95  ? 328 HOH A O   1 
HETATM 951 O  O   . HOH C 3 .   ? 1.538   -10.396 10.293  1.00 53.41  ? 329 HOH A O   1 
HETATM 952 O  O   . HOH C 3 .   ? -5.917  1.579   15.448  1.00 66.70  ? 330 HOH A O   1 
HETATM 953 O  O   . HOH C 3 .   ? 14.187  1.187   2.303   1.00 44.94  ? 331 HOH A O   1 
HETATM 954 O  O   . HOH C 3 .   ? -22.844 0.196   3.251   1.00 82.55  ? 332 HOH A O   1 
HETATM 955 O  O   . HOH C 3 .   ? -6.948  -4.611  12.339  1.00 49.43  ? 333 HOH A O   1 
HETATM 956 O  O   . HOH C 3 .   ? 10.794  -4.583  5.876   1.00 55.72  ? 334 HOH A O   1 
HETATM 957 O  O   . HOH C 3 .   ? 17.451  1.559   0.717   1.00 56.12  ? 335 HOH A O   1 
HETATM 958 O  O   . HOH C 3 .   ? 1.192   3.698   14.215  1.00 49.37  ? 336 HOH A O   1 
HETATM 959 O  O   . HOH C 3 .   ? 1.463   9.761   8.737   1.00 48.76  ? 337 HOH A O   1 
HETATM 960 O  O   . HOH C 3 .   ? -3.877  -17.535 0.123   1.00 80.54  ? 338 HOH A O   1 
HETATM 961 O  O   . HOH C 3 .   ? -9.286  -7.431  10.395  1.00 73.76  ? 339 HOH A O   1 
HETATM 962 O  O   . HOH C 3 .   ? 20.607  9.895   2.288   1.00 60.05  ? 340 HOH A O   1 
# 
